data_6NLM
#
_entry.id   6NLM
#
_cell.length_a   130.247
_cell.length_b   194.970
_cell.length_c   203.030
_cell.angle_alpha   90.000
_cell.angle_beta   90.000
_cell.angle_gamma   90.000
#
_symmetry.space_group_name_H-M   'C 2 2 21'
#
loop_
_entity.id
_entity.type
_entity.pdbx_description
1 polymer Ferroxidase
2 non-polymer 'FE (II) ION'
3 non-polymer 4-{[3-(4-hydroxy-2-methoxyphenyl)propyl]amino}-1H-isoindole-1,3(2H)-dione
4 non-polymer 'PROTOPORPHYRIN IX CONTAINING FE'
5 non-polymer 'TETRAETHYLENE GLYCOL'
6 water water
#
_entity_poly.entity_id   1
_entity_poly.type   'polypeptide(L)'
_entity_poly.pdbx_seq_one_letter_code
;MKGDKKVIQHLNKILGNELIAINQYFLHSRMWNDWGLKRLGAHEYHESIDEMKHADKLIERILFLEGLPNLQDLGKLLIG
ENTQEMLQCDLNLELKATKDLREAIVHCEQVHDYVSRDLLKDILESEEEHIDYLETQLGLIQKVGLENYLQSHMHEDD
;
_entity_poly.pdbx_strand_id   A,B,C,D,E,F,G,H,I,J,K,L
#
loop_
_chem_comp.id
_chem_comp.type
_chem_comp.name
_chem_comp.formula
FE2 non-polymer 'FE (II) ION' 'Fe 2'
HEM non-polymer 'PROTOPORPHYRIN IX CONTAINING FE' 'C34 H32 Fe N4 O4'
KT1 non-polymer 4-{[3-(4-hydroxy-2-methoxyphenyl)propyl]amino}-1H-isoindole-1,3(2H)-dione 'C18 H18 N2 O4'
PG4 non-polymer 'TETRAETHYLENE GLYCOL' 'C8 H18 O5'
#
# COMPACT_ATOMS: atom_id res chain seq x y z
N MET A 1 -8.28 -51.90 -23.42
CA MET A 1 -7.49 -51.87 -24.72
C MET A 1 -6.18 -52.65 -24.51
N LYS A 2 -6.02 -53.78 -25.16
CA LYS A 2 -4.90 -54.66 -24.81
C LYS A 2 -3.58 -53.99 -25.16
N GLY A 3 -2.72 -53.88 -24.17
CA GLY A 3 -1.44 -53.22 -24.40
C GLY A 3 -0.37 -54.22 -24.79
N ASP A 4 0.77 -53.67 -25.15
CA ASP A 4 1.95 -54.46 -25.46
C ASP A 4 2.45 -55.13 -24.17
N LYS A 5 2.78 -56.41 -24.25
CA LYS A 5 3.17 -57.15 -23.05
C LYS A 5 4.43 -56.56 -22.40
N LYS A 6 5.43 -56.21 -23.21
CA LYS A 6 6.66 -55.66 -22.64
C LYS A 6 6.45 -54.24 -22.13
N VAL A 7 5.54 -53.47 -22.71
CA VAL A 7 5.20 -52.17 -22.11
C VAL A 7 4.66 -52.37 -20.71
N ILE A 8 3.76 -53.34 -20.54
CA ILE A 8 3.17 -53.58 -19.23
C ILE A 8 4.23 -54.05 -18.25
N GLN A 9 5.20 -54.85 -18.73
CA GLN A 9 6.30 -55.26 -17.86
C GLN A 9 7.15 -54.08 -17.41
N HIS A 10 7.47 -53.18 -18.33
CA HIS A 10 8.16 -51.95 -17.96
C HIS A 10 7.35 -51.14 -16.95
N LEU A 11 6.03 -50.98 -17.20
CA LEU A 11 5.22 -50.20 -16.27
C LEU A 11 5.20 -50.83 -14.89
N ASN A 12 5.16 -52.18 -14.81
CA ASN A 12 5.22 -52.84 -13.50
C ASN A 12 6.59 -52.71 -12.86
N LYS A 13 7.67 -52.64 -13.64
CA LYS A 13 8.97 -52.36 -13.03
C LYS A 13 9.02 -50.95 -12.45
N ILE A 14 8.54 -49.95 -13.20
CA ILE A 14 8.47 -48.58 -12.69
C ILE A 14 7.60 -48.53 -11.44
N LEU A 15 6.44 -49.17 -11.51
CA LEU A 15 5.56 -49.23 -10.34
C LEU A 15 6.28 -49.84 -9.14
N GLY A 16 7.03 -50.92 -9.37
CA GLY A 16 7.78 -51.52 -8.28
C GLY A 16 8.78 -50.56 -7.66
N ASN A 17 9.45 -49.74 -8.48
CA ASN A 17 10.32 -48.72 -7.92
C ASN A 17 9.52 -47.69 -7.11
N GLU A 18 8.37 -47.26 -7.62
CA GLU A 18 7.54 -46.31 -6.88
C GLU A 18 7.06 -46.88 -5.54
N LEU A 19 6.71 -48.18 -5.50
CA LEU A 19 6.32 -48.81 -4.25
C LEU A 19 7.45 -48.82 -3.22
N ILE A 20 8.69 -49.12 -3.65
CA ILE A 20 9.82 -49.02 -2.72
C ILE A 20 9.92 -47.59 -2.19
N ALA A 21 9.84 -46.62 -3.10
CA ALA A 21 10.04 -45.23 -2.72
C ALA A 21 8.96 -44.73 -1.77
N ILE A 22 7.69 -45.11 -1.98
CA ILE A 22 6.64 -44.76 -1.03
C ILE A 22 7.05 -45.11 0.39
N ASN A 23 7.43 -46.37 0.61
CA ASN A 23 7.69 -46.84 1.96
C ASN A 23 8.98 -46.26 2.50
N GLN A 24 10.02 -46.22 1.68
CA GLN A 24 11.31 -45.67 2.10
C GLN A 24 11.17 -44.22 2.52
N TYR A 25 10.50 -43.41 1.68
CA TYR A 25 10.31 -42.01 2.01
C TYR A 25 9.39 -41.83 3.20
N PHE A 26 8.34 -42.66 3.31
CA PHE A 26 7.48 -42.52 4.47
C PHE A 26 8.21 -42.86 5.76
N LEU A 27 9.04 -43.91 5.78
CA LEU A 27 9.77 -44.23 7.00
C LEU A 27 10.77 -43.14 7.34
N HIS A 28 11.50 -42.64 6.34
CA HIS A 28 12.44 -41.54 6.57
C HIS A 28 11.72 -40.31 7.12
N SER A 29 10.57 -39.99 6.55
CA SER A 29 9.78 -38.87 7.06
C SER A 29 9.50 -39.02 8.55
N ARG A 30 8.98 -40.18 8.95
CA ARG A 30 8.61 -40.38 10.34
C ARG A 30 9.84 -40.51 11.26
N MET A 31 10.96 -41.01 10.75
CA MET A 31 12.20 -40.96 11.52
C MET A 31 12.61 -39.52 11.80
N TRP A 32 12.61 -38.67 10.77
CA TRP A 32 12.96 -37.27 10.98
C TRP A 32 11.99 -36.59 11.94
N ASN A 33 10.69 -36.90 11.86
CA ASN A 33 9.75 -36.31 12.82
C ASN A 33 10.06 -36.78 14.23
N ASP A 34 10.27 -38.09 14.41
CA ASP A 34 10.65 -38.62 15.72
C ASP A 34 11.88 -37.92 16.26
N TRP A 35 12.82 -37.55 15.39
CA TRP A 35 14.05 -36.91 15.86
C TRP A 35 13.90 -35.41 16.10
N GLY A 36 12.74 -34.82 15.83
CA GLY A 36 12.54 -33.39 16.04
C GLY A 36 12.84 -32.53 14.83
N LEU A 37 13.09 -33.15 13.69
CA LEU A 37 13.44 -32.46 12.46
C LEU A 37 12.20 -32.42 11.55
N LYS A 38 11.24 -31.59 11.99
CA LYS A 38 9.91 -31.64 11.41
C LYS A 38 9.82 -31.06 10.01
N ARG A 39 10.70 -30.12 9.65
CA ARG A 39 10.67 -29.60 8.29
C ARG A 39 11.16 -30.64 7.29
N LEU A 40 12.20 -31.41 7.67
CA LEU A 40 12.61 -32.57 6.87
C LEU A 40 11.50 -33.61 6.83
N GLY A 41 10.90 -33.90 7.98
CA GLY A 41 9.81 -34.85 8.02
C GLY A 41 8.67 -34.46 7.10
N ALA A 42 8.30 -33.18 7.08
CA ALA A 42 7.20 -32.72 6.22
C ALA A 42 7.58 -32.80 4.75
N HIS A 43 8.80 -32.43 4.41
CA HIS A 43 9.17 -32.44 3.00
C HIS A 43 9.25 -33.89 2.49
N GLU A 44 9.81 -34.77 3.30
CA GLU A 44 9.90 -36.18 2.91
C GLU A 44 8.53 -36.82 2.84
N TYR A 45 7.63 -36.43 3.73
CA TYR A 45 6.23 -36.85 3.63
C TYR A 45 5.64 -36.48 2.26
N HIS A 46 5.85 -35.24 1.83
CA HIS A 46 5.30 -34.82 0.55
C HIS A 46 5.97 -35.56 -0.63
N GLU A 47 7.25 -35.89 -0.51
CA GLU A 47 7.87 -36.79 -1.50
C GLU A 47 7.19 -38.16 -1.53
N SER A 48 6.84 -38.71 -0.37
CA SER A 48 6.15 -39.99 -0.34
C SER A 48 4.76 -39.89 -0.98
N ILE A 49 4.02 -38.83 -0.68
CA ILE A 49 2.73 -38.62 -1.33
C ILE A 49 2.89 -38.54 -2.84
N ASP A 50 3.89 -37.80 -3.32
CA ASP A 50 4.12 -37.70 -4.76
C ASP A 50 4.29 -39.08 -5.40
N GLU A 51 5.05 -39.96 -4.75
CA GLU A 51 5.25 -41.31 -5.29
C GLU A 51 3.95 -42.10 -5.23
N MET A 52 3.14 -41.91 -4.19
CA MET A 52 1.82 -42.54 -4.17
C MET A 52 0.98 -42.12 -5.38
N LYS A 53 1.03 -40.83 -5.76
CA LYS A 53 0.23 -40.39 -6.91
C LYS A 53 0.77 -40.95 -8.21
N HIS A 54 2.09 -41.06 -8.35
CA HIS A 54 2.67 -41.75 -9.51
C HIS A 54 2.24 -43.21 -9.56
N ALA A 55 2.36 -43.94 -8.43
CA ALA A 55 1.91 -45.33 -8.39
C ALA A 55 0.45 -45.47 -8.83
N ASP A 56 -0.41 -44.57 -8.37
CA ASP A 56 -1.83 -44.58 -8.77
C ASP A 56 -1.99 -44.46 -10.28
N LYS A 57 -1.30 -43.51 -10.90
CA LYS A 57 -1.41 -43.34 -12.35
C LYS A 57 -0.90 -44.56 -13.10
N LEU A 58 0.18 -45.17 -12.60
CA LEU A 58 0.70 -46.38 -13.24
C LEU A 58 -0.29 -47.52 -13.13
N ILE A 59 -0.87 -47.70 -11.95
CA ILE A 59 -1.87 -48.75 -11.75
C ILE A 59 -3.04 -48.57 -12.71
N GLU A 60 -3.53 -47.33 -12.83
CA GLU A 60 -4.65 -47.04 -13.72
C GLU A 60 -4.29 -47.33 -15.18
N ARG A 61 -3.09 -46.97 -15.60
CA ARG A 61 -2.64 -47.22 -16.96
C ARG A 61 -2.52 -48.72 -17.24
N ILE A 62 -1.94 -49.47 -16.30
CA ILE A 62 -1.78 -50.91 -16.49
C ILE A 62 -3.14 -51.58 -16.59
N LEU A 63 -4.09 -51.20 -15.74
CA LEU A 63 -5.43 -51.78 -15.83
C LEU A 63 -6.11 -51.45 -17.16
N PHE A 64 -5.97 -50.21 -17.63
CA PHE A 64 -6.56 -49.84 -18.92
C PHE A 64 -6.01 -50.70 -20.03
N LEU A 65 -4.70 -50.96 -20.00
CA LEU A 65 -4.01 -51.81 -20.96
C LEU A 65 -4.25 -53.30 -20.70
N GLU A 66 -5.13 -53.63 -19.75
CA GLU A 66 -5.56 -54.99 -19.47
C GLU A 66 -4.43 -55.86 -18.92
N GLY A 67 -3.52 -55.25 -18.18
CA GLY A 67 -2.52 -56.00 -17.43
C GLY A 67 -2.85 -56.06 -15.95
N LEU A 68 -1.98 -56.74 -15.21
CA LEU A 68 -2.15 -56.91 -13.78
C LEU A 68 -1.12 -56.04 -13.06
N PRO A 69 -1.52 -54.97 -12.36
CA PRO A 69 -0.54 -54.17 -11.61
C PRO A 69 0.03 -54.97 -10.44
N ASN A 70 1.35 -55.03 -10.35
CA ASN A 70 2.01 -55.85 -9.32
C ASN A 70 2.19 -55.00 -8.07
N LEU A 71 1.31 -55.18 -7.08
CA LEU A 71 1.51 -54.55 -5.79
C LEU A 71 2.01 -55.52 -4.73
N GLN A 72 2.36 -56.74 -5.14
CA GLN A 72 2.71 -57.81 -4.21
C GLN A 72 4.21 -57.88 -3.93
N ASP A 73 5.02 -57.75 -4.98
CA ASP A 73 6.45 -57.80 -4.80
C ASP A 73 6.89 -56.42 -4.32
N LEU A 74 7.72 -56.41 -3.30
CA LEU A 74 8.34 -55.18 -2.82
C LEU A 74 9.84 -55.40 -2.79
N GLY A 75 10.58 -54.57 -3.51
CA GLY A 75 12.02 -54.65 -3.51
C GLY A 75 12.64 -54.05 -2.27
N LYS A 76 13.97 -54.05 -2.25
CA LYS A 76 14.71 -53.71 -1.03
C LYS A 76 14.61 -52.21 -0.74
N LEU A 77 14.15 -51.89 0.47
CA LEU A 77 14.17 -50.53 0.98
C LEU A 77 15.58 -50.14 1.39
N LEU A 78 16.00 -48.94 1.01
CA LEU A 78 17.28 -48.38 1.42
C LEU A 78 17.05 -47.37 2.55
N ILE A 79 17.25 -47.82 3.79
CA ILE A 79 16.94 -47.02 4.96
C ILE A 79 18.26 -46.53 5.58
N GLY A 80 18.44 -45.22 5.65
CA GLY A 80 19.66 -44.70 6.24
C GLY A 80 19.57 -44.57 7.74
N GLU A 81 20.73 -44.40 8.38
CA GLU A 81 20.80 -44.30 9.83
C GLU A 81 21.13 -42.89 10.33
N ASN A 82 21.29 -41.94 9.42
CA ASN A 82 21.46 -40.55 9.79
C ASN A 82 21.02 -39.75 8.57
N THR A 83 20.90 -38.43 8.76
CA THR A 83 20.30 -37.58 7.72
C THR A 83 21.04 -37.69 6.40
N GLN A 84 22.37 -37.60 6.40
CA GLN A 84 23.09 -37.65 5.13
C GLN A 84 22.87 -38.99 4.43
N GLU A 85 23.00 -40.08 5.17
CA GLU A 85 22.78 -41.41 4.57
C GLU A 85 21.33 -41.57 4.07
N MET A 86 20.35 -41.03 4.79
CA MET A 86 18.95 -41.15 4.35
C MET A 86 18.74 -40.42 3.03
N LEU A 87 19.28 -39.21 2.91
CA LEU A 87 19.20 -38.49 1.64
C LEU A 87 19.93 -39.25 0.55
N GLN A 88 21.10 -39.82 0.86
CA GLN A 88 21.85 -40.53 -0.17
C GLN A 88 21.14 -41.82 -0.59
N CYS A 89 20.48 -42.50 0.36
CA CYS A 89 19.65 -43.64 0.00
C CYS A 89 18.50 -43.23 -0.91
N ASP A 90 17.85 -42.09 -0.63
CA ASP A 90 16.80 -41.61 -1.51
C ASP A 90 17.36 -41.29 -2.89
N LEU A 91 18.54 -40.69 -2.94
CA LEU A 91 19.16 -40.35 -4.23
C LEU A 91 19.52 -41.60 -5.03
N ASN A 92 20.13 -42.60 -4.38
CA ASN A 92 20.47 -43.83 -5.09
C ASN A 92 19.24 -44.51 -5.66
N LEU A 93 18.15 -44.54 -4.89
CA LEU A 93 16.88 -45.08 -5.39
C LEU A 93 16.39 -44.28 -6.59
N GLU A 94 16.44 -42.95 -6.53
CA GLU A 94 15.95 -42.14 -7.64
C GLU A 94 16.80 -42.34 -8.89
N LEU A 95 18.11 -42.54 -8.74
CA LEU A 95 18.94 -42.75 -9.93
C LEU A 95 18.64 -44.09 -10.59
N LYS A 96 18.36 -45.11 -9.78
CA LYS A 96 17.87 -46.36 -10.36
C LYS A 96 16.53 -46.16 -11.06
N ALA A 97 15.61 -45.42 -10.42
CA ALA A 97 14.30 -45.15 -11.01
C ALA A 97 14.38 -44.43 -12.37
N THR A 98 15.23 -43.41 -12.49
CA THR A 98 15.30 -42.69 -13.76
C THR A 98 15.96 -43.52 -14.86
N LYS A 99 16.95 -44.35 -14.52
CA LYS A 99 17.46 -45.29 -15.52
C LYS A 99 16.35 -46.21 -16.01
N ASP A 100 15.59 -46.78 -15.09
CA ASP A 100 14.47 -47.65 -15.51
C ASP A 100 13.44 -46.89 -16.35
N LEU A 101 13.12 -45.64 -15.98
CA LEU A 101 12.18 -44.84 -16.75
C LEU A 101 12.66 -44.63 -18.19
N ARG A 102 13.95 -44.34 -18.36
CA ARG A 102 14.49 -44.12 -19.70
C ARG A 102 14.36 -45.36 -20.57
N GLU A 103 14.74 -46.52 -20.04
CA GLU A 103 14.59 -47.76 -20.80
C GLU A 103 13.14 -48.02 -21.15
N ALA A 104 12.21 -47.76 -20.23
CA ALA A 104 10.78 -47.95 -20.52
C ALA A 104 10.31 -47.04 -21.65
N ILE A 105 10.75 -45.78 -21.64
CA ILE A 105 10.36 -44.82 -22.67
C ILE A 105 10.87 -45.27 -24.04
N VAL A 106 12.11 -45.73 -24.10
CA VAL A 106 12.62 -46.25 -25.36
C VAL A 106 11.69 -47.30 -25.93
N HIS A 107 11.25 -48.23 -25.07
CA HIS A 107 10.43 -49.32 -25.57
C HIS A 107 9.05 -48.84 -25.97
N CYS A 108 8.45 -47.94 -25.17
CA CYS A 108 7.17 -47.36 -25.56
C CYS A 108 7.25 -46.72 -26.93
N GLU A 109 8.34 -45.97 -27.17
CA GLU A 109 8.52 -45.32 -28.46
C GLU A 109 8.58 -46.34 -29.59
N GLN A 110 9.32 -47.42 -29.38
CA GLN A 110 9.50 -48.43 -30.42
C GLN A 110 8.18 -49.09 -30.80
N VAL A 111 7.27 -49.30 -29.84
CA VAL A 111 6.00 -49.96 -30.15
C VAL A 111 4.85 -48.96 -30.28
N HIS A 112 5.15 -47.65 -30.34
CA HIS A 112 4.19 -46.60 -30.66
C HIS A 112 3.13 -46.39 -29.57
N ASP A 113 3.45 -46.75 -28.32
CA ASP A 113 2.55 -46.48 -27.19
C ASP A 113 2.95 -45.10 -26.66
N TYR A 114 2.52 -44.09 -27.42
CA TYR A 114 2.92 -42.71 -27.13
C TYR A 114 2.25 -42.15 -25.88
N VAL A 115 1.11 -42.69 -25.47
CA VAL A 115 0.47 -42.22 -24.25
C VAL A 115 1.18 -42.76 -23.02
N SER A 116 1.58 -44.04 -23.02
CA SER A 116 2.40 -44.52 -21.92
C SER A 116 3.71 -43.74 -21.86
N ARG A 117 4.32 -43.43 -23.02
CA ARG A 117 5.55 -42.64 -23.02
C ARG A 117 5.33 -41.30 -22.33
N ASP A 118 4.20 -40.65 -22.61
CA ASP A 118 3.94 -39.32 -22.08
C ASP A 118 3.75 -39.37 -20.57
N LEU A 119 3.07 -40.40 -20.07
CA LEU A 119 2.94 -40.61 -18.63
C LEU A 119 4.30 -40.79 -17.98
N LEU A 120 5.15 -41.67 -18.56
CA LEU A 120 6.49 -41.91 -18.02
C LEU A 120 7.36 -40.66 -18.08
N LYS A 121 7.25 -39.87 -19.14
CA LYS A 121 7.99 -38.61 -19.20
C LYS A 121 7.61 -37.68 -18.06
N ASP A 122 6.30 -37.58 -17.78
CA ASP A 122 5.84 -36.74 -16.67
C ASP A 122 6.37 -37.25 -15.34
N ILE A 123 6.39 -38.56 -15.16
CA ILE A 123 6.96 -39.13 -13.93
C ILE A 123 8.47 -38.86 -13.88
N LEU A 124 9.16 -39.02 -15.02
CA LEU A 124 10.59 -38.72 -15.09
C LEU A 124 10.87 -37.25 -14.74
N GLU A 125 10.03 -36.33 -15.19
CA GLU A 125 10.19 -34.94 -14.80
C GLU A 125 10.12 -34.78 -13.29
N SER A 126 9.13 -35.43 -12.65
CA SER A 126 9.04 -35.36 -11.19
CA SER A 126 9.04 -35.36 -11.19
C SER A 126 10.25 -35.99 -10.52
N GLU A 127 10.75 -37.12 -11.02
CA GLU A 127 11.88 -37.75 -10.35
C GLU A 127 13.16 -36.92 -10.53
N GLU A 128 13.35 -36.28 -11.69
CA GLU A 128 14.50 -35.38 -11.83
C GLU A 128 14.38 -34.17 -10.89
N GLU A 129 13.16 -33.67 -10.64
CA GLU A 129 13.03 -32.60 -9.65
C GLU A 129 13.39 -33.09 -8.25
N HIS A 130 13.04 -34.35 -7.93
CA HIS A 130 13.44 -34.93 -6.64
C HIS A 130 14.95 -35.10 -6.56
N ILE A 131 15.58 -35.55 -7.65
CA ILE A 131 17.04 -35.65 -7.68
C ILE A 131 17.66 -34.28 -7.42
N ASP A 132 17.11 -33.25 -8.08
CA ASP A 132 17.57 -31.88 -7.83
C ASP A 132 17.47 -31.54 -6.34
N TYR A 133 16.30 -31.75 -5.76
CA TYR A 133 16.14 -31.52 -4.32
C TYR A 133 17.23 -32.25 -3.51
N LEU A 134 17.43 -33.55 -3.76
CA LEU A 134 18.32 -34.36 -2.91
C LEU A 134 19.79 -33.94 -3.06
N GLU A 135 20.26 -33.75 -4.30
CA GLU A 135 21.62 -33.28 -4.53
C GLU A 135 21.88 -31.94 -3.85
N THR A 136 20.89 -31.04 -3.91
CA THR A 136 21.00 -29.74 -3.28
C THR A 136 21.08 -29.84 -1.77
N GLN A 137 20.23 -30.69 -1.16
CA GLN A 137 20.33 -30.88 0.28
C GLN A 137 21.72 -31.40 0.65
N LEU A 138 22.22 -32.40 -0.10
CA LEU A 138 23.54 -32.93 0.20
C LEU A 138 24.60 -31.85 0.04
N GLY A 139 24.47 -30.98 -0.97
CA GLY A 139 25.41 -29.87 -1.10
C GLY A 139 25.29 -28.86 0.01
N LEU A 140 24.08 -28.59 0.48
CA LEU A 140 23.90 -27.61 1.56
C LEU A 140 24.56 -28.09 2.84
N ILE A 141 24.44 -29.39 3.13
CA ILE A 141 25.10 -29.95 4.32
C ILE A 141 26.59 -29.65 4.27
N GLN A 142 27.21 -29.79 3.09
CA GLN A 142 28.63 -29.47 2.97
C GLN A 142 28.89 -27.98 3.14
N LYS A 143 27.97 -27.11 2.70
CA LYS A 143 28.24 -25.67 2.73
C LYS A 143 27.95 -25.05 4.09
N VAL A 144 26.87 -25.46 4.77
CA VAL A 144 26.51 -24.82 6.03
C VAL A 144 26.88 -25.68 7.24
N GLY A 145 27.27 -26.93 7.02
CA GLY A 145 27.53 -27.89 8.09
C GLY A 145 26.27 -28.61 8.51
N LEU A 146 26.45 -29.87 8.94
CA LEU A 146 25.30 -30.69 9.32
C LEU A 146 24.54 -30.08 10.49
N GLU A 147 25.24 -29.55 11.49
CA GLU A 147 24.54 -28.99 12.63
C GLU A 147 23.63 -27.84 12.21
N ASN A 148 24.14 -26.92 11.39
CA ASN A 148 23.29 -25.82 10.91
C ASN A 148 22.18 -26.34 10.02
N TYR A 149 22.50 -27.29 9.12
CA TYR A 149 21.47 -27.82 8.23
C TYR A 149 20.31 -28.40 9.05
N LEU A 150 20.62 -29.23 10.04
CA LEU A 150 19.58 -29.83 10.87
C LEU A 150 18.83 -28.76 11.63
N GLN A 151 19.55 -27.80 12.22
CA GLN A 151 18.90 -26.69 12.91
C GLN A 151 17.86 -26.02 12.02
N SER A 152 18.20 -25.84 10.77
CA SER A 152 17.28 -25.16 9.85
C SER A 152 16.08 -26.00 9.48
N HIS A 153 16.04 -27.26 9.90
CA HIS A 153 14.94 -28.16 9.58
C HIS A 153 14.21 -28.64 10.83
N MET A 154 14.41 -27.94 11.95
CA MET A 154 13.75 -28.30 13.20
C MET A 154 12.28 -27.92 13.16
N HIS A 155 11.98 -26.67 12.78
CA HIS A 155 10.64 -26.15 12.85
C HIS A 155 10.04 -26.11 11.46
N GLU A 156 8.79 -26.55 11.34
CA GLU A 156 8.13 -26.61 10.05
C GLU A 156 7.83 -25.20 9.54
N MET B 1 23.03 -33.35 -11.33
CA MET B 1 22.95 -34.62 -12.10
C MET B 1 23.79 -34.48 -13.36
N LYS B 2 24.74 -35.36 -13.59
CA LYS B 2 25.69 -35.13 -14.69
C LYS B 2 25.01 -35.32 -16.04
N GLY B 3 24.93 -34.25 -16.83
CA GLY B 3 24.32 -34.32 -18.14
C GLY B 3 25.27 -34.76 -19.24
N ASP B 4 24.67 -35.06 -20.39
CA ASP B 4 25.43 -35.37 -21.59
C ASP B 4 26.11 -34.10 -22.11
N LYS B 5 27.41 -34.20 -22.37
CA LYS B 5 28.18 -33.02 -22.76
C LYS B 5 27.63 -32.37 -24.02
N LYS B 6 27.24 -33.17 -24.99
CA LYS B 6 26.73 -32.59 -26.22
C LYS B 6 25.33 -31.99 -26.02
N VAL B 7 24.47 -32.63 -25.20
CA VAL B 7 23.20 -31.98 -24.82
C VAL B 7 23.46 -30.57 -24.28
N ILE B 8 24.38 -30.46 -23.31
CA ILE B 8 24.69 -29.15 -22.71
C ILE B 8 25.18 -28.17 -23.76
N GLN B 9 26.00 -28.64 -24.69
CA GLN B 9 26.44 -27.75 -25.77
C GLN B 9 25.26 -27.29 -26.62
N HIS B 10 24.32 -28.18 -26.92
CA HIS B 10 23.10 -27.79 -27.64
C HIS B 10 22.30 -26.77 -26.83
N LEU B 11 22.12 -27.03 -25.53
CA LEU B 11 21.37 -26.12 -24.69
C LEU B 11 22.02 -24.74 -24.68
N ASN B 12 23.36 -24.70 -24.62
CA ASN B 12 24.04 -23.42 -24.67
C ASN B 12 23.88 -22.74 -26.03
N LYS B 13 23.78 -23.50 -27.11
CA LYS B 13 23.55 -22.88 -28.41
C LYS B 13 22.13 -22.30 -28.49
N ILE B 14 21.12 -23.04 -28.02
CA ILE B 14 19.77 -22.49 -27.95
C ILE B 14 19.75 -21.24 -27.08
N LEU B 15 20.37 -21.30 -25.91
CA LEU B 15 20.45 -20.13 -25.03
C LEU B 15 21.07 -18.95 -25.75
N GLY B 16 22.14 -19.22 -26.50
CA GLY B 16 22.75 -18.18 -27.31
C GLY B 16 21.75 -17.52 -28.24
N ASN B 17 20.87 -18.32 -28.86
CA ASN B 17 19.86 -17.78 -29.77
C ASN B 17 18.86 -16.94 -29.00
N GLU B 18 18.48 -17.41 -27.80
CA GLU B 18 17.51 -16.68 -27.01
C GLU B 18 18.10 -15.34 -26.56
N LEU B 19 19.40 -15.31 -26.26
CA LEU B 19 20.03 -14.06 -25.82
C LEU B 19 20.05 -13.02 -26.94
N ILE B 20 20.32 -13.44 -28.17
CA ILE B 20 20.21 -12.52 -29.30
C ILE B 20 18.78 -11.98 -29.39
N ALA B 21 17.81 -12.89 -29.31
CA ALA B 21 16.41 -12.53 -29.47
C ALA B 21 15.95 -11.57 -28.38
N ILE B 22 16.37 -11.80 -27.13
CA ILE B 22 16.02 -10.85 -26.07
C ILE B 22 16.38 -9.42 -26.49
N ASN B 23 17.62 -9.21 -26.94
CA ASN B 23 18.12 -7.87 -27.20
C ASN B 23 17.54 -7.29 -28.49
N GLN B 24 17.46 -8.11 -29.53
CA GLN B 24 16.87 -7.67 -30.79
C GLN B 24 15.42 -7.25 -30.61
N TYR B 25 14.61 -8.08 -29.93
CA TYR B 25 13.20 -7.74 -29.70
C TYR B 25 13.06 -6.54 -28.79
N PHE B 26 13.92 -6.43 -27.78
CA PHE B 26 13.79 -5.30 -26.88
C PHE B 26 14.10 -3.98 -27.60
N LEU B 27 15.17 -3.94 -28.42
CA LEU B 27 15.48 -2.74 -29.20
C LEU B 27 14.38 -2.42 -30.21
N HIS B 28 13.90 -3.42 -30.94
CA HIS B 28 12.81 -3.18 -31.88
C HIS B 28 11.59 -2.59 -31.17
N SER B 29 11.28 -3.12 -29.98
CA SER B 29 10.16 -2.61 -29.18
C SER B 29 10.34 -1.14 -28.87
N ARG B 30 11.52 -0.77 -28.37
CA ARG B 30 11.73 0.62 -27.98
C ARG B 30 11.84 1.53 -29.19
N MET B 31 12.30 1.02 -30.34
CA MET B 31 12.27 1.81 -31.57
C MET B 31 10.83 2.10 -31.98
N TRP B 32 9.98 1.07 -31.98
CA TRP B 32 8.58 1.28 -32.33
C TRP B 32 7.92 2.26 -31.37
N ASN B 33 8.20 2.16 -30.07
CA ASN B 33 7.60 3.09 -29.14
C ASN B 33 8.07 4.51 -29.42
N ASP B 34 9.36 4.68 -29.71
CA ASP B 34 9.88 6.01 -30.02
C ASP B 34 9.21 6.58 -31.27
N TRP B 35 8.89 5.72 -32.25
CA TRP B 35 8.21 6.19 -33.46
C TRP B 35 6.71 6.38 -33.27
N GLY B 36 6.18 6.16 -32.07
CA GLY B 36 4.73 6.33 -31.89
C GLY B 36 3.89 5.14 -32.28
N LEU B 37 4.50 3.99 -32.59
CA LEU B 37 3.80 2.77 -32.97
C LEU B 37 3.70 1.83 -31.76
N LYS B 38 2.94 2.29 -30.76
CA LYS B 38 2.99 1.70 -29.44
C LYS B 38 2.36 0.31 -29.36
N ARG B 39 1.44 -0.04 -30.26
CA ARG B 39 0.90 -1.39 -30.26
C ARG B 39 1.96 -2.39 -30.72
N LEU B 40 2.74 -2.02 -31.73
CA LEU B 40 3.91 -2.81 -32.10
C LEU B 40 4.93 -2.83 -30.97
N GLY B 41 5.18 -1.68 -30.36
CA GLY B 41 6.13 -1.63 -29.27
C GLY B 41 5.76 -2.59 -28.16
N ALA B 42 4.48 -2.62 -27.78
CA ALA B 42 4.04 -3.43 -26.65
C ALA B 42 4.09 -4.91 -27.00
N HIS B 43 3.64 -5.27 -28.18
CA HIS B 43 3.69 -6.68 -28.57
C HIS B 43 5.13 -7.18 -28.64
N GLU B 44 6.02 -6.39 -29.22
CA GLU B 44 7.42 -6.79 -29.33
C GLU B 44 8.08 -6.86 -27.95
N TYR B 45 7.70 -5.96 -27.05
CA TYR B 45 8.14 -6.07 -25.67
C TYR B 45 7.74 -7.41 -25.06
N HIS B 46 6.49 -7.86 -25.28
CA HIS B 46 6.09 -9.15 -24.71
C HIS B 46 6.85 -10.30 -25.36
N GLU B 47 7.20 -10.18 -26.65
CA GLU B 47 8.06 -11.20 -27.27
C GLU B 47 9.43 -11.27 -26.57
N SER B 48 10.00 -10.10 -26.24
CA SER B 48 11.31 -10.09 -25.57
C SER B 48 11.22 -10.75 -24.19
N ILE B 49 10.16 -10.45 -23.45
CA ILE B 49 9.93 -11.05 -22.14
C ILE B 49 9.81 -12.56 -22.26
N ASP B 50 9.09 -13.04 -23.27
CA ASP B 50 8.96 -14.48 -23.46
C ASP B 50 10.33 -15.13 -23.65
N GLU B 51 11.18 -14.54 -24.48
CA GLU B 51 12.51 -15.08 -24.70
C GLU B 51 13.35 -15.04 -23.41
N MET B 52 13.14 -14.01 -22.60
CA MET B 52 13.79 -13.96 -21.29
C MET B 52 13.39 -15.16 -20.43
N LYS B 53 12.10 -15.50 -20.44
CA LYS B 53 11.62 -16.62 -19.66
C LYS B 53 12.19 -17.93 -20.18
N HIS B 54 12.29 -18.11 -21.51
CA HIS B 54 12.94 -19.29 -22.06
C HIS B 54 14.41 -19.36 -21.66
N ALA B 55 15.11 -18.24 -21.76
CA ALA B 55 16.53 -18.23 -21.37
C ALA B 55 16.70 -18.68 -19.92
N ASP B 56 15.84 -18.17 -19.03
CA ASP B 56 15.85 -18.57 -17.62
C ASP B 56 15.74 -20.08 -17.47
N LYS B 57 14.75 -20.70 -18.12
CA LYS B 57 14.60 -22.15 -18.04
C LYS B 57 15.82 -22.89 -18.57
N LEU B 58 16.44 -22.38 -19.63
CA LEU B 58 17.62 -23.05 -20.18
C LEU B 58 18.80 -22.95 -19.22
N ILE B 59 19.01 -21.79 -18.64
CA ILE B 59 20.06 -21.61 -17.65
C ILE B 59 19.86 -22.59 -16.50
N GLU B 60 18.63 -22.66 -15.99
CA GLU B 60 18.34 -23.53 -14.86
C GLU B 60 18.60 -24.99 -15.22
N ARG B 61 18.19 -25.41 -16.41
CA ARG B 61 18.46 -26.77 -16.87
C ARG B 61 19.96 -27.04 -17.00
N ILE B 62 20.71 -26.12 -17.62
CA ILE B 62 22.15 -26.33 -17.78
C ILE B 62 22.84 -26.50 -16.42
N LEU B 63 22.49 -25.65 -15.43
CA LEU B 63 23.07 -25.77 -14.10
C LEU B 63 22.68 -27.09 -13.43
N PHE B 64 21.43 -27.49 -13.53
CA PHE B 64 21.04 -28.79 -12.99
C PHE B 64 21.91 -29.90 -13.57
N LEU B 65 22.19 -29.85 -14.86
CA LEU B 65 22.99 -30.86 -15.56
C LEU B 65 24.49 -30.65 -15.36
N GLU B 66 24.87 -29.71 -14.50
CA GLU B 66 26.24 -29.49 -14.08
C GLU B 66 27.09 -28.93 -15.22
N GLY B 67 26.46 -28.16 -16.12
CA GLY B 67 27.16 -27.39 -17.11
C GLY B 67 27.29 -25.92 -16.73
N LEU B 68 27.98 -25.19 -17.59
CA LEU B 68 28.18 -23.75 -17.41
C LEU B 68 27.32 -23.00 -18.42
N PRO B 69 26.27 -22.28 -18.00
CA PRO B 69 25.46 -21.54 -18.98
C PRO B 69 26.25 -20.37 -19.53
N ASN B 70 26.28 -20.25 -20.86
CA ASN B 70 27.08 -19.23 -21.52
C ASN B 70 26.25 -17.96 -21.70
N LEU B 71 26.46 -16.99 -20.80
CA LEU B 71 25.83 -15.67 -20.94
C LEU B 71 26.80 -14.61 -21.44
N GLN B 72 27.98 -15.01 -21.86
CA GLN B 72 29.05 -14.08 -22.23
C GLN B 72 29.12 -13.82 -23.72
N ASP B 73 28.87 -14.83 -24.54
CA ASP B 73 28.99 -14.70 -25.97
C ASP B 73 27.61 -14.28 -26.50
N LEU B 74 27.58 -13.16 -27.21
CA LEU B 74 26.37 -12.64 -27.83
C LEU B 74 26.62 -12.59 -29.33
N GLY B 75 25.81 -13.32 -30.09
CA GLY B 75 25.88 -13.27 -31.54
C GLY B 75 25.32 -11.99 -32.12
N LYS B 76 25.27 -11.96 -33.45
CA LYS B 76 24.86 -10.79 -34.22
C LYS B 76 23.37 -10.50 -34.09
N LEU B 77 23.05 -9.30 -33.63
CA LEU B 77 21.69 -8.77 -33.68
C LEU B 77 21.33 -8.42 -35.11
N LEU B 78 20.09 -8.75 -35.50
CA LEU B 78 19.54 -8.38 -36.81
C LEU B 78 18.55 -7.24 -36.57
N ILE B 79 19.00 -6.01 -36.78
CA ILE B 79 18.21 -4.82 -36.46
C ILE B 79 17.73 -4.23 -37.77
N GLY B 80 16.43 -4.03 -37.89
CA GLY B 80 15.90 -3.41 -39.08
C GLY B 80 15.90 -1.87 -39.00
N GLU B 81 15.78 -1.21 -40.16
CA GLU B 81 15.70 0.25 -40.21
C GLU B 81 14.29 0.77 -40.49
N ASN B 82 13.34 -0.10 -40.79
CA ASN B 82 11.93 0.27 -40.88
C ASN B 82 11.10 -0.93 -40.43
N THR B 83 9.78 -0.73 -40.29
CA THR B 83 8.92 -1.76 -39.69
C THR B 83 8.99 -3.07 -40.47
N GLN B 84 8.89 -3.00 -41.79
CA GLN B 84 8.95 -4.21 -42.60
C GLN B 84 10.27 -4.96 -42.39
N GLU B 85 11.39 -4.24 -42.41
CA GLU B 85 12.67 -4.92 -42.23
C GLU B 85 12.80 -5.49 -40.82
N MET B 86 12.29 -4.76 -39.83
CA MET B 86 12.38 -5.23 -38.45
C MET B 86 11.61 -6.55 -38.29
N LEU B 87 10.41 -6.61 -38.86
CA LEU B 87 9.64 -7.86 -38.80
C LEU B 87 10.35 -8.99 -39.52
N GLN B 88 10.92 -8.71 -40.69
CA GLN B 88 11.65 -9.73 -41.42
C GLN B 88 12.91 -10.17 -40.67
N CYS B 89 13.59 -9.25 -39.98
CA CYS B 89 14.75 -9.63 -39.20
C CYS B 89 14.36 -10.55 -38.05
N ASP B 90 13.23 -10.27 -37.40
CA ASP B 90 12.74 -11.18 -36.37
C ASP B 90 12.45 -12.56 -36.95
N LEU B 91 11.84 -12.59 -38.14
CA LEU B 91 11.46 -13.86 -38.73
C LEU B 91 12.70 -14.64 -39.13
N ASN B 92 13.70 -13.98 -39.74
CA ASN B 92 14.96 -14.66 -40.07
C ASN B 92 15.60 -15.27 -38.84
N LEU B 93 15.60 -14.53 -37.73
CA LEU B 93 16.17 -15.04 -36.48
C LEU B 93 15.39 -16.26 -35.99
N GLU B 94 14.06 -16.19 -36.01
CA GLU B 94 13.24 -17.28 -35.50
C GLU B 94 13.44 -18.54 -36.32
N LEU B 95 13.60 -18.40 -37.65
CA LEU B 95 13.78 -19.56 -38.51
C LEU B 95 15.12 -20.26 -38.23
N LYS B 96 16.16 -19.49 -37.94
CA LYS B 96 17.40 -20.11 -37.47
C LYS B 96 17.19 -20.78 -36.11
N ALA B 97 16.45 -20.12 -35.22
CA ALA B 97 16.23 -20.66 -33.88
C ALA B 97 15.50 -21.99 -33.91
N THR B 98 14.49 -22.12 -34.77
CA THR B 98 13.74 -23.37 -34.80
C THR B 98 14.54 -24.48 -35.45
N LYS B 99 15.36 -24.17 -36.46
CA LYS B 99 16.25 -25.18 -36.99
C LYS B 99 17.20 -25.73 -35.92
N ASP B 100 17.78 -24.83 -35.10
CA ASP B 100 18.68 -25.31 -34.05
C ASP B 100 17.93 -26.10 -32.98
N LEU B 101 16.70 -25.71 -32.68
CA LEU B 101 15.88 -26.44 -31.70
C LEU B 101 15.62 -27.87 -32.18
N ARG B 102 15.31 -28.05 -33.45
CA ARG B 102 15.06 -29.39 -33.97
C ARG B 102 16.31 -30.25 -33.86
N GLU B 103 17.48 -29.70 -34.23
CA GLU B 103 18.70 -30.50 -34.16
C GLU B 103 19.03 -30.85 -32.71
N ALA B 104 18.74 -29.96 -31.78
CA ALA B 104 18.98 -30.27 -30.38
C ALA B 104 18.01 -31.32 -29.87
N ILE B 105 16.75 -31.27 -30.28
CA ILE B 105 15.79 -32.29 -29.88
C ILE B 105 16.21 -33.67 -30.39
N VAL B 106 16.64 -33.75 -31.66
CA VAL B 106 17.16 -35.02 -32.19
C VAL B 106 18.21 -35.59 -31.26
N HIS B 107 19.14 -34.76 -30.81
CA HIS B 107 20.23 -35.30 -30.00
C HIS B 107 19.76 -35.71 -28.61
N CYS B 108 18.91 -34.89 -27.97
CA CYS B 108 18.32 -35.27 -26.69
C CYS B 108 17.67 -36.64 -26.77
N GLU B 109 16.90 -36.86 -27.84
CA GLU B 109 16.23 -38.14 -28.01
C GLU B 109 17.26 -39.27 -28.10
N GLN B 110 18.33 -39.04 -28.85
CA GLN B 110 19.31 -40.10 -29.08
C GLN B 110 19.99 -40.55 -27.79
N VAL B 111 20.23 -39.61 -26.85
CA VAL B 111 20.89 -39.94 -25.60
C VAL B 111 19.91 -40.09 -24.44
N HIS B 112 18.61 -40.15 -24.73
CA HIS B 112 17.54 -40.42 -23.76
C HIS B 112 17.38 -39.32 -22.72
N ASP B 113 17.76 -38.08 -23.06
CA ASP B 113 17.48 -36.93 -22.17
C ASP B 113 16.09 -36.43 -22.51
N TYR B 114 15.09 -37.17 -22.03
CA TYR B 114 13.72 -36.89 -22.42
C TYR B 114 13.20 -35.62 -21.78
N VAL B 115 13.74 -35.24 -20.62
CA VAL B 115 13.29 -34.02 -19.98
C VAL B 115 13.82 -32.80 -20.74
N SER B 116 15.08 -32.84 -21.18
CA SER B 116 15.59 -31.72 -21.96
C SER B 116 14.81 -31.59 -23.25
N ARG B 117 14.49 -32.73 -23.87
CA ARG B 117 13.67 -32.70 -25.07
C ARG B 117 12.35 -32.00 -24.81
N ASP B 118 11.71 -32.32 -23.68
CA ASP B 118 10.39 -31.76 -23.41
C ASP B 118 10.48 -30.24 -23.25
N LEU B 119 11.52 -29.75 -22.58
CA LEU B 119 11.75 -28.32 -22.45
C LEU B 119 11.92 -27.67 -23.83
N LEU B 120 12.77 -28.24 -24.66
CA LEU B 120 13.01 -27.70 -25.99
C LEU B 120 11.75 -27.73 -26.85
N LYS B 121 10.94 -28.78 -26.72
CA LYS B 121 9.69 -28.83 -27.48
C LYS B 121 8.79 -27.67 -27.07
N ASP B 122 8.71 -27.41 -25.76
CA ASP B 122 7.90 -26.29 -25.30
C ASP B 122 8.42 -24.97 -25.86
N ILE B 123 9.74 -24.78 -25.89
CA ILE B 123 10.29 -23.55 -26.44
C ILE B 123 10.00 -23.50 -27.93
N LEU B 124 10.10 -24.64 -28.61
CA LEU B 124 9.83 -24.69 -30.04
C LEU B 124 8.38 -24.30 -30.34
N GLU B 125 7.45 -24.70 -29.47
CA GLU B 125 6.04 -24.35 -29.67
C GLU B 125 5.85 -22.84 -29.58
N SER B 126 6.52 -22.19 -28.63
CA SER B 126 6.49 -20.74 -28.52
CA SER B 126 6.49 -20.74 -28.52
C SER B 126 7.11 -20.06 -29.74
N GLU B 127 8.25 -20.56 -30.20
CA GLU B 127 8.88 -19.93 -31.37
C GLU B 127 8.02 -20.10 -32.62
N GLU B 128 7.34 -21.24 -32.78
CA GLU B 128 6.45 -21.41 -33.94
C GLU B 128 5.27 -20.44 -33.86
N GLU B 129 4.79 -20.14 -32.65
CA GLU B 129 3.74 -19.15 -32.50
C GLU B 129 4.26 -17.76 -32.86
N HIS B 130 5.52 -17.48 -32.52
CA HIS B 130 6.09 -16.20 -32.94
C HIS B 130 6.25 -16.14 -34.45
N ILE B 131 6.63 -17.25 -35.08
CA ILE B 131 6.71 -17.28 -36.53
C ILE B 131 5.35 -17.00 -37.16
N ASP B 132 4.30 -17.64 -36.63
CA ASP B 132 2.95 -17.38 -37.11
C ASP B 132 2.60 -15.90 -37.04
N TYR B 133 2.82 -15.28 -35.87
CA TYR B 133 2.60 -13.85 -35.73
C TYR B 133 3.35 -13.04 -36.79
N LEU B 134 4.64 -13.33 -36.98
CA LEU B 134 5.46 -12.51 -37.86
C LEU B 134 5.05 -12.68 -39.32
N GLU B 135 4.87 -13.94 -39.76
CA GLU B 135 4.38 -14.17 -41.12
C GLU B 135 3.05 -13.47 -41.33
N THR B 136 2.20 -13.46 -40.31
CA THR B 136 0.88 -12.84 -40.44
C THR B 136 0.98 -11.32 -40.55
N GLN B 137 1.86 -10.70 -39.77
CA GLN B 137 2.02 -9.25 -39.89
C GLN B 137 2.53 -8.87 -41.27
N LEU B 138 3.52 -9.59 -41.77
CA LEU B 138 4.04 -9.27 -43.10
C LEU B 138 2.96 -9.46 -44.15
N GLY B 139 2.07 -10.44 -43.97
CA GLY B 139 0.96 -10.60 -44.90
C GLY B 139 -0.04 -9.46 -44.82
N LEU B 140 -0.28 -8.96 -43.61
CA LEU B 140 -1.22 -7.87 -43.42
C LEU B 140 -0.72 -6.60 -44.09
N ILE B 141 0.59 -6.36 -44.03
CA ILE B 141 1.13 -5.18 -44.69
C ILE B 141 0.77 -5.21 -46.17
N GLN B 142 0.82 -6.39 -46.80
CA GLN B 142 0.46 -6.47 -48.21
C GLN B 142 -1.04 -6.34 -48.43
N LYS B 143 -1.86 -6.80 -47.48
CA LYS B 143 -3.30 -6.78 -47.68
C LYS B 143 -3.90 -5.41 -47.42
N VAL B 144 -3.45 -4.73 -46.36
CA VAL B 144 -4.03 -3.45 -46.01
C VAL B 144 -3.17 -2.26 -46.42
N GLY B 145 -1.94 -2.50 -46.89
CA GLY B 145 -1.02 -1.42 -47.21
C GLY B 145 -0.25 -0.92 -46.00
N LEU B 146 0.98 -0.47 -46.21
CA LEU B 146 1.85 -0.11 -45.10
C LEU B 146 1.26 1.02 -44.24
N GLU B 147 0.69 2.05 -44.89
CA GLU B 147 0.19 3.20 -44.13
C GLU B 147 -0.96 2.81 -43.21
N ASN B 148 -1.90 1.99 -43.68
CA ASN B 148 -2.93 1.48 -42.79
C ASN B 148 -2.33 0.55 -41.73
N TYR B 149 -1.42 -0.33 -42.12
CA TYR B 149 -0.84 -1.25 -41.13
C TYR B 149 -0.22 -0.48 -39.98
N LEU B 150 0.57 0.55 -40.30
CA LEU B 150 1.20 1.37 -39.27
C LEU B 150 0.14 2.15 -38.48
N GLN B 151 -0.84 2.70 -39.17
CA GLN B 151 -1.92 3.38 -38.46
C GLN B 151 -2.55 2.48 -37.42
N SER B 152 -2.82 1.24 -37.80
CA SER B 152 -3.47 0.32 -36.87
C SER B 152 -2.60 -0.01 -35.67
N HIS B 153 -1.33 0.36 -35.68
CA HIS B 153 -0.44 0.01 -34.57
C HIS B 153 0.03 1.26 -33.82
N MET B 154 -0.65 2.38 -34.03
CA MET B 154 -0.32 3.60 -33.30
C MET B 154 -0.74 3.52 -31.84
N HIS B 155 -1.99 3.19 -31.58
CA HIS B 155 -2.52 3.30 -30.21
C HIS B 155 -2.70 1.94 -29.54
N MET C 1 11.83 35.18 1.60
CA MET C 1 13.33 35.05 1.65
C MET C 1 13.90 35.76 0.41
N LYS C 2 14.83 36.69 0.59
CA LYS C 2 15.28 37.52 -0.52
C LYS C 2 16.05 36.69 -1.53
N GLY C 3 15.53 36.60 -2.75
CA GLY C 3 16.18 35.83 -3.77
C GLY C 3 17.11 36.70 -4.60
N ASP C 4 17.90 36.03 -5.42
CA ASP C 4 18.78 36.69 -6.38
C ASP C 4 17.97 37.40 -7.46
N LYS C 5 18.37 38.65 -7.77
CA LYS C 5 17.59 39.45 -8.74
C LYS C 5 17.60 38.82 -10.11
N LYS C 6 18.74 38.30 -10.57
CA LYS C 6 18.76 37.68 -11.89
C LYS C 6 18.06 36.32 -11.92
N VAL C 7 18.06 35.58 -10.82
CA VAL C 7 17.22 34.37 -10.75
C VAL C 7 15.75 34.74 -10.98
N ILE C 8 15.26 35.76 -10.28
CA ILE C 8 13.86 36.21 -10.46
C ILE C 8 13.62 36.62 -11.91
N GLN C 9 14.56 37.36 -12.52
CA GLN C 9 14.45 37.68 -13.94
C GLN C 9 14.35 36.43 -14.80
N HIS C 10 15.20 35.43 -14.53
CA HIS C 10 15.09 34.17 -15.26
C HIS C 10 13.75 33.48 -15.01
N LEU C 11 13.30 33.41 -13.74
CA LEU C 11 12.02 32.78 -13.47
C LEU C 11 10.89 33.48 -14.21
N ASN C 12 10.93 34.81 -14.26
CA ASN C 12 9.92 35.55 -15.00
C ASN C 12 9.99 35.31 -16.50
N LYS C 13 11.19 35.05 -17.05
CA LYS C 13 11.27 34.70 -18.46
C LYS C 13 10.64 33.35 -18.74
N ILE C 14 10.91 32.36 -17.88
CA ILE C 14 10.32 31.03 -18.02
C ILE C 14 8.79 31.14 -17.90
N LEU C 15 8.32 31.84 -16.87
CA LEU C 15 6.89 32.11 -16.70
C LEU C 15 6.30 32.73 -17.96
N GLY C 16 6.97 33.76 -18.49
CA GLY C 16 6.49 34.35 -19.74
C GLY C 16 6.37 33.33 -20.87
N ASN C 17 7.32 32.41 -20.96
CA ASN C 17 7.17 31.33 -21.93
C ASN C 17 5.98 30.43 -21.62
N GLU C 18 5.76 30.11 -20.34
CA GLU C 18 4.61 29.26 -20.00
C GLU C 18 3.29 29.96 -20.32
N LEU C 19 3.22 31.28 -20.11
CA LEU C 19 1.99 32.02 -20.39
C LEU C 19 1.65 31.99 -21.87
N ILE C 20 2.65 32.10 -22.74
CA ILE C 20 2.42 31.96 -24.17
C ILE C 20 1.89 30.57 -24.46
N ALA C 21 2.53 29.55 -23.87
CA ALA C 21 2.20 28.16 -24.17
C ALA C 21 0.79 27.83 -23.73
N ILE C 22 0.39 28.31 -22.56
CA ILE C 22 -0.98 28.14 -22.08
C ILE C 22 -1.98 28.55 -23.17
N ASN C 23 -1.85 29.78 -23.64
CA ASN C 23 -2.80 30.32 -24.62
C ASN C 23 -2.66 29.64 -25.96
N GLN C 24 -1.44 29.44 -26.43
CA GLN C 24 -1.26 28.79 -27.72
C GLN C 24 -1.86 27.38 -27.71
N TYR C 25 -1.52 26.58 -26.68
CA TYR C 25 -2.07 25.23 -26.57
C TYR C 25 -3.58 25.24 -26.34
N PHE C 26 -4.10 26.20 -25.58
CA PHE C 26 -5.54 26.19 -25.35
C PHE C 26 -6.29 26.48 -26.64
N LEU C 27 -5.83 27.44 -27.43
CA LEU C 27 -6.50 27.75 -28.70
C LEU C 27 -6.37 26.59 -29.67
N HIS C 28 -5.16 26.03 -29.81
CA HIS C 28 -4.98 24.88 -30.68
C HIS C 28 -5.94 23.75 -30.30
N SER C 29 -6.10 23.52 -29.00
CA SER C 29 -7.00 22.47 -28.52
C SER C 29 -8.43 22.75 -29.00
N ARG C 30 -8.89 23.98 -28.81
CA ARG C 30 -10.27 24.33 -29.17
C ARG C 30 -10.46 24.36 -30.68
N MET C 31 -9.41 24.68 -31.43
CA MET C 31 -9.47 24.56 -32.89
C MET C 31 -9.62 23.10 -33.30
N TRP C 32 -8.79 22.21 -32.74
CA TRP C 32 -8.90 20.81 -33.09
C TRP C 32 -10.28 20.26 -32.69
N ASN C 33 -10.77 20.64 -31.51
CA ASN C 33 -12.12 20.21 -31.13
C ASN C 33 -13.15 20.71 -32.14
N ASP C 34 -13.08 21.99 -32.52
CA ASP C 34 -14.03 22.54 -33.50
C ASP C 34 -13.97 21.77 -34.82
N TRP C 35 -12.79 21.35 -35.23
CA TRP C 35 -12.64 20.62 -36.49
C TRP C 35 -13.01 19.15 -36.36
N GLY C 36 -13.42 18.70 -35.17
CA GLY C 36 -13.78 17.32 -34.97
C GLY C 36 -12.62 16.40 -34.70
N LEU C 37 -11.42 16.92 -34.47
CA LEU C 37 -10.26 16.10 -34.17
C LEU C 37 -10.08 16.06 -32.65
N LYS C 38 -11.00 15.35 -32.00
CA LYS C 38 -11.14 15.49 -30.55
C LYS C 38 -10.03 14.79 -29.76
N ARG C 39 -9.36 13.79 -30.31
CA ARG C 39 -8.21 13.21 -29.61
C ARG C 39 -7.05 14.18 -29.52
N LEU C 40 -6.80 14.92 -30.61
CA LEU C 40 -5.83 16.02 -30.57
C LEU C 40 -6.31 17.13 -29.66
N GLY C 41 -7.57 17.52 -29.76
CA GLY C 41 -8.07 18.56 -28.88
C GLY C 41 -7.87 18.23 -27.41
N ALA C 42 -8.23 16.99 -27.02
CA ALA C 42 -8.08 16.56 -25.63
C ALA C 42 -6.63 16.54 -25.19
N HIS C 43 -5.74 15.99 -26.02
CA HIS C 43 -4.34 15.92 -25.64
C HIS C 43 -3.75 17.32 -25.48
N GLU C 44 -4.06 18.22 -26.42
CA GLU C 44 -3.55 19.59 -26.38
C GLU C 44 -4.14 20.36 -25.20
N TYR C 45 -5.39 20.08 -24.84
CA TYR C 45 -5.96 20.63 -23.61
C TYR C 45 -5.14 20.22 -22.39
N HIS C 46 -4.80 18.94 -22.26
CA HIS C 46 -3.94 18.52 -21.14
C HIS C 46 -2.56 19.14 -21.20
N GLU C 47 -2.00 19.35 -22.40
CA GLU C 47 -0.74 20.09 -22.47
C GLU C 47 -0.90 21.49 -21.89
N SER C 48 -2.02 22.15 -22.19
CA SER C 48 -2.24 23.50 -21.69
C SER C 48 -2.38 23.52 -20.19
N ILE C 49 -3.14 22.57 -19.63
CA ILE C 49 -3.28 22.43 -18.18
C ILE C 49 -1.91 22.24 -17.53
N ASP C 50 -1.07 21.40 -18.12
CA ASP C 50 0.25 21.17 -17.57
C ASP C 50 1.09 22.46 -17.54
N GLU C 51 0.96 23.32 -18.56
CA GLU C 51 1.66 24.61 -18.54
C GLU C 51 1.08 25.52 -17.45
N MET C 52 -0.22 25.46 -17.24
CA MET C 52 -0.83 26.25 -16.17
C MET C 52 -0.27 25.87 -14.81
N LYS C 53 -0.08 24.57 -14.58
CA LYS C 53 0.48 24.08 -13.32
C LYS C 53 1.94 24.52 -13.15
N HIS C 54 2.75 24.44 -14.21
CA HIS C 54 4.12 24.99 -14.16
C HIS C 54 4.11 26.48 -13.84
N ALA C 55 3.26 27.26 -14.53
CA ALA C 55 3.17 28.69 -14.25
C ALA C 55 2.81 28.94 -12.78
N ASP C 56 1.85 28.18 -12.24
CA ASP C 56 1.51 28.30 -10.82
C ASP C 56 2.75 28.14 -9.96
N LYS C 57 3.51 27.07 -10.16
CA LYS C 57 4.69 26.87 -9.34
C LYS C 57 5.70 28.00 -9.51
N LEU C 58 5.90 28.47 -10.73
CA LEU C 58 6.83 29.58 -10.94
C LEU C 58 6.39 30.83 -10.20
N ILE C 59 5.10 31.17 -10.29
CA ILE C 59 4.54 32.33 -9.59
C ILE C 59 4.77 32.19 -8.09
N GLU C 60 4.48 31.00 -7.54
CA GLU C 60 4.64 30.80 -6.11
C GLU C 60 6.11 30.95 -5.71
N ARG C 61 7.03 30.46 -6.55
CA ARG C 61 8.45 30.54 -6.24
C ARG C 61 8.95 31.98 -6.30
N ILE C 62 8.51 32.75 -7.30
CA ILE C 62 8.92 34.15 -7.42
C ILE C 62 8.48 34.94 -6.20
N LEU C 63 7.24 34.74 -5.75
CA LEU C 63 6.75 35.46 -4.59
C LEU C 63 7.50 35.09 -3.34
N PHE C 64 7.77 33.79 -3.13
CA PHE C 64 8.58 33.38 -2.00
C PHE C 64 9.94 34.09 -2.01
N LEU C 65 10.55 34.25 -3.18
CA LEU C 65 11.84 34.95 -3.30
C LEU C 65 11.70 36.47 -3.28
N GLU C 66 10.50 36.98 -3.01
CA GLU C 66 10.22 38.40 -2.82
C GLU C 66 10.35 39.20 -4.12
N GLY C 67 10.03 38.55 -5.24
CA GLY C 67 9.93 39.20 -6.51
C GLY C 67 8.48 39.41 -6.94
N LEU C 68 8.33 40.08 -8.08
CA LEU C 68 7.03 40.36 -8.69
C LEU C 68 6.83 39.46 -9.90
N PRO C 69 5.93 38.49 -9.87
CA PRO C 69 5.69 37.67 -11.07
C PRO C 69 5.07 38.52 -12.15
N ASN C 70 5.58 38.38 -13.36
CA ASN C 70 5.10 39.18 -14.48
C ASN C 70 4.04 38.38 -15.23
N LEU C 71 2.78 38.73 -15.00
CA LEU C 71 1.67 38.17 -15.77
C LEU C 71 1.10 39.18 -16.76
N GLN C 72 1.75 40.33 -16.91
CA GLN C 72 1.26 41.39 -17.77
C GLN C 72 1.76 41.27 -19.18
N ASP C 73 3.01 40.89 -19.34
CA ASP C 73 3.61 40.84 -20.66
C ASP C 73 3.34 39.47 -21.25
N LEU C 74 2.86 39.46 -22.48
CA LEU C 74 2.54 38.23 -23.18
C LEU C 74 3.23 38.31 -24.52
N GLY C 75 4.13 37.36 -24.79
CA GLY C 75 4.84 37.28 -26.03
C GLY C 75 3.97 36.77 -27.17
N LYS C 76 4.62 36.54 -28.30
CA LYS C 76 3.93 36.25 -29.55
C LYS C 76 3.49 34.78 -29.54
N LEU C 77 2.18 34.56 -29.68
CA LEU C 77 1.64 33.22 -29.88
C LEU C 77 1.92 32.74 -31.29
N LEU C 78 2.27 31.45 -31.42
CA LEU C 78 2.51 30.85 -32.73
C LEU C 78 1.33 29.95 -33.04
N ILE C 79 0.38 30.44 -33.84
CA ILE C 79 -0.86 29.73 -34.14
C ILE C 79 -0.76 29.22 -35.57
N GLY C 80 -0.84 27.91 -35.74
CA GLY C 80 -0.85 27.35 -37.07
C GLY C 80 -2.24 27.43 -37.73
N GLU C 81 -2.24 27.17 -39.05
CA GLU C 81 -3.47 27.21 -39.83
C GLU C 81 -3.97 25.83 -40.24
N ASN C 82 -3.21 24.77 -39.93
CA ASN C 82 -3.60 23.39 -40.14
C ASN C 82 -2.80 22.53 -39.16
N THR C 83 -3.14 21.23 -39.11
CA THR C 83 -2.64 20.38 -38.03
C THR C 83 -1.12 20.31 -38.04
N GLN C 84 -0.53 20.10 -39.21
CA GLN C 84 0.93 20.03 -39.26
C GLN C 84 1.58 21.31 -38.78
N GLU C 85 1.05 22.47 -39.22
CA GLU C 85 1.63 23.75 -38.80
C GLU C 85 1.48 23.97 -37.30
N MET C 86 0.31 23.63 -36.76
CA MET C 86 0.05 23.75 -35.32
C MET C 86 1.06 22.93 -34.51
N LEU C 87 1.30 21.68 -34.92
CA LEU C 87 2.27 20.85 -34.21
C LEU C 87 3.66 21.46 -34.31
N GLN C 88 4.03 21.95 -35.51
CA GLN C 88 5.35 22.56 -35.68
C GLN C 88 5.47 23.83 -34.85
N CYS C 89 4.40 24.62 -34.76
CA CYS C 89 4.40 25.82 -33.93
C CYS C 89 4.60 25.48 -32.45
N ASP C 90 3.90 24.44 -31.96
CA ASP C 90 4.12 23.96 -30.60
C ASP C 90 5.58 23.57 -30.40
N LEU C 91 6.15 22.86 -31.38
CA LEU C 91 7.51 22.38 -31.23
C LEU C 91 8.49 23.55 -31.25
N ASN C 92 8.30 24.53 -32.14
CA ASN C 92 9.15 25.71 -32.15
C ASN C 92 9.11 26.46 -30.82
N LEU C 93 7.91 26.64 -30.26
CA LEU C 93 7.80 27.24 -28.94
C LEU C 93 8.54 26.43 -27.88
N GLU C 94 8.39 25.11 -27.89
CA GLU C 94 9.02 24.28 -26.87
C GLU C 94 10.55 24.36 -26.95
N LEU C 95 11.10 24.42 -28.17
CA LEU C 95 12.56 24.47 -28.32
C LEU C 95 13.13 25.78 -27.80
N LYS C 96 12.42 26.89 -28.03
CA LYS C 96 12.76 28.13 -27.35
C LYS C 96 12.64 27.97 -25.85
N ALA C 97 11.56 27.32 -25.38
CA ALA C 97 11.34 27.17 -23.95
C ALA C 97 12.48 26.41 -23.27
N THR C 98 12.97 25.32 -23.89
CA THR C 98 13.98 24.52 -23.22
C THR C 98 15.35 25.21 -23.26
N LYS C 99 15.66 25.96 -24.31
CA LYS C 99 16.88 26.79 -24.29
C LYS C 99 16.84 27.74 -23.11
N ASP C 100 15.70 28.44 -22.91
CA ASP C 100 15.63 29.38 -21.80
C ASP C 100 15.71 28.66 -20.45
N LEU C 101 15.13 27.46 -20.36
CA LEU C 101 15.23 26.68 -19.12
C LEU C 101 16.67 26.32 -18.80
N ARG C 102 17.46 25.90 -19.80
CA ARG C 102 18.85 25.53 -19.54
C ARG C 102 19.67 26.73 -19.06
N GLU C 103 19.46 27.90 -19.66
CA GLU C 103 20.16 29.12 -19.23
C GLU C 103 19.75 29.53 -17.81
N ALA C 104 18.48 29.40 -17.47
CA ALA C 104 18.02 29.70 -16.11
C ALA C 104 18.64 28.74 -15.09
N ILE C 105 18.74 27.46 -15.46
CA ILE C 105 19.32 26.48 -14.56
C ILE C 105 20.78 26.79 -14.31
N VAL C 106 21.53 27.14 -15.38
CA VAL C 106 22.92 27.58 -15.20
C VAL C 106 22.99 28.67 -14.15
N HIS C 107 22.11 29.68 -14.24
CA HIS C 107 22.25 30.80 -13.32
C HIS C 107 21.88 30.42 -11.89
N CYS C 108 20.85 29.58 -11.72
CA CYS C 108 20.50 29.12 -10.38
C CYS C 108 21.65 28.36 -9.74
N GLU C 109 22.31 27.51 -10.54
CA GLU C 109 23.45 26.76 -10.02
C GLU C 109 24.54 27.73 -9.55
N GLN C 110 24.83 28.75 -10.33
CA GLN C 110 25.90 29.68 -9.98
C GLN C 110 25.61 30.49 -8.73
N VAL C 111 24.36 30.85 -8.45
CA VAL C 111 24.08 31.56 -7.20
C VAL C 111 23.61 30.62 -6.10
N HIS C 112 23.72 29.31 -6.31
CA HIS C 112 23.42 28.30 -5.29
C HIS C 112 21.95 28.23 -4.92
N ASP C 113 21.08 28.60 -5.86
CA ASP C 113 19.63 28.51 -5.62
C ASP C 113 19.17 27.15 -6.13
N TYR C 114 19.55 26.12 -5.35
CA TYR C 114 19.39 24.75 -5.78
C TYR C 114 17.91 24.33 -5.80
N VAL C 115 17.06 24.97 -5.00
CA VAL C 115 15.63 24.65 -5.02
C VAL C 115 14.98 25.19 -6.29
N SER C 116 15.33 26.42 -6.70
CA SER C 116 14.85 26.94 -7.99
C SER C 116 15.35 26.06 -9.14
N ARG C 117 16.61 25.63 -9.09
CA ARG C 117 17.10 24.73 -10.13
C ARG C 117 16.26 23.44 -10.20
N ASP C 118 15.90 22.89 -9.04
CA ASP C 118 15.18 21.62 -9.03
C ASP C 118 13.79 21.77 -9.63
N LEU C 119 13.12 22.88 -9.33
CA LEU C 119 11.84 23.16 -9.97
C LEU C 119 11.99 23.27 -11.48
N LEU C 120 13.00 24.03 -11.94
CA LEU C 120 13.21 24.21 -13.38
C LEU C 120 13.57 22.90 -14.04
N LYS C 121 14.31 22.04 -13.35
CA LYS C 121 14.63 20.75 -13.90
C LYS C 121 13.37 19.89 -14.08
N ASP C 122 12.44 19.95 -13.11
CA ASP C 122 11.18 19.23 -13.27
C ASP C 122 10.37 19.76 -14.45
N ILE C 123 10.31 21.09 -14.61
CA ILE C 123 9.63 21.69 -15.75
C ILE C 123 10.30 21.28 -17.06
N LEU C 124 11.63 21.25 -17.07
CA LEU C 124 12.37 20.84 -18.27
C LEU C 124 12.08 19.41 -18.65
N GLU C 125 11.98 18.51 -17.67
CA GLU C 125 11.57 17.13 -17.95
C GLU C 125 10.19 17.09 -18.62
N SER C 126 9.24 17.88 -18.11
CA SER C 126 7.92 17.92 -18.73
CA SER C 126 7.92 17.92 -18.74
C SER C 126 7.97 18.47 -20.15
N GLU C 127 8.75 19.55 -20.36
CA GLU C 127 8.86 20.11 -21.70
C GLU C 127 9.55 19.13 -22.65
N GLU C 128 10.54 18.37 -22.18
CA GLU C 128 11.17 17.43 -23.10
C GLU C 128 10.21 16.28 -23.44
N GLU C 129 9.34 15.90 -22.49
CA GLU C 129 8.31 14.93 -22.84
C GLU C 129 7.36 15.48 -23.90
N HIS C 130 7.02 16.77 -23.83
CA HIS C 130 6.16 17.36 -24.85
C HIS C 130 6.87 17.40 -26.19
N ILE C 131 8.18 17.71 -26.20
CA ILE C 131 8.95 17.66 -27.44
C ILE C 131 8.90 16.25 -28.04
N ASP C 132 9.08 15.24 -27.20
CA ASP C 132 9.01 13.86 -27.69
C ASP C 132 7.66 13.60 -28.36
N TYR C 133 6.58 13.96 -27.68
CA TYR C 133 5.24 13.81 -28.26
C TYR C 133 5.14 14.50 -29.61
N LEU C 134 5.56 15.77 -29.68
CA LEU C 134 5.40 16.55 -30.90
C LEU C 134 6.20 15.99 -32.07
N GLU C 135 7.49 15.71 -31.85
CA GLU C 135 8.32 15.12 -32.90
C GLU C 135 7.74 13.81 -33.37
N THR C 136 7.21 13.03 -32.44
CA THR C 136 6.62 11.74 -32.79
C THR C 136 5.35 11.93 -33.62
N GLN C 137 4.50 12.89 -33.25
CA GLN C 137 3.32 13.17 -34.09
C GLN C 137 3.72 13.58 -35.51
N LEU C 138 4.71 14.48 -35.64
CA LEU C 138 5.12 14.91 -36.96
C LEU C 138 5.72 13.75 -37.76
N GLY C 139 6.44 12.86 -37.08
CA GLY C 139 6.93 11.66 -37.75
C GLY C 139 5.81 10.71 -38.15
N LEU C 140 4.77 10.58 -37.33
CA LEU C 140 3.68 9.67 -37.69
C LEU C 140 2.95 10.17 -38.94
N ILE C 141 2.82 11.49 -39.08
CA ILE C 141 2.15 12.03 -40.26
C ILE C 141 2.85 11.55 -41.51
N GLN C 142 4.20 11.48 -41.47
CA GLN C 142 4.99 11.03 -42.61
C GLN C 142 4.89 9.53 -42.81
N LYS C 143 4.75 8.75 -41.73
CA LYS C 143 4.70 7.29 -41.88
C LYS C 143 3.32 6.81 -42.29
N VAL C 144 2.24 7.38 -41.73
CA VAL C 144 0.89 6.86 -42.01
C VAL C 144 0.13 7.70 -43.01
N GLY C 145 0.64 8.88 -43.37
CA GLY C 145 -0.08 9.83 -44.21
C GLY C 145 -0.98 10.74 -43.39
N LEU C 146 -1.14 11.97 -43.89
CA LEU C 146 -1.90 12.98 -43.16
C LEU C 146 -3.35 12.55 -42.97
N GLU C 147 -3.99 12.00 -44.01
CA GLU C 147 -5.40 11.61 -43.89
C GLU C 147 -5.60 10.54 -42.81
N ASN C 148 -4.76 9.49 -42.80
CA ASN C 148 -4.85 8.51 -41.71
C ASN C 148 -4.53 9.14 -40.36
N TYR C 149 -3.49 9.99 -40.31
CA TYR C 149 -3.12 10.57 -39.03
C TYR C 149 -4.32 11.30 -38.43
N LEU C 150 -4.96 12.12 -39.25
CA LEU C 150 -6.11 12.87 -38.77
C LEU C 150 -7.24 11.94 -38.42
N GLN C 151 -7.46 10.90 -39.24
CA GLN C 151 -8.52 9.93 -38.93
C GLN C 151 -8.33 9.34 -37.55
N SER C 152 -7.08 8.99 -37.22
CA SER C 152 -6.79 8.37 -35.92
C SER C 152 -6.99 9.31 -34.75
N HIS C 153 -7.19 10.61 -35.01
CA HIS C 153 -7.40 11.57 -33.93
C HIS C 153 -8.81 12.17 -33.93
N MET C 154 -9.75 11.54 -34.62
CA MET C 154 -11.14 12.00 -34.61
C MET C 154 -11.84 11.69 -33.29
N HIS C 155 -11.69 10.48 -32.78
CA HIS C 155 -12.52 10.04 -31.65
C HIS C 155 -11.73 9.85 -30.35
N MET D 1 -13.44 -3.70 56.02
CA MET D 1 -12.08 -3.80 56.63
C MET D 1 -11.82 -2.52 57.41
N LYS D 2 -11.65 -2.62 58.73
CA LYS D 2 -11.61 -1.41 59.54
C LYS D 2 -10.38 -0.57 59.23
N GLY D 3 -10.63 0.64 58.74
CA GLY D 3 -9.58 1.58 58.42
C GLY D 3 -9.09 2.35 59.65
N ASP D 4 -7.94 2.98 59.47
CA ASP D 4 -7.40 3.93 60.44
C ASP D 4 -8.32 5.13 60.56
N LYS D 5 -8.62 5.51 61.80
CA LYS D 5 -9.57 6.59 62.03
C LYS D 5 -9.11 7.90 61.38
N LYS D 6 -7.82 8.24 61.54
CA LYS D 6 -7.34 9.49 60.97
C LYS D 6 -7.26 9.42 59.46
N VAL D 7 -7.02 8.24 58.87
CA VAL D 7 -7.12 8.13 57.41
C VAL D 7 -8.53 8.50 56.95
N ILE D 8 -9.54 7.95 57.63
CA ILE D 8 -10.92 8.22 57.23
C ILE D 8 -11.24 9.70 57.38
N GLN D 9 -10.76 10.33 58.46
CA GLN D 9 -10.94 11.77 58.60
C GLN D 9 -10.31 12.53 57.43
N HIS D 10 -9.09 12.15 56.99
CA HIS D 10 -8.45 12.80 55.85
C HIS D 10 -9.27 12.59 54.59
N LEU D 11 -9.72 11.36 54.38
CA LEU D 11 -10.53 11.04 53.20
C LEU D 11 -11.82 11.86 53.19
N ASN D 12 -12.45 12.03 54.35
CA ASN D 12 -13.64 12.88 54.42
C ASN D 12 -13.32 14.35 54.17
N LYS D 13 -12.12 14.81 54.54
CA LYS D 13 -11.76 16.18 54.22
C LYS D 13 -11.55 16.34 52.72
N ILE D 14 -10.87 15.39 52.10
CA ILE D 14 -10.72 15.43 50.64
C ILE D 14 -12.08 15.40 49.97
N LEU D 15 -12.96 14.52 50.46
CA LEU D 15 -14.30 14.41 49.89
C LEU D 15 -15.05 15.73 50.03
N GLY D 16 -14.87 16.41 51.16
CA GLY D 16 -15.49 17.72 51.33
C GLY D 16 -15.03 18.73 50.31
N ASN D 17 -13.73 18.73 49.99
CA ASN D 17 -13.23 19.61 48.95
C ASN D 17 -13.82 19.26 47.60
N GLU D 18 -13.94 17.96 47.29
CA GLU D 18 -14.55 17.56 46.03
C GLU D 18 -16.01 18.01 45.94
N LEU D 19 -16.74 17.93 47.05
CA LEU D 19 -18.15 18.32 47.03
C LEU D 19 -18.31 19.81 46.77
N ILE D 20 -17.43 20.63 47.35
CA ILE D 20 -17.39 22.05 47.00
C ILE D 20 -17.14 22.22 45.51
N ALA D 21 -16.09 21.56 45.00
CA ALA D 21 -15.74 21.71 43.59
C ALA D 21 -16.89 21.34 42.67
N ILE D 22 -17.58 20.25 42.97
CA ILE D 22 -18.70 19.81 42.11
C ILE D 22 -19.64 20.98 41.89
N ASN D 23 -20.09 21.59 42.99
CA ASN D 23 -21.10 22.63 42.93
C ASN D 23 -20.55 23.93 42.34
N GLN D 24 -19.33 24.30 42.74
CA GLN D 24 -18.68 25.51 42.22
C GLN D 24 -18.49 25.42 40.71
N TYR D 25 -17.91 24.32 40.23
CA TYR D 25 -17.72 24.16 38.78
C TYR D 25 -19.05 23.99 38.05
N PHE D 26 -20.02 23.32 38.66
CA PHE D 26 -21.29 23.16 37.95
C PHE D 26 -21.98 24.51 37.78
N LEU D 27 -21.98 25.33 38.84
CA LEU D 27 -22.60 26.63 38.73
C LEU D 27 -21.85 27.53 37.74
N HIS D 28 -20.52 27.55 37.83
CA HIS D 28 -19.73 28.29 36.85
C HIS D 28 -20.03 27.85 35.43
N SER D 29 -20.12 26.53 35.21
CA SER D 29 -20.44 26.02 33.89
C SER D 29 -21.76 26.60 33.39
N ARG D 30 -22.79 26.58 34.25
CA ARG D 30 -24.12 27.02 33.81
C ARG D 30 -24.17 28.53 33.67
N MET D 31 -23.38 29.26 34.46
CA MET D 31 -23.27 30.70 34.24
C MET D 31 -22.63 30.99 32.89
N TRP D 32 -21.55 30.29 32.57
CA TRP D 32 -20.91 30.50 31.28
C TRP D 32 -21.86 30.15 30.13
N ASN D 33 -22.60 29.06 30.26
CA ASN D 33 -23.55 28.74 29.20
C ASN D 33 -24.58 29.85 29.07
N ASP D 34 -25.12 30.32 30.19
CA ASP D 34 -26.09 31.40 30.15
C ASP D 34 -25.52 32.65 29.48
N TRP D 35 -24.20 32.88 29.62
CA TRP D 35 -23.58 34.05 29.01
C TRP D 35 -23.24 33.85 27.54
N GLY D 36 -23.49 32.68 26.98
CA GLY D 36 -23.09 32.48 25.60
C GLY D 36 -21.66 32.04 25.42
N LEU D 37 -20.96 31.73 26.50
CA LEU D 37 -19.57 31.29 26.42
C LEU D 37 -19.52 29.77 26.55
N LYS D 38 -20.03 29.13 25.49
CA LYS D 38 -20.37 27.71 25.58
C LYS D 38 -19.15 26.80 25.61
N ARG D 39 -18.01 27.24 25.09
CA ARG D 39 -16.84 26.38 25.17
C ARG D 39 -16.32 26.32 26.60
N LEU D 40 -16.40 27.46 27.31
CA LEU D 40 -16.07 27.46 28.73
C LEU D 40 -17.08 26.66 29.52
N GLY D 41 -18.35 26.79 29.15
CA GLY D 41 -19.40 26.06 29.85
C GLY D 41 -19.20 24.57 29.74
N ALA D 42 -18.89 24.08 28.55
CA ALA D 42 -18.70 22.65 28.36
C ALA D 42 -17.47 22.15 29.11
N HIS D 43 -16.36 22.89 29.03
CA HIS D 43 -15.16 22.43 29.71
C HIS D 43 -15.38 22.39 31.21
N GLU D 44 -16.05 23.40 31.75
CA GLU D 44 -16.26 23.46 33.19
C GLU D 44 -17.24 22.38 33.65
N TYR D 45 -18.22 22.05 32.80
CA TYR D 45 -19.09 20.91 33.04
C TYR D 45 -18.27 19.63 33.21
N HIS D 46 -17.33 19.39 32.30
CA HIS D 46 -16.51 18.19 32.39
C HIS D 46 -15.62 18.23 33.63
N GLU D 47 -15.15 19.41 34.04
CA GLU D 47 -14.43 19.49 35.31
C GLU D 47 -15.34 19.09 36.48
N SER D 48 -16.60 19.50 36.43
CA SER D 48 -17.53 19.15 37.50
C SER D 48 -17.75 17.64 37.53
N ILE D 49 -17.97 17.05 36.36
CA ILE D 49 -18.18 15.61 36.27
C ILE D 49 -16.95 14.86 36.80
N ASP D 50 -15.74 15.32 36.45
CA ASP D 50 -14.52 14.71 36.96
C ASP D 50 -14.47 14.72 38.48
N GLU D 51 -14.88 15.83 39.11
CA GLU D 51 -14.93 15.87 40.58
C GLU D 51 -15.98 14.92 41.15
N MET D 52 -17.13 14.78 40.47
CA MET D 52 -18.15 13.80 40.86
C MET D 52 -17.58 12.39 40.89
N LYS D 53 -16.77 12.03 39.88
CA LYS D 53 -16.21 10.70 39.83
C LYS D 53 -15.20 10.49 40.96
N HIS D 54 -14.40 11.51 41.26
CA HIS D 54 -13.49 11.44 42.41
C HIS D 54 -14.27 11.26 43.70
N ALA D 55 -15.33 12.05 43.88
CA ALA D 55 -16.16 11.92 45.07
C ALA D 55 -16.69 10.50 45.20
N ASP D 56 -17.14 9.92 44.09
CA ASP D 56 -17.62 8.55 44.11
C ASP D 56 -16.55 7.62 44.67
N LYS D 57 -15.34 7.68 44.12
CA LYS D 57 -14.29 6.76 44.56
C LYS D 57 -13.97 6.97 46.03
N LEU D 58 -13.97 8.23 46.51
CA LEU D 58 -13.71 8.48 47.93
C LEU D 58 -14.81 7.88 48.81
N ILE D 59 -16.07 8.09 48.43
CA ILE D 59 -17.20 7.50 49.14
C ILE D 59 -17.05 5.99 49.22
N GLU D 60 -16.73 5.36 48.09
CA GLU D 60 -16.58 3.92 48.04
C GLU D 60 -15.45 3.42 48.95
N ARG D 61 -14.33 4.14 48.99
CA ARG D 61 -13.20 3.74 49.83
C ARG D 61 -13.55 3.91 51.30
N ILE D 62 -14.16 5.05 51.65
CA ILE D 62 -14.54 5.29 53.04
C ILE D 62 -15.46 4.19 53.51
N LEU D 63 -16.42 3.78 52.67
CA LEU D 63 -17.35 2.75 53.08
C LEU D 63 -16.64 1.41 53.24
N PHE D 64 -15.71 1.09 52.35
CA PHE D 64 -14.93 -0.13 52.49
C PHE D 64 -14.17 -0.13 53.82
N LEU D 65 -13.65 1.01 54.21
CA LEU D 65 -12.91 1.13 55.45
C LEU D 65 -13.83 1.25 56.67
N GLU D 66 -15.14 1.13 56.44
CA GLU D 66 -16.14 1.09 57.50
C GLU D 66 -16.26 2.44 58.21
N GLY D 67 -15.96 3.52 57.47
CA GLY D 67 -16.26 4.86 57.91
C GLY D 67 -17.60 5.37 57.35
N LEU D 68 -17.95 6.59 57.79
CA LEU D 68 -19.14 7.29 57.34
C LEU D 68 -18.77 8.41 56.40
N PRO D 69 -19.07 8.31 55.10
CA PRO D 69 -18.73 9.38 54.17
C PRO D 69 -19.58 10.60 54.46
N ASN D 70 -18.95 11.73 54.66
CA ASN D 70 -19.68 12.94 55.03
C ASN D 70 -20.15 13.68 53.77
N LEU D 71 -21.43 13.53 53.44
CA LEU D 71 -22.06 14.30 52.37
C LEU D 71 -22.93 15.44 52.90
N GLN D 72 -22.97 15.66 54.22
CA GLN D 72 -23.84 16.65 54.84
C GLN D 72 -23.18 18.03 54.93
N ASP D 73 -21.90 18.05 55.22
CA ASP D 73 -21.19 19.28 55.49
C ASP D 73 -20.62 19.78 54.17
N LEU D 74 -21.12 20.92 53.74
CA LEU D 74 -20.66 21.59 52.53
C LEU D 74 -19.96 22.90 52.92
N GLY D 75 -18.69 23.02 52.56
CA GLY D 75 -17.92 24.23 52.79
C GLY D 75 -18.26 25.35 51.81
N LYS D 76 -17.49 26.42 51.91
CA LYS D 76 -17.80 27.64 51.20
C LYS D 76 -17.44 27.54 49.73
N LEU D 77 -18.42 27.80 48.86
CA LEU D 77 -18.19 27.87 47.44
C LEU D 77 -17.57 29.19 47.07
N LEU D 78 -16.60 29.16 46.16
CA LEU D 78 -15.93 30.38 45.69
C LEU D 78 -16.51 30.66 44.31
N ILE D 79 -17.57 31.49 44.26
CA ILE D 79 -18.28 31.78 43.02
C ILE D 79 -17.79 33.14 42.54
N GLY D 80 -17.28 33.19 41.31
CA GLY D 80 -16.93 34.47 40.74
C GLY D 80 -18.10 35.09 40.00
N GLU D 81 -17.92 36.33 39.58
CA GLU D 81 -18.97 37.05 38.85
C GLU D 81 -18.51 37.53 37.49
N ASN D 82 -17.32 37.13 37.06
CA ASN D 82 -16.83 37.40 35.71
C ASN D 82 -15.80 36.30 35.40
N THR D 83 -15.51 36.12 34.11
CA THR D 83 -14.75 34.94 33.67
C THR D 83 -13.40 34.84 34.39
N GLN D 84 -12.63 35.92 34.37
CA GLN D 84 -11.32 35.87 34.99
C GLN D 84 -11.42 35.52 36.47
N GLU D 85 -12.37 36.14 37.18
CA GLU D 85 -12.55 35.85 38.60
C GLU D 85 -13.00 34.40 38.84
N MET D 86 -13.86 33.85 37.95
CA MET D 86 -14.32 32.49 38.13
C MET D 86 -13.16 31.49 38.00
N LEU D 87 -12.30 31.70 37.00
CA LEU D 87 -11.12 30.86 36.84
C LEU D 87 -10.18 30.97 38.03
N GLN D 88 -10.03 32.17 38.57
CA GLN D 88 -9.15 32.34 39.73
C GLN D 88 -9.76 31.68 40.97
N CYS D 89 -11.11 31.73 41.11
CA CYS D 89 -11.77 31.04 42.20
C CYS D 89 -11.56 29.54 42.11
N ASP D 90 -11.65 28.99 40.91
CA ASP D 90 -11.38 27.57 40.73
C ASP D 90 -9.93 27.27 41.11
N LEU D 91 -9.01 28.13 40.69
CA LEU D 91 -7.60 27.89 40.99
C LEU D 91 -7.35 27.91 42.50
N ASN D 92 -7.89 28.91 43.19
CA ASN D 92 -7.71 29.00 44.63
C ASN D 92 -8.25 27.76 45.34
N LEU D 93 -9.40 27.26 44.89
CA LEU D 93 -9.94 26.02 45.46
C LEU D 93 -9.01 24.85 45.18
N GLU D 94 -8.50 24.73 43.95
CA GLU D 94 -7.62 23.61 43.63
C GLU D 94 -6.34 23.64 44.44
N LEU D 95 -5.78 24.83 44.69
CA LEU D 95 -4.56 24.92 45.48
C LEU D 95 -4.81 24.51 46.92
N LYS D 96 -5.97 24.83 47.46
CA LYS D 96 -6.31 24.31 48.79
C LYS D 96 -6.46 22.80 48.73
N ALA D 97 -7.12 22.30 47.68
CA ALA D 97 -7.37 20.88 47.57
C ALA D 97 -6.07 20.09 47.49
N THR D 98 -5.06 20.59 46.75
CA THR D 98 -3.85 19.79 46.63
C THR D 98 -3.02 19.85 47.91
N LYS D 99 -3.07 20.95 48.66
CA LYS D 99 -2.41 20.96 49.96
C LYS D 99 -3.01 19.91 50.87
N ASP D 100 -4.35 19.81 50.91
CA ASP D 100 -5.00 18.81 51.76
C ASP D 100 -4.67 17.39 51.30
N LEU D 101 -4.56 17.18 49.98
CA LEU D 101 -4.22 15.86 49.45
C LEU D 101 -2.81 15.45 49.88
N ARG D 102 -1.86 16.37 49.84
CA ARG D 102 -0.49 16.04 50.26
C ARG D 102 -0.44 15.67 51.73
N GLU D 103 -1.17 16.40 52.59
CA GLU D 103 -1.21 16.04 54.01
C GLU D 103 -1.87 14.68 54.22
N ALA D 104 -2.90 14.36 53.45
CA ALA D 104 -3.54 13.06 53.60
C ALA D 104 -2.60 11.94 53.16
N ILE D 105 -1.84 12.15 52.08
CA ILE D 105 -0.94 11.11 51.61
C ILE D 105 0.15 10.84 52.64
N VAL D 106 0.69 11.89 53.27
CA VAL D 106 1.69 11.71 54.33
C VAL D 106 1.16 10.76 55.39
N HIS D 107 -0.06 11.01 55.86
CA HIS D 107 -0.61 10.19 56.92
C HIS D 107 -0.87 8.77 56.43
N CYS D 108 -1.41 8.61 55.21
CA CYS D 108 -1.60 7.25 54.69
C CYS D 108 -0.29 6.47 54.67
N GLU D 109 0.80 7.15 54.27
CA GLU D 109 2.11 6.52 54.20
C GLU D 109 2.56 6.08 55.59
N GLN D 110 2.38 6.95 56.58
CA GLN D 110 2.83 6.66 57.94
C GLN D 110 2.13 5.43 58.54
N VAL D 111 0.85 5.22 58.24
CA VAL D 111 0.10 4.10 58.82
C VAL D 111 -0.06 2.95 57.83
N HIS D 112 0.68 2.97 56.72
CA HIS D 112 0.80 1.85 55.77
C HIS D 112 -0.48 1.58 55.00
N ASP D 113 -1.31 2.60 54.79
CA ASP D 113 -2.52 2.43 53.98
C ASP D 113 -2.17 2.83 52.57
N TYR D 114 -1.50 1.91 51.91
CA TYR D 114 -0.89 2.21 50.63
C TYR D 114 -1.94 2.30 49.53
N VAL D 115 -3.08 1.62 49.68
CA VAL D 115 -4.14 1.70 48.68
C VAL D 115 -4.85 3.05 48.77
N SER D 116 -5.13 3.53 49.98
CA SER D 116 -5.70 4.88 50.07
C SER D 116 -4.72 5.90 49.49
N ARG D 117 -3.42 5.74 49.77
CA ARG D 117 -2.44 6.66 49.19
C ARG D 117 -2.51 6.66 47.67
N ASP D 118 -2.62 5.49 47.06
CA ASP D 118 -2.64 5.39 45.61
C ASP D 118 -3.86 6.07 45.02
N LEU D 119 -5.01 5.90 45.66
CA LEU D 119 -6.20 6.62 45.25
C LEU D 119 -5.98 8.13 45.34
N LEU D 120 -5.42 8.60 46.46
CA LEU D 120 -5.21 10.04 46.61
C LEU D 120 -4.18 10.58 45.63
N LYS D 121 -3.16 9.78 45.33
CA LYS D 121 -2.19 10.19 44.32
C LYS D 121 -2.87 10.37 42.96
N ASP D 122 -3.79 9.45 42.61
CA ASP D 122 -4.45 9.56 41.31
C ASP D 122 -5.31 10.83 41.26
N ILE D 123 -5.99 11.13 42.36
CA ILE D 123 -6.79 12.34 42.42
C ILE D 123 -5.89 13.57 42.31
N LEU D 124 -4.75 13.55 43.00
CA LEU D 124 -3.82 14.68 42.96
C LEU D 124 -3.33 14.94 41.54
N GLU D 125 -2.99 13.88 40.82
CA GLU D 125 -2.65 14.01 39.40
C GLU D 125 -3.76 14.73 38.63
N SER D 126 -5.03 14.35 38.85
CA SER D 126 -6.12 15.04 38.17
CA SER D 126 -6.13 15.04 38.17
C SER D 126 -6.20 16.49 38.59
N GLU D 127 -6.04 16.78 39.88
CA GLU D 127 -6.16 18.16 40.33
C GLU D 127 -5.00 19.02 39.81
N GLU D 128 -3.78 18.47 39.75
CA GLU D 128 -2.67 19.21 39.15
C GLU D 128 -2.92 19.49 37.67
N GLU D 129 -3.51 18.54 36.94
CA GLU D 129 -3.88 18.81 35.56
C GLU D 129 -4.89 19.97 35.48
N HIS D 130 -5.85 20.01 36.41
CA HIS D 130 -6.78 21.12 36.45
C HIS D 130 -6.08 22.44 36.74
N ILE D 131 -5.16 22.44 37.71
CA ILE D 131 -4.36 23.63 37.96
C ILE D 131 -3.64 24.08 36.68
N ASP D 132 -3.05 23.13 35.95
CA ASP D 132 -2.38 23.47 34.70
C ASP D 132 -3.34 24.19 33.77
N TYR D 133 -4.51 23.59 33.56
CA TYR D 133 -5.53 24.21 32.72
C TYR D 133 -5.85 25.65 33.18
N LEU D 134 -6.13 25.83 34.47
CA LEU D 134 -6.53 27.13 35.01
C LEU D 134 -5.44 28.17 34.87
N GLU D 135 -4.23 27.84 35.35
CA GLU D 135 -3.11 28.75 35.19
C GLU D 135 -2.94 29.13 33.73
N THR D 136 -3.13 28.18 32.82
CA THR D 136 -2.93 28.44 31.41
C THR D 136 -4.00 29.40 30.86
N GLN D 137 -5.27 29.21 31.25
CA GLN D 137 -6.33 30.13 30.82
C GLN D 137 -6.06 31.54 31.33
N LEU D 138 -5.65 31.68 32.58
CA LEU D 138 -5.41 33.02 33.09
C LEU D 138 -4.26 33.69 32.34
N GLY D 139 -3.22 32.93 31.99
CA GLY D 139 -2.14 33.49 31.16
C GLY D 139 -2.59 33.84 29.76
N LEU D 140 -3.50 33.05 29.19
CA LEU D 140 -4.00 33.36 27.86
C LEU D 140 -4.77 34.68 27.86
N ILE D 141 -5.58 34.90 28.88
CA ILE D 141 -6.28 36.18 29.00
C ILE D 141 -5.28 37.33 28.92
N GLN D 142 -4.13 37.20 29.59
CA GLN D 142 -3.13 38.27 29.53
C GLN D 142 -2.49 38.38 28.16
N LYS D 143 -2.31 37.25 27.45
CA LYS D 143 -1.61 37.26 26.16
C LYS D 143 -2.49 37.70 24.99
N VAL D 144 -3.73 37.20 24.92
CA VAL D 144 -4.60 37.52 23.78
C VAL D 144 -5.58 38.66 24.06
N GLY D 145 -5.68 39.11 25.31
CA GLY D 145 -6.67 40.11 25.71
C GLY D 145 -7.99 39.48 26.10
N LEU D 146 -8.68 40.13 27.01
CA LEU D 146 -9.92 39.54 27.55
C LEU D 146 -10.99 39.37 26.47
N GLU D 147 -11.17 40.38 25.62
CA GLU D 147 -12.20 40.32 24.58
C GLU D 147 -11.97 39.15 23.63
N ASN D 148 -10.74 38.99 23.14
CA ASN D 148 -10.39 37.85 22.30
C ASN D 148 -10.53 36.53 23.03
N TYR D 149 -10.11 36.48 24.29
CA TYR D 149 -10.23 35.23 25.04
C TYR D 149 -11.69 34.80 25.15
N LEU D 150 -12.57 35.73 25.51
CA LEU D 150 -13.99 35.40 25.57
C LEU D 150 -14.53 35.04 24.19
N GLN D 151 -14.15 35.80 23.16
CA GLN D 151 -14.60 35.48 21.81
C GLN D 151 -14.26 34.04 21.42
N SER D 152 -13.06 33.59 21.75
CA SER D 152 -12.62 32.24 21.42
C SER D 152 -13.38 31.17 22.20
N HIS D 153 -14.15 31.54 23.21
CA HIS D 153 -14.89 30.56 23.98
C HIS D 153 -16.40 30.66 23.81
N MET D 154 -16.85 31.36 22.76
CA MET D 154 -18.28 31.49 22.47
C MET D 154 -18.88 30.21 21.89
N HIS D 155 -18.22 29.58 20.93
CA HIS D 155 -18.88 28.47 20.22
C HIS D 155 -18.29 27.12 20.60
N MET E 1 14.77 14.49 -30.58
CA MET E 1 15.53 15.73 -30.20
C MET E 1 17.01 15.45 -30.33
N LYS E 2 17.75 16.24 -31.12
CA LYS E 2 19.14 15.87 -31.43
C LYS E 2 19.98 16.07 -30.18
N GLY E 3 20.44 14.97 -29.60
CA GLY E 3 21.26 15.06 -28.41
C GLY E 3 22.72 15.32 -28.74
N ASP E 4 23.45 15.71 -27.70
CA ASP E 4 24.89 15.79 -27.74
C ASP E 4 25.52 14.43 -28.03
N LYS E 5 26.39 14.36 -29.03
CA LYS E 5 26.99 13.08 -29.41
C LYS E 5 27.73 12.43 -28.25
N LYS E 6 28.45 13.22 -27.47
CA LYS E 6 29.23 12.65 -26.36
C LYS E 6 28.34 12.23 -25.19
N VAL E 7 27.24 12.96 -24.92
CA VAL E 7 26.24 12.42 -23.99
C VAL E 7 25.81 11.02 -24.43
N ILE E 8 25.49 10.86 -25.72
CA ILE E 8 25.00 9.55 -26.19
C ILE E 8 26.08 8.49 -25.99
N GLN E 9 27.34 8.83 -26.25
CA GLN E 9 28.40 7.86 -25.99
C GLN E 9 28.44 7.48 -24.52
N HIS E 10 28.33 8.46 -23.61
CA HIS E 10 28.32 8.13 -22.20
C HIS E 10 27.12 7.26 -21.84
N LEU E 11 25.93 7.60 -22.36
CA LEU E 11 24.74 6.79 -22.09
C LEU E 11 24.93 5.36 -22.57
N ASN E 12 25.55 5.18 -23.73
CA ASN E 12 25.85 3.84 -24.23
C ASN E 12 26.88 3.13 -23.36
N LYS E 13 27.82 3.86 -22.75
CA LYS E 13 28.75 3.19 -21.87
C LYS E 13 28.06 2.73 -20.58
N ILE E 14 27.19 3.55 -20.01
CA ILE E 14 26.43 3.16 -18.82
C ILE E 14 25.54 1.97 -19.18
N LEU E 15 24.88 2.04 -20.34
CA LEU E 15 24.06 0.93 -20.80
C LEU E 15 24.89 -0.36 -20.89
N GLY E 16 26.10 -0.26 -21.45
CA GLY E 16 26.95 -1.44 -21.53
C GLY E 16 27.26 -2.04 -20.16
N ASN E 17 27.51 -1.18 -19.17
CA ASN E 17 27.70 -1.65 -17.80
C ASN E 17 26.45 -2.37 -17.28
N GLU E 18 25.27 -1.82 -17.59
CA GLU E 18 24.04 -2.44 -17.12
C GLU E 18 23.84 -3.80 -17.77
N LEU E 19 24.19 -3.91 -19.05
CA LEU E 19 24.02 -5.19 -19.75
C LEU E 19 24.92 -6.27 -19.17
N ILE E 20 26.14 -5.90 -18.78
CA ILE E 20 27.00 -6.84 -18.07
C ILE E 20 26.35 -7.26 -16.77
N ALA E 21 25.91 -6.27 -16.00
CA ALA E 21 25.32 -6.53 -14.70
C ALA E 21 24.06 -7.42 -14.80
N ILE E 22 23.18 -7.15 -15.77
CA ILE E 22 22.00 -8.01 -15.95
C ILE E 22 22.41 -9.48 -15.99
N ASN E 23 23.37 -9.80 -16.87
CA ASN E 23 23.73 -11.19 -17.10
C ASN E 23 24.50 -11.77 -15.92
N GLN E 24 25.41 -10.99 -15.35
CA GLN E 24 26.19 -11.48 -14.22
C GLN E 24 25.28 -11.76 -13.03
N TYR E 25 24.38 -10.82 -12.72
CA TYR E 25 23.49 -11.03 -11.57
C TYR E 25 22.50 -12.15 -11.87
N PHE E 26 22.04 -12.27 -13.12
CA PHE E 26 21.10 -13.34 -13.41
C PHE E 26 21.75 -14.70 -13.22
N LEU E 27 22.98 -14.85 -13.69
CA LEU E 27 23.68 -16.12 -13.55
C LEU E 27 23.99 -16.39 -12.08
N HIS E 28 24.46 -15.38 -11.35
CA HIS E 28 24.71 -15.60 -9.92
C HIS E 28 23.44 -16.02 -9.20
N SER E 29 22.31 -15.39 -9.54
CA SER E 29 21.02 -15.74 -8.96
C SER E 29 20.72 -17.22 -9.16
N ARG E 30 20.87 -17.70 -10.39
CA ARG E 30 20.49 -19.06 -10.70
C ARG E 30 21.48 -20.07 -10.14
N MET E 31 22.77 -19.69 -10.01
CA MET E 31 23.74 -20.52 -9.29
C MET E 31 23.33 -20.68 -7.82
N TRP E 32 23.02 -19.57 -7.13
CA TRP E 32 22.63 -19.66 -5.73
C TRP E 32 21.36 -20.50 -5.58
N ASN E 33 20.41 -20.35 -6.49
CA ASN E 33 19.19 -21.14 -6.42
C ASN E 33 19.51 -22.62 -6.56
N ASP E 34 20.36 -22.96 -7.54
CA ASP E 34 20.77 -24.35 -7.74
C ASP E 34 21.45 -24.90 -6.49
N TRP E 35 22.18 -24.07 -5.78
CA TRP E 35 22.90 -24.50 -4.58
C TRP E 35 21.99 -24.55 -3.36
N GLY E 36 20.74 -24.14 -3.52
CA GLY E 36 19.79 -24.15 -2.43
C GLY E 36 19.84 -22.93 -1.57
N LEU E 37 20.59 -21.89 -1.97
CA LEU E 37 20.65 -20.63 -1.22
C LEU E 37 19.63 -19.65 -1.81
N LYS E 38 18.35 -19.97 -1.57
CA LYS E 38 17.24 -19.33 -2.28
C LYS E 38 17.04 -17.88 -1.88
N ARG E 39 17.38 -17.50 -0.65
CA ARG E 39 17.22 -16.09 -0.29
C ARG E 39 18.20 -15.23 -1.05
N LEU E 40 19.43 -15.74 -1.21
CA LEU E 40 20.43 -15.07 -2.03
C LEU E 40 20.00 -15.09 -3.49
N GLY E 41 19.52 -16.23 -3.96
CA GLY E 41 19.07 -16.30 -5.34
C GLY E 41 17.96 -15.32 -5.64
N ALA E 42 16.99 -15.21 -4.72
CA ALA E 42 15.86 -14.28 -4.95
C ALA E 42 16.35 -12.84 -4.93
N HIS E 43 17.22 -12.52 -3.98
CA HIS E 43 17.68 -11.14 -3.89
C HIS E 43 18.49 -10.75 -5.12
N GLU E 44 19.35 -11.64 -5.58
CA GLU E 44 20.18 -11.35 -6.75
C GLU E 44 19.33 -11.30 -8.03
N TYR E 45 18.25 -12.07 -8.07
CA TYR E 45 17.29 -11.97 -9.17
C TYR E 45 16.70 -10.56 -9.24
N HIS E 46 16.27 -10.04 -8.08
CA HIS E 46 15.72 -8.69 -8.06
C HIS E 46 16.78 -7.65 -8.42
N GLU E 47 18.05 -7.87 -8.07
CA GLU E 47 19.09 -6.95 -8.53
C GLU E 47 19.18 -6.96 -10.03
N SER E 48 19.15 -8.15 -10.64
CA SER E 48 19.19 -8.25 -12.10
C SER E 48 18.00 -7.54 -12.74
N ILE E 49 16.79 -7.73 -12.19
CA ILE E 49 15.62 -7.03 -12.70
C ILE E 49 15.80 -5.53 -12.61
N ASP E 50 16.31 -5.03 -11.47
CA ASP E 50 16.51 -3.60 -11.35
C ASP E 50 17.46 -3.08 -12.44
N GLU E 51 18.48 -3.86 -12.78
CA GLU E 51 19.39 -3.43 -13.84
C GLU E 51 18.71 -3.47 -15.20
N MET E 52 17.79 -4.42 -15.41
CA MET E 52 17.00 -4.43 -16.63
C MET E 52 16.19 -3.16 -16.78
N LYS E 53 15.60 -2.68 -15.69
CA LYS E 53 14.79 -1.49 -15.77
C LYS E 53 15.65 -0.28 -16.08
N HIS E 54 16.85 -0.20 -15.49
CA HIS E 54 17.78 0.88 -15.80
C HIS E 54 18.19 0.84 -17.26
N ALA E 55 18.47 -0.34 -17.79
CA ALA E 55 18.82 -0.48 -19.20
C ALA E 55 17.70 0.04 -20.09
N ASP E 56 16.45 -0.28 -19.73
CA ASP E 56 15.30 0.18 -20.49
C ASP E 56 15.24 1.70 -20.53
N LYS E 57 15.42 2.34 -19.38
CA LYS E 57 15.37 3.81 -19.36
C LYS E 57 16.51 4.42 -20.20
N LEU E 58 17.70 3.81 -20.15
CA LEU E 58 18.82 4.31 -20.96
C LEU E 58 18.55 4.16 -22.46
N ILE E 59 18.04 2.98 -22.86
CA ILE E 59 17.71 2.75 -24.25
C ILE E 59 16.69 3.80 -24.72
N GLU E 60 15.66 4.02 -23.91
CA GLU E 60 14.62 4.97 -24.26
C GLU E 60 15.17 6.39 -24.42
N ARG E 61 16.03 6.82 -23.49
CA ARG E 61 16.66 8.15 -23.55
C ARG E 61 17.54 8.30 -24.79
N ILE E 62 18.37 7.30 -25.07
CA ILE E 62 19.25 7.36 -26.24
C ILE E 62 18.42 7.54 -27.50
N LEU E 63 17.34 6.76 -27.64
CA LEU E 63 16.48 6.86 -28.83
C LEU E 63 15.83 8.24 -28.93
N PHE E 64 15.31 8.77 -27.82
CA PHE E 64 14.75 10.11 -27.84
C PHE E 64 15.78 11.14 -28.33
N LEU E 65 17.05 10.99 -27.90
CA LEU E 65 18.14 11.86 -28.31
C LEU E 65 18.68 11.54 -29.72
N GLU E 66 18.05 10.61 -30.43
CA GLU E 66 18.37 10.29 -31.82
C GLU E 66 19.71 9.58 -31.94
N GLY E 67 20.09 8.84 -30.91
CA GLY E 67 21.24 7.96 -30.98
C GLY E 67 20.84 6.51 -31.21
N LEU E 68 21.86 5.67 -31.40
CA LEU E 68 21.71 4.23 -31.55
C LEU E 68 22.09 3.54 -30.26
N PRO E 69 21.16 2.88 -29.57
CA PRO E 69 21.53 2.16 -28.34
C PRO E 69 22.30 0.89 -28.65
N ASN E 70 23.46 0.73 -28.03
CA ASN E 70 24.32 -0.40 -28.31
C ASN E 70 23.93 -1.58 -27.42
N LEU E 71 23.18 -2.53 -27.97
CA LEU E 71 22.89 -3.79 -27.28
C LEU E 71 23.70 -4.97 -27.83
N GLN E 72 24.66 -4.69 -28.72
CA GLN E 72 25.47 -5.71 -29.40
C GLN E 72 26.73 -6.06 -28.61
N ASP E 73 27.40 -5.05 -28.07
CA ASP E 73 28.68 -5.24 -27.40
C ASP E 73 28.42 -5.56 -25.94
N LEU E 74 28.92 -6.70 -25.51
CA LEU E 74 28.77 -7.19 -24.14
C LEU E 74 30.15 -7.38 -23.58
N GLY E 75 30.48 -6.62 -22.53
CA GLY E 75 31.75 -6.73 -21.87
C GLY E 75 31.87 -7.97 -20.99
N LYS E 76 32.97 -8.01 -20.26
CA LYS E 76 33.38 -9.22 -19.54
C LYS E 76 32.55 -9.40 -18.27
N LEU E 77 31.89 -10.55 -18.15
CA LEU E 77 31.18 -10.88 -16.93
C LEU E 77 32.19 -11.32 -15.87
N LEU E 78 31.96 -10.89 -14.63
CA LEU E 78 32.78 -11.30 -13.48
C LEU E 78 31.99 -12.34 -12.67
N ILE E 79 32.26 -13.62 -12.92
CA ILE E 79 31.49 -14.72 -12.32
C ILE E 79 32.29 -15.35 -11.20
N GLY E 80 31.76 -15.34 -10.01
CA GLY E 80 32.46 -15.99 -8.91
C GLY E 80 32.21 -17.50 -8.89
N GLU E 81 33.06 -18.20 -8.12
CA GLU E 81 32.99 -19.65 -7.97
C GLU E 81 32.50 -20.09 -6.60
N ASN E 82 32.26 -19.15 -5.70
CA ASN E 82 31.63 -19.43 -4.41
C ASN E 82 31.01 -18.11 -3.95
N THR E 83 30.27 -18.17 -2.85
CA THR E 83 29.43 -17.04 -2.46
C THR E 83 30.26 -15.78 -2.23
N GLN E 84 31.35 -15.91 -1.48
CA GLN E 84 32.19 -14.75 -1.20
C GLN E 84 32.72 -14.14 -2.48
N GLU E 85 33.21 -14.97 -3.41
CA GLU E 85 33.72 -14.43 -4.67
C GLU E 85 32.62 -13.80 -5.52
N MET E 86 31.41 -14.38 -5.50
CA MET E 86 30.34 -13.83 -6.31
C MET E 86 29.94 -12.45 -5.80
N LEU E 87 29.85 -12.29 -4.48
CA LEU E 87 29.56 -10.98 -3.91
C LEU E 87 30.65 -9.96 -4.27
N GLN E 88 31.91 -10.37 -4.14
CA GLN E 88 33.00 -9.45 -4.43
C GLN E 88 33.07 -9.11 -5.92
N CYS E 89 32.75 -10.07 -6.80
CA CYS E 89 32.63 -9.80 -8.22
C CYS E 89 31.52 -8.78 -8.49
N ASP E 90 30.39 -8.92 -7.83
CA ASP E 90 29.30 -7.95 -7.97
C ASP E 90 29.78 -6.57 -7.52
N LEU E 91 30.47 -6.52 -6.38
CA LEU E 91 30.96 -5.25 -5.86
C LEU E 91 31.97 -4.60 -6.81
N ASN E 92 32.91 -5.38 -7.33
CA ASN E 92 33.88 -4.82 -8.29
C ASN E 92 33.17 -4.22 -9.50
N LEU E 93 32.16 -4.91 -10.02
CA LEU E 93 31.40 -4.37 -11.14
C LEU E 93 30.71 -3.06 -10.76
N GLU E 94 30.05 -3.04 -9.61
CA GLU E 94 29.32 -1.85 -9.17
C GLU E 94 30.26 -0.65 -8.99
N LEU E 95 31.48 -0.88 -8.50
CA LEU E 95 32.44 0.21 -8.29
C LEU E 95 32.90 0.79 -9.64
N LYS E 96 33.14 -0.06 -10.64
CA LYS E 96 33.37 0.43 -11.99
C LYS E 96 32.15 1.20 -12.51
N ALA E 97 30.95 0.67 -12.25
CA ALA E 97 29.73 1.28 -12.74
C ALA E 97 29.53 2.69 -12.19
N THR E 98 29.77 2.87 -10.89
CA THR E 98 29.51 4.19 -10.31
C THR E 98 30.57 5.20 -10.73
N LYS E 99 31.81 4.75 -10.96
CA LYS E 99 32.84 5.63 -11.49
C LYS E 99 32.43 6.16 -12.86
N ASP E 100 31.95 5.27 -13.73
CA ASP E 100 31.48 5.68 -15.05
C ASP E 100 30.26 6.59 -14.97
N LEU E 101 29.35 6.33 -14.02
CA LEU E 101 28.20 7.19 -13.85
C LEU E 101 28.61 8.61 -13.48
N ARG E 102 29.59 8.75 -12.58
CA ARG E 102 30.03 10.07 -12.18
C ARG E 102 30.62 10.82 -13.38
N GLU E 103 31.41 10.13 -14.21
CA GLU E 103 32.00 10.81 -15.37
C GLU E 103 30.92 11.24 -16.35
N ALA E 104 29.91 10.39 -16.55
CA ALA E 104 28.82 10.74 -17.44
C ALA E 104 28.04 11.95 -16.91
N ILE E 105 27.80 12.00 -15.59
CA ILE E 105 27.06 13.12 -15.03
C ILE E 105 27.81 14.43 -15.24
N VAL E 106 29.13 14.39 -15.01
CA VAL E 106 29.97 15.57 -15.25
C VAL E 106 29.77 16.08 -16.67
N HIS E 107 29.81 15.19 -17.65
CA HIS E 107 29.67 15.64 -19.03
C HIS E 107 28.27 16.16 -19.33
N CYS E 108 27.24 15.47 -18.84
CA CYS E 108 25.88 15.97 -19.04
C CYS E 108 25.73 17.37 -18.47
N GLU E 109 26.29 17.60 -17.29
CA GLU E 109 26.20 18.93 -16.68
C GLU E 109 26.89 19.98 -17.55
N GLN E 110 28.06 19.65 -18.08
CA GLN E 110 28.83 20.61 -18.87
C GLN E 110 28.12 21.01 -20.16
N VAL E 111 27.35 20.11 -20.77
CA VAL E 111 26.65 20.46 -22.01
C VAL E 111 25.17 20.73 -21.77
N HIS E 112 24.76 20.86 -20.50
CA HIS E 112 23.42 21.38 -20.11
C HIS E 112 22.31 20.38 -20.39
N ASP E 113 22.63 19.09 -20.43
CA ASP E 113 21.62 18.04 -20.60
C ASP E 113 21.19 17.60 -19.21
N TYR E 114 20.36 18.44 -18.60
CA TYR E 114 20.00 18.28 -17.21
C TYR E 114 19.07 17.10 -17.00
N VAL E 115 18.29 16.72 -18.02
CA VAL E 115 17.39 15.57 -17.87
C VAL E 115 18.18 14.28 -17.91
N SER E 116 19.17 14.18 -18.81
CA SER E 116 20.04 13.00 -18.78
C SER E 116 20.79 12.89 -17.47
N ARG E 117 21.27 14.02 -16.94
CA ARG E 117 21.90 13.99 -15.62
C ARG E 117 20.96 13.44 -14.56
N ASP E 118 19.71 13.87 -14.57
CA ASP E 118 18.77 13.42 -13.55
C ASP E 118 18.55 11.92 -13.64
N LEU E 119 18.43 11.40 -14.85
CA LEU E 119 18.31 9.96 -15.04
C LEU E 119 19.53 9.23 -14.46
N LEU E 120 20.74 9.70 -14.79
CA LEU E 120 21.95 9.03 -14.31
C LEU E 120 22.07 9.11 -12.79
N LYS E 121 21.62 10.22 -12.20
CA LYS E 121 21.69 10.36 -10.75
C LYS E 121 20.76 9.35 -10.07
N ASP E 122 19.55 9.16 -10.60
CA ASP E 122 18.65 8.14 -10.07
C ASP E 122 19.28 6.75 -10.16
N ILE E 123 19.92 6.45 -11.29
CA ILE E 123 20.61 5.16 -11.42
C ILE E 123 21.75 5.06 -10.42
N LEU E 124 22.53 6.15 -10.26
CA LEU E 124 23.62 6.13 -9.30
C LEU E 124 23.12 5.88 -7.89
N GLU E 125 21.94 6.40 -7.55
CA GLU E 125 21.38 6.14 -6.23
C GLU E 125 21.06 4.66 -6.07
N SER E 126 20.48 4.05 -7.09
CA SER E 126 20.22 2.61 -7.05
CA SER E 126 20.23 2.61 -7.05
C SER E 126 21.52 1.81 -6.96
N GLU E 127 22.55 2.19 -7.72
CA GLU E 127 23.81 1.44 -7.65
C GLU E 127 24.51 1.63 -6.30
N GLU E 128 24.42 2.81 -5.68
CA GLU E 128 25.01 2.99 -4.36
C GLU E 128 24.26 2.18 -3.31
N GLU E 129 22.96 1.99 -3.48
CA GLU E 129 22.25 1.10 -2.58
C GLU E 129 22.70 -0.33 -2.75
N HIS E 130 22.98 -0.74 -3.99
CA HIS E 130 23.51 -2.08 -4.20
C HIS E 130 24.90 -2.25 -3.56
N ILE E 131 25.75 -1.23 -3.69
CA ILE E 131 27.06 -1.28 -3.04
C ILE E 131 26.89 -1.45 -1.53
N ASP E 132 25.98 -0.67 -0.92
CA ASP E 132 25.72 -0.82 0.52
C ASP E 132 25.33 -2.26 0.85
N TYR E 133 24.39 -2.82 0.08
CA TYR E 133 24.01 -4.20 0.28
C TYR E 133 25.22 -5.13 0.22
N LEU E 134 26.05 -4.98 -0.82
CA LEU E 134 27.15 -5.92 -1.02
C LEU E 134 28.20 -5.80 0.07
N GLU E 135 28.61 -4.57 0.40
CA GLU E 135 29.59 -4.39 1.46
C GLU E 135 29.08 -4.95 2.77
N THR E 136 27.78 -4.79 3.02
CA THR E 136 27.19 -5.28 4.26
C THR E 136 27.19 -6.80 4.29
N GLN E 137 26.88 -7.45 3.16
CA GLN E 137 26.92 -8.91 3.10
C GLN E 137 28.32 -9.43 3.39
N LEU E 138 29.34 -8.84 2.75
CA LEU E 138 30.70 -9.28 2.98
C LEU E 138 31.07 -9.09 4.44
N GLY E 139 30.65 -7.97 5.03
CA GLY E 139 30.92 -7.75 6.44
C GLY E 139 30.23 -8.76 7.34
N LEU E 140 28.98 -9.13 6.99
CA LEU E 140 28.27 -10.11 7.80
C LEU E 140 28.96 -11.47 7.76
N ILE E 141 29.53 -11.85 6.62
CA ILE E 141 30.24 -13.12 6.56
C ILE E 141 31.36 -13.13 7.60
N GLN E 142 32.03 -12.00 7.77
CA GLN E 142 33.11 -11.94 8.76
C GLN E 142 32.55 -11.98 10.18
N LYS E 143 31.39 -11.39 10.41
CA LYS E 143 30.85 -11.26 11.77
C LYS E 143 30.16 -12.55 12.25
N VAL E 144 29.37 -13.20 11.39
CA VAL E 144 28.64 -14.39 11.80
C VAL E 144 29.30 -15.68 11.32
N GLY E 145 30.34 -15.60 10.49
CA GLY E 145 30.96 -16.78 9.91
C GLY E 145 30.24 -17.27 8.65
N LEU E 146 30.99 -17.85 7.72
CA LEU E 146 30.43 -18.21 6.42
C LEU E 146 29.30 -19.22 6.57
N GLU E 147 29.49 -20.22 7.42
CA GLU E 147 28.52 -21.30 7.56
CA GLU E 147 28.50 -21.30 7.53
C GLU E 147 27.16 -20.75 8.02
N ASN E 148 27.17 -19.85 9.02
CA ASN E 148 25.94 -19.21 9.47
C ASN E 148 25.40 -18.26 8.40
N TYR E 149 26.27 -17.50 7.75
CA TYR E 149 25.78 -16.59 6.72
C TYR E 149 25.04 -17.38 5.65
N LEU E 150 25.62 -18.48 5.19
CA LEU E 150 24.94 -19.27 4.17
C LEU E 150 23.66 -19.87 4.72
N GLN E 151 23.68 -20.39 5.95
CA GLN E 151 22.46 -20.93 6.56
C GLN E 151 21.33 -19.91 6.52
N SER E 152 21.62 -18.67 6.91
CA SER E 152 20.61 -17.63 6.93
C SER E 152 20.08 -17.29 5.55
N HIS E 153 20.66 -17.81 4.48
CA HIS E 153 20.19 -17.49 3.12
C HIS E 153 19.67 -18.72 2.39
N MET E 154 19.32 -19.77 3.13
CA MET E 154 18.79 -20.99 2.53
C MET E 154 17.32 -20.83 2.14
N HIS E 155 16.52 -20.26 3.03
CA HIS E 155 15.07 -20.33 2.90
C HIS E 155 14.51 -18.94 2.62
N GLU E 156 13.69 -18.84 1.58
CA GLU E 156 12.90 -17.64 1.30
C GLU E 156 11.74 -17.54 2.29
N MET F 1 31.41 2.28 1.82
CA MET F 1 32.05 2.91 0.62
C MET F 1 32.78 4.17 1.07
N LYS F 2 34.08 4.27 0.84
CA LYS F 2 34.88 5.31 1.48
C LYS F 2 34.50 6.67 0.90
N GLY F 3 33.95 7.54 1.72
CA GLY F 3 33.58 8.86 1.27
C GLY F 3 34.73 9.86 1.36
N ASP F 4 34.51 10.99 0.72
CA ASP F 4 35.40 12.13 0.80
C ASP F 4 35.39 12.72 2.19
N LYS F 5 36.59 12.91 2.76
CA LYS F 5 36.67 13.34 4.15
C LYS F 5 35.96 14.68 4.37
N LYS F 6 36.12 15.63 3.43
CA LYS F 6 35.47 16.93 3.59
C LYS F 6 33.96 16.84 3.36
N VAL F 7 33.48 15.96 2.48
CA VAL F 7 32.02 15.72 2.44
C VAL F 7 31.53 15.29 3.81
N ILE F 8 32.23 14.32 4.43
CA ILE F 8 31.80 13.83 5.74
C ILE F 8 31.80 14.97 6.75
N GLN F 9 32.84 15.82 6.74
CA GLN F 9 32.86 16.98 7.62
C GLN F 9 31.65 17.89 7.35
N HIS F 10 31.30 18.13 6.09
CA HIS F 10 30.13 18.96 5.82
C HIS F 10 28.85 18.31 6.32
N LEU F 11 28.71 16.99 6.09
CA LEU F 11 27.51 16.28 6.54
C LEU F 11 27.40 16.34 8.07
N ASN F 12 28.53 16.22 8.77
CA ASN F 12 28.50 16.35 10.22
C ASN F 12 28.16 17.76 10.66
N LYS F 13 28.57 18.77 9.88
CA LYS F 13 28.18 20.15 10.18
C LYS F 13 26.68 20.34 10.01
N ILE F 14 26.11 19.81 8.92
CA ILE F 14 24.66 19.86 8.73
C ILE F 14 23.94 19.12 9.86
N LEU F 15 24.40 17.91 10.19
CA LEU F 15 23.84 17.15 11.31
C LEU F 15 23.85 17.97 12.60
N GLY F 16 24.97 18.63 12.89
CA GLY F 16 25.04 19.49 14.05
C GLY F 16 23.97 20.56 14.07
N ASN F 17 23.69 21.17 12.91
CA ASN F 17 22.63 22.16 12.83
C ASN F 17 21.27 21.52 13.09
N GLU F 18 21.06 20.32 12.55
CA GLU F 18 19.80 19.63 12.77
C GLU F 18 19.62 19.25 14.23
N LEU F 19 20.72 18.89 14.91
CA LEU F 19 20.61 18.52 16.32
C LEU F 19 20.24 19.72 17.20
N ILE F 20 20.82 20.90 16.89
CA ILE F 20 20.37 22.13 17.55
C ILE F 20 18.89 22.34 17.29
N ALA F 21 18.48 22.24 16.02
CA ALA F 21 17.11 22.52 15.65
C ALA F 21 16.13 21.57 16.32
N ILE F 22 16.47 20.28 16.39
CA ILE F 22 15.58 19.33 17.09
C ILE F 22 15.25 19.86 18.48
N ASN F 23 16.28 20.21 19.25
CA ASN F 23 16.07 20.57 20.65
C ASN F 23 15.41 21.93 20.78
N GLN F 24 15.82 22.89 19.96
CA GLN F 24 15.25 24.23 19.99
C GLN F 24 13.76 24.20 19.64
N TYR F 25 13.40 23.48 18.58
CA TYR F 25 11.99 23.41 18.19
C TYR F 25 11.18 22.60 19.18
N PHE F 26 11.78 21.55 19.78
CA PHE F 26 11.03 20.78 20.76
C PHE F 26 10.73 21.63 21.99
N LEU F 27 11.72 22.36 22.48
CA LEU F 27 11.48 23.21 23.63
C LEU F 27 10.48 24.31 23.31
N HIS F 28 10.61 24.97 22.14
CA HIS F 28 9.63 25.99 21.77
C HIS F 28 8.21 25.41 21.73
N SER F 29 8.07 24.22 21.13
CA SER F 29 6.79 23.52 21.07
C SER F 29 6.18 23.37 22.46
N ARG F 30 6.98 22.85 23.39
CA ARG F 30 6.48 22.56 24.72
C ARG F 30 6.23 23.83 25.53
N MET F 31 7.01 24.89 25.26
CA MET F 31 6.68 26.20 25.83
C MET F 31 5.32 26.69 25.33
N TRP F 32 5.12 26.70 24.01
CA TRP F 32 3.85 27.16 23.46
C TRP F 32 2.69 26.33 24.00
N ASN F 33 2.86 25.01 24.13
CA ASN F 33 1.83 24.17 24.72
C ASN F 33 1.53 24.56 26.16
N ASP F 34 2.57 24.80 26.96
CA ASP F 34 2.38 25.20 28.35
C ASP F 34 1.65 26.52 28.45
N TRP F 35 1.87 27.42 27.48
CA TRP F 35 1.19 28.71 27.46
C TRP F 35 -0.22 28.63 26.88
N GLY F 36 -0.65 27.46 26.44
CA GLY F 36 -1.98 27.32 25.85
C GLY F 36 -2.07 27.66 24.38
N LEU F 37 -0.95 27.86 23.71
CA LEU F 37 -0.97 28.17 22.29
C LEU F 37 -0.73 26.89 21.48
N LYS F 38 -1.74 26.02 21.48
CA LYS F 38 -1.51 24.63 21.10
C LYS F 38 -1.39 24.44 19.60
N ARG F 39 -1.90 25.36 18.79
CA ARG F 39 -1.68 25.26 17.35
C ARG F 39 -0.22 25.53 17.03
N LEU F 40 0.38 26.55 17.68
CA LEU F 40 1.81 26.76 17.55
C LEU F 40 2.57 25.58 18.11
N GLY F 41 2.13 25.08 19.27
CA GLY F 41 2.80 23.96 19.90
C GLY F 41 2.84 22.75 18.99
N ALA F 42 1.72 22.44 18.33
CA ALA F 42 1.67 21.27 17.48
C ALA F 42 2.48 21.48 16.21
N HIS F 43 2.41 22.68 15.63
CA HIS F 43 3.15 22.91 14.40
C HIS F 43 4.65 22.81 14.67
N GLU F 44 5.09 23.38 15.79
CA GLU F 44 6.52 23.36 16.13
C GLU F 44 6.97 21.96 16.49
N TYR F 45 6.09 21.16 17.12
CA TYR F 45 6.35 19.73 17.31
C TYR F 45 6.66 19.06 15.97
N HIS F 46 5.79 19.25 14.99
CA HIS F 46 6.05 18.64 13.67
C HIS F 46 7.32 19.15 13.02
N GLU F 47 7.72 20.40 13.31
CA GLU F 47 8.98 20.91 12.77
C GLU F 47 10.17 20.17 13.42
N SER F 48 10.08 19.92 14.73
CA SER F 48 11.12 19.15 15.40
C SER F 48 11.22 17.73 14.87
N ILE F 49 10.07 17.08 14.63
CA ILE F 49 10.06 15.73 14.08
C ILE F 49 10.71 15.69 12.71
N ASP F 50 10.41 16.69 11.88
CA ASP F 50 11.02 16.76 10.55
C ASP F 50 12.54 16.84 10.66
N GLU F 51 13.05 17.65 11.59
CA GLU F 51 14.49 17.73 11.80
C GLU F 51 15.05 16.41 12.27
N MET F 52 14.31 15.68 13.11
CA MET F 52 14.76 14.37 13.55
C MET F 52 14.91 13.43 12.36
N LYS F 53 13.97 13.50 11.44
CA LYS F 53 14.06 12.64 10.25
C LYS F 53 15.25 13.02 9.37
N HIS F 54 15.51 14.32 9.18
CA HIS F 54 16.70 14.73 8.42
C HIS F 54 17.97 14.23 9.09
N ALA F 55 18.04 14.36 10.42
CA ALA F 55 19.22 13.91 11.15
C ALA F 55 19.44 12.41 10.97
N ASP F 56 18.35 11.64 11.00
CA ASP F 56 18.44 10.20 10.75
C ASP F 56 19.09 9.92 9.41
N LYS F 57 18.57 10.54 8.34
CA LYS F 57 19.13 10.31 7.01
C LYS F 57 20.61 10.71 6.94
N LEU F 58 20.98 11.80 7.60
CA LEU F 58 22.38 12.24 7.58
C LEU F 58 23.27 11.24 8.32
N ILE F 59 22.83 10.77 9.49
CA ILE F 59 23.58 9.74 10.21
C ILE F 59 23.74 8.50 9.31
N GLU F 60 22.68 8.08 8.66
CA GLU F 60 22.74 6.91 7.80
C GLU F 60 23.74 7.09 6.67
N ARG F 61 23.79 8.28 6.09
CA ARG F 61 24.69 8.56 4.98
C ARG F 61 26.14 8.61 5.43
N ILE F 62 26.40 9.29 6.55
CA ILE F 62 27.75 9.36 7.08
C ILE F 62 28.28 7.95 7.33
N LEU F 63 27.46 7.07 7.93
CA LEU F 63 27.91 5.71 8.23
C LEU F 63 28.19 4.93 6.97
N PHE F 64 27.32 5.04 5.97
CA PHE F 64 27.56 4.40 4.69
C PHE F 64 28.90 4.85 4.09
N LEU F 65 29.23 6.15 4.21
CA LEU F 65 30.48 6.72 3.70
C LEU F 65 31.68 6.45 4.60
N GLU F 66 31.46 5.65 5.65
CA GLU F 66 32.49 5.16 6.56
C GLU F 66 33.05 6.27 7.42
N GLY F 67 32.21 7.23 7.80
CA GLY F 67 32.57 8.25 8.75
C GLY F 67 31.88 8.01 10.08
N LEU F 68 32.19 8.88 11.04
CA LEU F 68 31.65 8.84 12.39
C LEU F 68 30.65 9.98 12.56
N PRO F 69 29.35 9.70 12.70
CA PRO F 69 28.38 10.78 12.91
C PRO F 69 28.58 11.40 14.29
N ASN F 70 28.72 12.71 14.32
CA ASN F 70 28.96 13.43 15.56
C ASN F 70 27.62 13.74 16.21
N LEU F 71 27.24 12.95 17.22
CA LEU F 71 26.06 13.25 18.02
C LEU F 71 26.43 13.80 19.38
N GLN F 72 27.71 14.05 19.62
CA GLN F 72 28.20 14.50 20.93
C GLN F 72 28.21 16.02 21.07
N ASP F 73 28.60 16.74 20.03
CA ASP F 73 28.77 18.18 20.13
C ASP F 73 27.44 18.83 19.81
N LEU F 74 26.91 19.59 20.75
CA LEU F 74 25.65 20.30 20.56
C LEU F 74 25.96 21.78 20.62
N GLY F 75 25.61 22.50 19.55
CA GLY F 75 25.80 23.94 19.49
C GLY F 75 24.79 24.69 20.33
N LYS F 76 24.87 26.02 20.22
CA LYS F 76 24.07 26.92 21.05
C LYS F 76 22.60 26.94 20.61
N LEU F 77 21.69 26.62 21.53
CA LEU F 77 20.26 26.79 21.28
C LEU F 77 19.85 28.26 21.35
N LEU F 78 18.98 28.68 20.43
CA LEU F 78 18.45 30.04 20.38
C LEU F 78 17.00 29.98 20.85
N ILE F 79 16.77 30.24 22.13
CA ILE F 79 15.47 30.08 22.75
C ILE F 79 14.88 31.46 22.98
N GLY F 80 13.68 31.70 22.45
CA GLY F 80 13.05 32.99 22.68
C GLY F 80 12.35 33.07 24.03
N GLU F 81 11.97 34.29 24.39
CA GLU F 81 11.26 34.54 25.64
C GLU F 81 9.82 34.93 25.41
N ASN F 82 9.41 35.12 24.16
CA ASN F 82 8.02 35.32 23.80
C ASN F 82 7.87 34.85 22.36
N THR F 83 6.62 34.84 21.89
CA THR F 83 6.29 34.18 20.63
C THR F 83 7.05 34.81 19.46
N GLN F 84 7.07 36.14 19.37
CA GLN F 84 7.80 36.78 18.29
C GLN F 84 9.28 36.42 18.33
N GLU F 85 9.90 36.46 19.51
CA GLU F 85 11.32 36.13 19.61
C GLU F 85 11.58 34.67 19.27
N MET F 86 10.68 33.78 19.68
CA MET F 86 10.90 32.35 19.39
C MET F 86 10.87 32.10 17.89
N LEU F 87 9.89 32.71 17.19
CA LEU F 87 9.85 32.59 15.74
C LEU F 87 11.10 33.17 15.09
N GLN F 88 11.56 34.34 15.56
CA GLN F 88 12.78 34.92 14.99
C GLN F 88 14.01 34.07 15.30
N CYS F 89 14.05 33.45 16.47
CA CYS F 89 15.16 32.54 16.77
C CYS F 89 15.17 31.33 15.83
N ASP F 90 14.00 30.73 15.61
CA ASP F 90 13.89 29.66 14.62
C ASP F 90 14.36 30.13 13.24
N LEU F 91 13.95 31.33 12.82
CA LEU F 91 14.32 31.83 11.51
C LEU F 91 15.83 32.10 11.42
N ASN F 92 16.41 32.66 12.46
CA ASN F 92 17.86 32.86 12.45
C ASN F 92 18.59 31.52 12.33
N LEU F 93 18.11 30.49 13.04
CA LEU F 93 18.72 29.17 12.93
C LEU F 93 18.59 28.60 11.52
N GLU F 94 17.41 28.72 10.92
CA GLU F 94 17.17 28.19 9.56
C GLU F 94 18.03 28.89 8.52
N LEU F 95 18.25 30.20 8.66
CA LEU F 95 19.04 30.91 7.67
C LEU F 95 20.51 30.48 7.75
N LYS F 96 21.02 30.26 8.96
CA LYS F 96 22.35 29.66 9.09
C LYS F 96 22.38 28.25 8.49
N ALA F 97 21.35 27.45 8.77
CA ALA F 97 21.28 26.09 8.27
C ALA F 97 21.31 26.04 6.74
N THR F 98 20.56 26.92 6.08
CA THR F 98 20.52 26.87 4.62
C THR F 98 21.82 27.39 4.01
N LYS F 99 22.48 28.34 4.65
CA LYS F 99 23.80 28.75 4.20
C LYS F 99 24.78 27.58 4.22
N ASP F 100 24.80 26.83 5.33
CA ASP F 100 25.68 25.67 5.42
C ASP F 100 25.30 24.58 4.42
N LEU F 101 24.00 24.38 4.20
CA LEU F 101 23.56 23.38 3.21
C LEU F 101 24.07 23.74 1.82
N ARG F 102 23.99 25.02 1.44
CA ARG F 102 24.47 25.41 0.11
C ARG F 102 25.98 25.19 -0.01
N GLU F 103 26.74 25.57 1.02
CA GLU F 103 28.18 25.34 0.96
C GLU F 103 28.51 23.86 0.85
N ALA F 104 27.75 23.01 1.54
CA ALA F 104 27.96 21.57 1.47
C ALA F 104 27.61 21.03 0.08
N ILE F 105 26.56 21.55 -0.55
CA ILE F 105 26.23 21.10 -1.90
C ILE F 105 27.35 21.48 -2.87
N VAL F 106 27.91 22.67 -2.73
CA VAL F 106 29.01 23.06 -3.61
C VAL F 106 30.12 22.01 -3.55
N HIS F 107 30.47 21.57 -2.35
CA HIS F 107 31.61 20.67 -2.22
C HIS F 107 31.26 19.28 -2.70
N CYS F 108 30.04 18.80 -2.43
CA CYS F 108 29.61 17.51 -2.97
C CYS F 108 29.73 17.50 -4.49
N GLU F 109 29.28 18.56 -5.14
CA GLU F 109 29.35 18.65 -6.60
C GLU F 109 30.80 18.61 -7.07
N GLN F 110 31.69 19.33 -6.38
CA GLN F 110 33.09 19.40 -6.78
C GLN F 110 33.76 18.03 -6.76
N VAL F 111 33.47 17.19 -5.76
CA VAL F 111 34.07 15.87 -5.67
C VAL F 111 33.15 14.77 -6.22
N HIS F 112 32.08 15.13 -6.90
CA HIS F 112 31.22 14.18 -7.61
C HIS F 112 30.46 13.24 -6.70
N ASP F 113 30.18 13.65 -5.46
CA ASP F 113 29.25 12.90 -4.60
C ASP F 113 27.83 13.41 -4.88
N TYR F 114 27.28 12.95 -6.00
CA TYR F 114 25.98 13.42 -6.43
C TYR F 114 24.84 12.88 -5.55
N VAL F 115 24.99 11.71 -4.95
CA VAL F 115 23.95 11.17 -4.06
C VAL F 115 23.87 12.02 -2.79
N SER F 116 25.03 12.34 -2.19
CA SER F 116 25.01 13.24 -1.02
C SER F 116 24.41 14.59 -1.39
N ARG F 117 24.76 15.15 -2.55
CA ARG F 117 24.13 16.39 -2.99
C ARG F 117 22.61 16.24 -3.04
N ASP F 118 22.09 15.16 -3.63
CA ASP F 118 20.65 14.99 -3.75
C ASP F 118 19.97 14.96 -2.38
N LEU F 119 20.58 14.27 -1.42
CA LEU F 119 20.04 14.25 -0.06
C LEU F 119 19.98 15.66 0.54
N LEU F 120 21.05 16.43 0.36
CA LEU F 120 21.11 17.79 0.93
C LEU F 120 20.14 18.74 0.24
N LYS F 121 19.99 18.60 -1.08
CA LYS F 121 18.96 19.33 -1.80
C LYS F 121 17.58 19.05 -1.21
N ASP F 122 17.25 17.78 -0.96
CA ASP F 122 15.94 17.48 -0.38
C ASP F 122 15.79 18.13 0.99
N ILE F 123 16.84 18.11 1.81
CA ILE F 123 16.78 18.76 3.12
C ILE F 123 16.63 20.26 2.96
N LEU F 124 17.33 20.84 1.97
CA LEU F 124 17.23 22.27 1.71
C LEU F 124 15.82 22.67 1.32
N GLU F 125 15.15 21.84 0.53
CA GLU F 125 13.75 22.14 0.20
C GLU F 125 12.87 22.18 1.44
N SER F 126 13.09 21.25 2.37
CA SER F 126 12.33 21.24 3.61
CA SER F 126 12.34 21.24 3.62
C SER F 126 12.66 22.47 4.45
N GLU F 127 13.95 22.85 4.54
CA GLU F 127 14.32 24.00 5.34
C GLU F 127 13.77 25.30 4.72
N GLU F 128 13.77 25.42 3.38
CA GLU F 128 13.18 26.60 2.75
C GLU F 128 11.67 26.66 2.99
N GLU F 129 10.99 25.51 3.03
CA GLU F 129 9.58 25.52 3.40
C GLU F 129 9.41 26.03 4.83
N HIS F 130 10.33 25.66 5.72
CA HIS F 130 10.23 26.15 7.09
C HIS F 130 10.47 27.65 7.15
N ILE F 131 11.43 28.16 6.38
CA ILE F 131 11.66 29.60 6.32
C ILE F 131 10.41 30.34 5.84
N ASP F 132 9.77 29.82 4.80
CA ASP F 132 8.52 30.41 4.33
C ASP F 132 7.46 30.49 5.44
N TYR F 133 7.26 29.38 6.16
CA TYR F 133 6.34 29.38 7.29
C TYR F 133 6.70 30.48 8.29
N LEU F 134 7.98 30.55 8.69
CA LEU F 134 8.40 31.49 9.73
C LEU F 134 8.25 32.93 9.27
N GLU F 135 8.71 33.23 8.06
CA GLU F 135 8.59 34.58 7.54
C GLU F 135 7.13 34.98 7.47
N THR F 136 6.28 34.04 7.10
CA THR F 136 4.85 34.33 6.98
C THR F 136 4.24 34.58 8.36
N GLN F 137 4.61 33.77 9.36
CA GLN F 137 4.08 33.99 10.71
C GLN F 137 4.46 35.38 11.21
N LEU F 138 5.74 35.73 11.08
CA LEU F 138 6.18 37.06 11.51
C LEU F 138 5.43 38.16 10.76
N GLY F 139 5.14 37.95 9.47
CA GLY F 139 4.36 38.92 8.73
C GLY F 139 2.91 38.99 9.20
N LEU F 140 2.32 37.83 9.52
CA LEU F 140 0.95 37.82 10.01
C LEU F 140 0.82 38.61 11.29
N ILE F 141 1.81 38.49 12.19
CA ILE F 141 1.77 39.26 13.43
C ILE F 141 1.63 40.74 13.12
N GLN F 142 2.35 41.21 12.10
CA GLN F 142 2.30 42.64 11.77
C GLN F 142 0.96 42.99 11.12
N LYS F 143 0.35 42.05 10.38
CA LYS F 143 -0.89 42.34 9.67
C LYS F 143 -2.11 42.25 10.57
N VAL F 144 -2.21 41.24 11.46
CA VAL F 144 -3.43 41.08 12.26
C VAL F 144 -3.25 41.57 13.70
N GLY F 145 -2.04 41.93 14.10
CA GLY F 145 -1.73 42.26 15.46
C GLY F 145 -1.38 41.04 16.29
N LEU F 146 -0.58 41.26 17.33
CA LEU F 146 -0.05 40.12 18.09
C LEU F 146 -1.17 39.40 18.83
N GLU F 147 -2.11 40.14 19.42
CA GLU F 147 -3.17 39.50 20.19
C GLU F 147 -4.05 38.61 19.32
N ASN F 148 -4.45 39.10 18.13
CA ASN F 148 -5.17 38.23 17.21
C ASN F 148 -4.31 37.04 16.78
N TYR F 149 -3.03 37.30 16.46
CA TYR F 149 -2.18 36.21 16.02
C TYR F 149 -2.14 35.10 17.07
N LEU F 150 -1.96 35.48 18.32
CA LEU F 150 -1.92 34.50 19.38
C LEU F 150 -3.28 33.84 19.56
N GLN F 151 -4.36 34.62 19.50
CA GLN F 151 -5.70 34.05 19.59
C GLN F 151 -5.91 32.94 18.57
N SER F 152 -5.47 33.17 17.34
CA SER F 152 -5.65 32.21 16.25
C SER F 152 -4.81 30.93 16.43
N HIS F 153 -3.89 30.89 17.39
CA HIS F 153 -3.07 29.69 17.60
C HIS F 153 -3.34 29.06 18.96
N MET F 154 -4.47 29.40 19.60
CA MET F 154 -4.85 28.77 20.86
C MET F 154 -5.33 27.34 20.65
N HIS F 155 -6.15 27.09 19.65
CA HIS F 155 -6.90 25.84 19.61
C HIS F 155 -6.40 24.91 18.51
N MET G 1 -54.58 28.85 -20.82
CA MET G 1 -54.33 30.33 -20.84
C MET G 1 -54.33 30.83 -22.30
N LYS G 2 -55.06 31.91 -22.58
CA LYS G 2 -55.23 32.36 -23.96
C LYS G 2 -53.92 32.93 -24.51
N GLY G 3 -53.33 32.25 -25.49
CA GLY G 3 -52.12 32.74 -26.10
C GLY G 3 -52.36 33.72 -27.27
N ASP G 4 -51.30 34.39 -27.68
CA ASP G 4 -51.32 35.27 -28.85
C ASP G 4 -51.46 34.41 -30.10
N LYS G 5 -52.42 34.77 -30.97
CA LYS G 5 -52.71 33.94 -32.13
C LYS G 5 -51.47 33.73 -33.00
N LYS G 6 -50.69 34.79 -33.22
CA LYS G 6 -49.52 34.68 -34.09
C LYS G 6 -48.38 33.93 -33.40
N VAL G 7 -48.25 34.04 -32.08
CA VAL G 7 -47.32 33.15 -31.36
C VAL G 7 -47.65 31.71 -31.66
N ILE G 8 -48.93 31.34 -31.55
CA ILE G 8 -49.34 29.97 -31.78
C ILE G 8 -49.02 29.55 -33.21
N GLN G 9 -49.27 30.44 -34.18
CA GLN G 9 -48.88 30.16 -35.56
C GLN G 9 -47.38 29.95 -35.69
N HIS G 10 -46.57 30.76 -35.00
CA HIS G 10 -45.13 30.55 -35.03
C HIS G 10 -44.78 29.20 -34.42
N LEU G 11 -45.40 28.86 -33.27
CA LEU G 11 -45.10 27.60 -32.62
C LEU G 11 -45.47 26.43 -33.51
N ASN G 12 -46.57 26.56 -34.24
CA ASN G 12 -46.95 25.50 -35.16
C ASN G 12 -45.98 25.40 -36.34
N LYS G 13 -45.40 26.53 -36.77
CA LYS G 13 -44.38 26.47 -37.82
C LYS G 13 -43.12 25.76 -37.35
N ILE G 14 -42.65 26.06 -36.13
CA ILE G 14 -41.51 25.35 -35.56
C ILE G 14 -41.83 23.86 -35.40
N LEU G 15 -43.01 23.55 -34.86
CA LEU G 15 -43.44 22.17 -34.74
C LEU G 15 -43.40 21.46 -36.09
N GLY G 16 -43.85 22.16 -37.13
CA GLY G 16 -43.79 21.58 -38.46
C GLY G 16 -42.38 21.22 -38.88
N ASN G 17 -41.41 22.10 -38.56
CA ASN G 17 -40.02 21.81 -38.87
C ASN G 17 -39.51 20.62 -38.08
N GLU G 18 -39.88 20.54 -36.81
CA GLU G 18 -39.46 19.41 -35.99
C GLU G 18 -40.04 18.10 -36.54
N LEU G 19 -41.29 18.10 -36.96
CA LEU G 19 -41.90 16.90 -37.54
C LEU G 19 -41.18 16.44 -38.81
N ILE G 20 -40.78 17.38 -39.67
CA ILE G 20 -39.95 17.00 -40.82
C ILE G 20 -38.65 16.39 -40.33
N ALA G 21 -37.99 17.06 -39.38
CA ALA G 21 -36.68 16.61 -38.91
C ALA G 21 -36.76 15.22 -38.29
N ILE G 22 -37.83 14.94 -37.53
CA ILE G 22 -37.99 13.62 -36.94
C ILE G 22 -37.89 12.54 -38.01
N ASN G 23 -38.67 12.70 -39.08
CA ASN G 23 -38.76 11.65 -40.09
C ASN G 23 -37.48 11.59 -40.94
N GLN G 24 -36.97 12.75 -41.32
CA GLN G 24 -35.75 12.79 -42.13
C GLN G 24 -34.58 12.15 -41.39
N TYR G 25 -34.40 12.51 -40.13
CA TYR G 25 -33.33 11.92 -39.34
C TYR G 25 -33.58 10.43 -39.08
N PHE G 26 -34.85 10.03 -38.83
CA PHE G 26 -35.07 8.61 -38.58
C PHE G 26 -34.74 7.78 -39.81
N LEU G 27 -35.14 8.26 -40.99
CA LEU G 27 -34.83 7.52 -42.21
C LEU G 27 -33.32 7.49 -42.47
N HIS G 28 -32.64 8.64 -42.33
CA HIS G 28 -31.19 8.65 -42.53
C HIS G 28 -30.50 7.65 -41.60
N SER G 29 -30.94 7.61 -40.34
CA SER G 29 -30.38 6.67 -39.36
C SER G 29 -30.51 5.24 -39.83
N ARG G 30 -31.71 4.85 -40.27
CA ARG G 30 -31.94 3.48 -40.65
C ARG G 30 -31.25 3.16 -41.98
N MET G 31 -31.13 4.15 -42.86
CA MET G 31 -30.32 3.97 -44.06
C MET G 31 -28.85 3.70 -43.70
N TRP G 32 -28.29 4.53 -42.82
CA TRP G 32 -26.92 4.31 -42.41
C TRP G 32 -26.75 2.95 -41.74
N ASN G 33 -27.71 2.53 -40.91
CA ASN G 33 -27.61 1.21 -40.29
C ASN G 33 -27.65 0.11 -41.34
N ASP G 34 -28.57 0.22 -42.31
CA ASP G 34 -28.64 -0.75 -43.39
C ASP G 34 -27.32 -0.86 -44.13
N TRP G 35 -26.61 0.27 -44.28
CA TRP G 35 -25.36 0.32 -45.03
C TRP G 35 -24.16 -0.10 -44.19
N GLY G 36 -24.36 -0.47 -42.94
CA GLY G 36 -23.24 -0.88 -42.11
C GLY G 36 -22.50 0.26 -41.44
N LEU G 37 -23.02 1.48 -41.53
CA LEU G 37 -22.38 2.65 -40.92
C LEU G 37 -23.08 2.96 -39.60
N LYS G 38 -22.90 2.06 -38.64
CA LYS G 38 -23.76 2.04 -37.46
C LYS G 38 -23.42 3.14 -36.46
N ARG G 39 -22.23 3.74 -36.53
CA ARG G 39 -21.96 4.88 -35.66
C ARG G 39 -22.71 6.12 -36.15
N LEU G 40 -22.80 6.30 -37.47
CA LEU G 40 -23.66 7.33 -38.03
C LEU G 40 -25.13 7.02 -37.75
N GLY G 41 -25.53 5.77 -37.93
CA GLY G 41 -26.91 5.40 -37.69
C GLY G 41 -27.32 5.71 -36.27
N ALA G 42 -26.46 5.37 -35.30
CA ALA G 42 -26.81 5.57 -33.89
C ALA G 42 -26.81 7.05 -33.53
N HIS G 43 -25.87 7.80 -34.06
CA HIS G 43 -25.86 9.23 -33.76
C HIS G 43 -27.07 9.92 -34.38
N GLU G 44 -27.45 9.51 -35.59
CA GLU G 44 -28.59 10.11 -36.27
C GLU G 44 -29.91 9.72 -35.61
N TYR G 45 -29.98 8.50 -35.07
CA TYR G 45 -31.14 8.09 -34.28
C TYR G 45 -31.33 8.99 -33.06
N HIS G 46 -30.23 9.29 -32.37
CA HIS G 46 -30.31 10.19 -31.23
C HIS G 46 -30.72 11.59 -31.63
N GLU G 47 -30.29 12.06 -32.82
CA GLU G 47 -30.79 13.34 -33.32
C GLU G 47 -32.31 13.30 -33.54
N SER G 48 -32.83 12.18 -34.08
CA SER G 48 -34.28 12.05 -34.28
C SER G 48 -35.04 12.08 -32.96
N ILE G 49 -34.55 11.36 -31.95
CA ILE G 49 -35.20 11.36 -30.64
C ILE G 49 -35.22 12.76 -30.04
N ASP G 50 -34.11 13.50 -30.16
CA ASP G 50 -34.05 14.85 -29.63
C ASP G 50 -35.13 15.72 -30.27
N GLU G 51 -35.36 15.55 -31.59
CA GLU G 51 -36.38 16.31 -32.26
C GLU G 51 -37.77 15.90 -31.79
N MET G 52 -37.94 14.60 -31.51
CA MET G 52 -39.19 14.11 -30.92
C MET G 52 -39.47 14.80 -29.59
N LYS G 53 -38.44 14.97 -28.77
CA LYS G 53 -38.62 15.65 -27.50
C LYS G 53 -38.98 17.11 -27.68
N HIS G 54 -38.36 17.80 -28.66
CA HIS G 54 -38.71 19.19 -28.92
C HIS G 54 -40.16 19.31 -29.41
N ALA G 55 -40.57 18.40 -30.29
CA ALA G 55 -41.96 18.40 -30.75
C ALA G 55 -42.91 18.24 -29.57
N ASP G 56 -42.59 17.32 -28.67
CA ASP G 56 -43.43 17.11 -27.48
C ASP G 56 -43.61 18.41 -26.71
N LYS G 57 -42.49 19.11 -26.44
CA LYS G 57 -42.58 20.36 -25.70
C LYS G 57 -43.40 21.41 -26.44
N LEU G 58 -43.28 21.49 -27.77
CA LEU G 58 -44.07 22.45 -28.53
C LEU G 58 -45.55 22.12 -28.47
N ILE G 59 -45.88 20.84 -28.66
CA ILE G 59 -47.26 20.39 -28.56
C ILE G 59 -47.84 20.77 -27.21
N GLU G 60 -47.09 20.50 -26.14
CA GLU G 60 -47.57 20.82 -24.80
C GLU G 60 -47.80 22.31 -24.62
N ARG G 61 -46.88 23.14 -25.14
CA ARG G 61 -47.02 24.59 -25.03
C ARG G 61 -48.22 25.11 -25.81
N ILE G 62 -48.39 24.63 -27.04
CA ILE G 62 -49.51 25.05 -27.87
C ILE G 62 -50.83 24.73 -27.19
N LEU G 63 -50.94 23.53 -26.62
CA LEU G 63 -52.18 23.14 -25.93
C LEU G 63 -52.46 24.01 -24.71
N PHE G 64 -51.43 24.24 -23.90
CA PHE G 64 -51.54 25.18 -22.78
C PHE G 64 -52.07 26.54 -23.23
N LEU G 65 -51.59 27.06 -24.38
CA LEU G 65 -52.01 28.34 -24.89
C LEU G 65 -53.35 28.26 -25.64
N GLU G 66 -54.02 27.11 -25.60
CA GLU G 66 -55.36 26.95 -26.19
C GLU G 66 -55.35 27.03 -27.71
N GLY G 67 -54.26 26.60 -28.33
CA GLY G 67 -54.20 26.38 -29.76
C GLY G 67 -54.30 24.90 -30.12
N LEU G 68 -54.30 24.65 -31.43
CA LEU G 68 -54.36 23.31 -32.00
C LEU G 68 -53.02 22.95 -32.59
N PRO G 69 -52.27 22.01 -32.00
CA PRO G 69 -50.97 21.62 -32.57
C PRO G 69 -51.18 20.87 -33.87
N ASN G 70 -50.56 21.35 -34.94
CA ASN G 70 -50.75 20.77 -36.25
C ASN G 70 -49.76 19.62 -36.46
N LEU G 71 -50.24 18.40 -36.31
CA LEU G 71 -49.44 17.21 -36.63
C LEU G 71 -49.86 16.57 -37.95
N GLN G 72 -50.68 17.26 -38.74
CA GLN G 72 -51.26 16.74 -39.97
C GLN G 72 -50.47 17.15 -41.21
N ASP G 73 -49.98 18.37 -41.23
CA ASP G 73 -49.32 18.90 -42.41
C ASP G 73 -47.84 18.60 -42.23
N LEU G 74 -47.30 17.76 -43.08
CA LEU G 74 -45.89 17.42 -43.06
C LEU G 74 -45.26 18.03 -44.31
N GLY G 75 -44.23 18.84 -44.11
CA GLY G 75 -43.53 19.44 -45.23
C GLY G 75 -42.57 18.48 -45.89
N LYS G 76 -41.75 19.03 -46.79
CA LYS G 76 -40.89 18.22 -47.64
C LYS G 76 -39.68 17.71 -46.88
N LEU G 77 -39.50 16.39 -46.91
CA LEU G 77 -38.33 15.76 -46.33
C LEU G 77 -37.14 15.94 -47.28
N LEU G 78 -35.97 16.24 -46.74
CA LEU G 78 -34.76 16.36 -47.56
C LEU G 78 -33.95 15.09 -47.35
N ILE G 79 -34.17 14.09 -48.22
CA ILE G 79 -33.55 12.80 -48.05
C ILE G 79 -32.37 12.70 -49.02
N GLY G 80 -31.22 12.38 -48.49
CA GLY G 80 -30.06 12.18 -49.34
C GLY G 80 -29.94 10.75 -49.78
N GLU G 81 -29.04 10.53 -50.74
CA GLU G 81 -28.79 9.19 -51.25
C GLU G 81 -27.34 8.79 -51.06
N ASN G 82 -26.55 9.61 -50.37
CA ASN G 82 -25.21 9.20 -49.98
C ASN G 82 -24.83 9.98 -48.73
N THR G 83 -23.79 9.51 -48.04
CA THR G 83 -23.51 10.01 -46.71
C THR G 83 -23.30 11.53 -46.70
N GLN G 84 -22.46 12.05 -47.60
CA GLN G 84 -22.22 13.49 -47.62
C GLN G 84 -23.50 14.26 -47.91
N GLU G 85 -24.30 13.78 -48.86
CA GLU G 85 -25.55 14.46 -49.20
C GLU G 85 -26.54 14.44 -48.05
N MET G 86 -26.61 13.33 -47.32
CA MET G 86 -27.53 13.24 -46.20
C MET G 86 -27.18 14.25 -45.12
N LEU G 87 -25.88 14.36 -44.81
CA LEU G 87 -25.43 15.35 -43.85
C LEU G 87 -25.76 16.76 -44.34
N GLN G 88 -25.54 17.04 -45.62
CA GLN G 88 -25.85 18.37 -46.13
C GLN G 88 -27.36 18.62 -46.13
N CYS G 89 -28.17 17.58 -46.37
CA CYS G 89 -29.62 17.72 -46.27
C CYS G 89 -30.04 18.05 -44.85
N ASP G 90 -29.44 17.39 -43.85
CA ASP G 90 -29.73 17.73 -42.46
C ASP G 90 -29.34 19.18 -42.17
N LEU G 91 -28.15 19.57 -42.63
CA LEU G 91 -27.68 20.94 -42.40
C LEU G 91 -28.62 21.96 -43.03
N ASN G 92 -29.02 21.74 -44.29
CA ASN G 92 -29.96 22.66 -44.92
C ASN G 92 -31.27 22.77 -44.15
N LEU G 93 -31.79 21.64 -43.68
CA LEU G 93 -33.00 21.68 -42.86
C LEU G 93 -32.77 22.47 -41.59
N GLU G 94 -31.63 22.27 -40.92
CA GLU G 94 -31.36 22.97 -39.65
C GLU G 94 -31.21 24.47 -39.84
N LEU G 95 -30.60 24.90 -40.95
CA LEU G 95 -30.47 26.32 -41.20
C LEU G 95 -31.83 26.97 -41.44
N LYS G 96 -32.73 26.29 -42.15
CA LYS G 96 -34.11 26.77 -42.24
C LYS G 96 -34.77 26.82 -40.88
N ALA G 97 -34.59 25.76 -40.07
CA ALA G 97 -35.22 25.71 -38.76
C ALA G 97 -34.77 26.86 -37.85
N THR G 98 -33.46 27.15 -37.84
CA THR G 98 -32.99 28.22 -36.95
C THR G 98 -33.42 29.60 -37.43
N LYS G 99 -33.54 29.80 -38.76
CA LYS G 99 -34.10 31.05 -39.25
C LYS G 99 -35.51 31.26 -38.72
N ASP G 100 -36.33 30.21 -38.78
CA ASP G 100 -37.71 30.27 -38.30
C ASP G 100 -37.77 30.47 -36.79
N LEU G 101 -36.86 29.83 -36.05
CA LEU G 101 -36.81 30.01 -34.60
C LEU G 101 -36.51 31.45 -34.22
N ARG G 102 -35.59 32.10 -34.94
CA ARG G 102 -35.27 33.50 -34.65
C ARG G 102 -36.47 34.40 -34.92
N GLU G 103 -37.17 34.20 -36.02
CA GLU G 103 -38.34 35.03 -36.30
C GLU G 103 -39.43 34.82 -35.26
N ALA G 104 -39.63 33.58 -34.80
CA ALA G 104 -40.63 33.30 -33.77
C ALA G 104 -40.24 33.95 -32.43
N ILE G 105 -38.95 33.94 -32.10
CA ILE G 105 -38.51 34.56 -30.84
C ILE G 105 -38.74 36.06 -30.88
N VAL G 106 -38.45 36.70 -32.02
CA VAL G 106 -38.73 38.13 -32.18
C VAL G 106 -40.17 38.42 -31.83
N HIS G 107 -41.11 37.64 -32.38
CA HIS G 107 -42.51 37.95 -32.16
C HIS G 107 -42.93 37.64 -30.72
N CYS G 108 -42.41 36.55 -30.15
CA CYS G 108 -42.65 36.27 -28.73
C CYS G 108 -42.21 37.45 -27.87
N GLU G 109 -41.06 38.04 -28.18
CA GLU G 109 -40.59 39.19 -27.42
C GLU G 109 -41.54 40.37 -27.60
N GLN G 110 -42.01 40.62 -28.81
CA GLN G 110 -42.84 41.79 -29.06
C GLN G 110 -44.17 41.73 -28.31
N VAL G 111 -44.73 40.54 -28.09
CA VAL G 111 -46.01 40.41 -27.41
C VAL G 111 -45.86 39.93 -25.96
N HIS G 112 -44.62 39.89 -25.46
CA HIS G 112 -44.32 39.65 -24.06
C HIS G 112 -44.59 38.21 -23.64
N ASP G 113 -44.53 37.27 -24.58
CA ASP G 113 -44.65 35.85 -24.24
C ASP G 113 -43.23 35.32 -23.96
N TYR G 114 -42.75 35.62 -22.76
CA TYR G 114 -41.37 35.33 -22.43
C TYR G 114 -41.12 33.84 -22.17
N VAL G 115 -42.13 33.09 -21.71
CA VAL G 115 -41.97 31.66 -21.50
C VAL G 115 -41.87 30.93 -22.84
N SER G 116 -42.73 31.28 -23.80
CA SER G 116 -42.57 30.73 -25.15
C SER G 116 -41.21 31.09 -25.73
N ARG G 117 -40.74 32.32 -25.53
CA ARG G 117 -39.43 32.67 -26.04
C ARG G 117 -38.35 31.78 -25.42
N ASP G 118 -38.46 31.50 -24.12
CA ASP G 118 -37.44 30.71 -23.43
C ASP G 118 -37.45 29.26 -23.92
N LEU G 119 -38.63 28.70 -24.15
CA LEU G 119 -38.70 27.36 -24.76
C LEU G 119 -38.01 27.35 -26.12
N LEU G 120 -38.28 28.38 -26.93
CA LEU G 120 -37.71 28.42 -28.27
C LEU G 120 -36.21 28.67 -28.23
N LYS G 121 -35.75 29.48 -27.27
CA LYS G 121 -34.31 29.67 -27.13
C LYS G 121 -33.63 28.35 -26.80
N ASP G 122 -34.23 27.55 -25.92
CA ASP G 122 -33.67 26.22 -25.59
C ASP G 122 -33.63 25.32 -26.81
N ILE G 123 -34.69 25.33 -27.62
CA ILE G 123 -34.68 24.53 -28.83
C ILE G 123 -33.60 25.03 -29.78
N LEU G 124 -33.46 26.35 -29.92
CA LEU G 124 -32.45 26.93 -30.80
C LEU G 124 -31.04 26.53 -30.39
N GLU G 125 -30.77 26.48 -29.09
CA GLU G 125 -29.49 26.00 -28.60
C GLU G 125 -29.21 24.58 -29.05
N SER G 126 -30.22 23.71 -28.95
CA SER G 126 -30.07 22.35 -29.44
CA SER G 126 -30.08 22.34 -29.45
C SER G 126 -29.83 22.32 -30.94
N GLU G 127 -30.58 23.12 -31.71
CA GLU G 127 -30.39 23.07 -33.16
C GLU G 127 -29.01 23.62 -33.56
N GLU G 128 -28.50 24.62 -32.85
CA GLU G 128 -27.16 25.12 -33.17
C GLU G 128 -26.09 24.09 -32.82
N GLU G 129 -26.31 23.28 -31.78
CA GLU G 129 -25.36 22.19 -31.50
C GLU G 129 -25.42 21.15 -32.60
N HIS G 130 -26.61 20.91 -33.14
CA HIS G 130 -26.70 19.97 -34.26
C HIS G 130 -25.99 20.54 -35.49
N ILE G 131 -26.12 21.85 -35.71
CA ILE G 131 -25.43 22.50 -36.83
C ILE G 131 -23.92 22.37 -36.65
N ASP G 132 -23.43 22.57 -35.44
CA ASP G 132 -22.00 22.39 -35.19
C ASP G 132 -21.57 20.96 -35.53
N TYR G 133 -22.33 19.96 -35.06
CA TYR G 133 -22.03 18.58 -35.39
C TYR G 133 -21.93 18.38 -36.90
N LEU G 134 -22.93 18.89 -37.62
CA LEU G 134 -23.04 18.61 -39.05
C LEU G 134 -21.92 19.28 -39.83
N GLU G 135 -21.67 20.56 -39.53
CA GLU G 135 -20.57 21.25 -40.21
C GLU G 135 -19.25 20.54 -39.94
N THR G 136 -19.07 20.06 -38.71
CA THR G 136 -17.83 19.38 -38.35
C THR G 136 -17.69 18.07 -39.13
N GLN G 137 -18.77 17.33 -39.30
CA GLN G 137 -18.69 16.08 -40.05
C GLN G 137 -18.35 16.35 -41.50
N LEU G 138 -18.98 17.35 -42.09
CA LEU G 138 -18.70 17.71 -43.46
C LEU G 138 -17.24 18.16 -43.62
N GLY G 139 -16.72 18.90 -42.63
CA GLY G 139 -15.31 19.26 -42.63
C GLY G 139 -14.40 18.06 -42.48
N LEU G 140 -14.78 17.09 -41.63
CA LEU G 140 -13.97 15.88 -41.46
C LEU G 140 -13.88 15.11 -42.75
N ILE G 141 -14.97 15.05 -43.52
CA ILE G 141 -14.91 14.36 -44.81
C ILE G 141 -13.83 14.99 -45.68
N GLN G 142 -13.71 16.32 -45.65
CA GLN G 142 -12.69 16.99 -46.45
C GLN G 142 -11.28 16.70 -45.93
N LYS G 143 -11.11 16.61 -44.61
CA LYS G 143 -9.79 16.47 -44.00
C LYS G 143 -9.25 15.05 -44.04
N VAL G 144 -10.08 14.06 -43.72
CA VAL G 144 -9.60 12.69 -43.66
C VAL G 144 -9.95 11.89 -44.92
N GLY G 145 -10.70 12.45 -45.86
CA GLY G 145 -11.13 11.71 -47.03
C GLY G 145 -12.39 10.89 -46.77
N LEU G 146 -13.21 10.72 -47.82
CA LEU G 146 -14.52 10.09 -47.64
C LEU G 146 -14.37 8.64 -47.18
N GLU G 147 -13.44 7.89 -47.78
CA GLU G 147 -13.27 6.50 -47.42
C GLU G 147 -12.90 6.33 -45.95
N ASN G 148 -11.93 7.12 -45.48
CA ASN G 148 -11.58 7.07 -44.05
C ASN G 148 -12.75 7.49 -43.19
N TYR G 149 -13.46 8.56 -43.56
CA TYR G 149 -14.58 9.03 -42.77
C TYR G 149 -15.63 7.93 -42.59
N LEU G 150 -15.96 7.24 -43.69
CA LEU G 150 -16.93 6.17 -43.59
C LEU G 150 -16.38 5.01 -42.76
N GLN G 151 -15.11 4.65 -42.97
CA GLN G 151 -14.49 3.59 -42.18
C GLN G 151 -14.66 3.86 -40.69
N SER G 152 -14.43 5.11 -40.29
CA SER G 152 -14.50 5.47 -38.89
C SER G 152 -15.92 5.43 -38.34
N HIS G 153 -16.93 5.29 -39.20
CA HIS G 153 -18.29 5.23 -38.72
C HIS G 153 -18.93 3.86 -38.91
N MET G 154 -18.13 2.85 -39.19
CA MET G 154 -18.68 1.51 -39.37
C MET G 154 -19.13 0.91 -38.05
N HIS G 155 -18.30 1.00 -37.02
CA HIS G 155 -18.54 0.21 -35.81
C HIS G 155 -19.01 1.05 -34.63
N MET H 1 19.82 -8.02 37.52
CA MET H 1 20.17 -6.82 38.33
C MET H 1 20.12 -7.25 39.79
N LYS H 2 21.21 -7.10 40.53
CA LYS H 2 21.29 -7.68 41.87
C LYS H 2 20.33 -6.97 42.82
N GLY H 3 19.40 -7.73 43.37
CA GLY H 3 18.48 -7.15 44.32
C GLY H 3 18.97 -7.20 45.75
N ASP H 4 18.29 -6.41 46.58
CA ASP H 4 18.47 -6.44 48.03
C ASP H 4 18.06 -7.80 48.57
N LYS H 5 18.91 -8.38 49.42
CA LYS H 5 18.63 -9.75 49.89
C LYS H 5 17.32 -9.81 50.68
N LYS H 6 17.07 -8.83 51.53
CA LYS H 6 15.86 -8.84 52.34
C LYS H 6 14.61 -8.57 51.51
N VAL H 7 14.71 -7.70 50.48
CA VAL H 7 13.61 -7.55 49.52
C VAL H 7 13.25 -8.91 48.94
N ILE H 8 14.25 -9.65 48.45
CA ILE H 8 13.96 -10.94 47.86
C ILE H 8 13.32 -11.87 48.89
N GLN H 9 13.79 -11.83 50.13
CA GLN H 9 13.15 -12.64 51.15
C GLN H 9 11.69 -12.26 51.33
N HIS H 10 11.39 -10.96 51.35
CA HIS H 10 10.02 -10.50 51.45
C HIS H 10 9.21 -10.99 50.27
N LEU H 11 9.77 -10.85 49.06
CA LEU H 11 9.05 -11.29 47.85
C LEU H 11 8.76 -12.79 47.91
N ASN H 12 9.68 -13.56 48.47
CA ASN H 12 9.44 -15.00 48.58
C ASN H 12 8.40 -15.32 49.62
N LYS H 13 8.32 -14.50 50.68
CA LYS H 13 7.25 -14.65 51.65
C LYS H 13 5.89 -14.35 51.03
N ILE H 14 5.79 -13.27 50.25
CA ILE H 14 4.53 -12.96 49.57
C ILE H 14 4.19 -14.10 48.62
N LEU H 15 5.19 -14.56 47.86
CA LEU H 15 4.98 -15.68 46.95
C LEU H 15 4.44 -16.89 47.70
N GLY H 16 5.01 -17.20 48.86
CA GLY H 16 4.51 -18.30 49.65
C GLY H 16 3.05 -18.16 49.99
N ASN H 17 2.61 -16.94 50.32
CA ASN H 17 1.21 -16.71 50.65
C ASN H 17 0.33 -16.94 49.43
N GLU H 18 0.80 -16.48 48.27
CA GLU H 18 0.03 -16.66 47.04
C GLU H 18 -0.10 -18.13 46.68
N LEU H 19 0.96 -18.93 46.91
CA LEU H 19 0.88 -20.36 46.61
C LEU H 19 -0.13 -21.08 47.48
N ILE H 20 -0.18 -20.75 48.77
CA ILE H 20 -1.27 -21.26 49.62
C ILE H 20 -2.63 -20.86 49.05
N ALA H 21 -2.80 -19.57 48.76
CA ALA H 21 -4.04 -19.04 48.22
C ALA H 21 -4.49 -19.77 46.95
N ILE H 22 -3.56 -20.02 46.02
CA ILE H 22 -3.91 -20.74 44.79
C ILE H 22 -4.62 -22.04 45.10
N ASN H 23 -3.99 -22.85 45.94
CA ASN H 23 -4.47 -24.20 46.21
C ASN H 23 -5.71 -24.16 47.07
N GLN H 24 -5.73 -23.28 48.07
CA GLN H 24 -6.91 -23.14 48.91
C GLN H 24 -8.13 -22.70 48.09
N TYR H 25 -7.98 -21.66 47.25
CA TYR H 25 -9.11 -21.20 46.44
C TYR H 25 -9.48 -22.24 45.38
N PHE H 26 -8.50 -22.93 44.83
CA PHE H 26 -8.86 -23.93 43.82
C PHE H 26 -9.66 -25.08 44.45
N LEU H 27 -9.24 -25.57 45.61
CA LEU H 27 -10.00 -26.64 46.27
C LEU H 27 -11.40 -26.15 46.68
N HIS H 28 -11.50 -24.96 47.25
CA HIS H 28 -12.81 -24.42 47.61
C HIS H 28 -13.71 -24.33 46.38
N SER H 29 -13.18 -23.89 45.24
CA SER H 29 -13.95 -23.78 44.01
C SER H 29 -14.51 -25.13 43.61
N ARG H 30 -13.68 -26.18 43.64
CA ARG H 30 -14.12 -27.48 43.20
C ARG H 30 -15.06 -28.13 44.21
N MET H 31 -14.90 -27.84 45.49
CA MET H 31 -15.86 -28.28 46.50
C MET H 31 -17.24 -27.68 46.25
N TRP H 32 -17.27 -26.36 46.02
CA TRP H 32 -18.52 -25.69 45.72
C TRP H 32 -19.17 -26.23 44.45
N ASN H 33 -18.38 -26.45 43.39
CA ASN H 33 -18.95 -27.06 42.20
C ASN H 33 -19.52 -28.44 42.49
N ASP H 34 -18.77 -29.28 43.24
CA ASP H 34 -19.27 -30.60 43.62
C ASP H 34 -20.58 -30.52 44.42
N TRP H 35 -20.75 -29.49 45.25
CA TRP H 35 -21.99 -29.33 46.01
C TRP H 35 -23.12 -28.69 45.22
N GLY H 36 -22.90 -28.29 43.96
CA GLY H 36 -23.92 -27.66 43.16
C GLY H 36 -24.06 -26.17 43.35
N LEU H 37 -23.10 -25.55 44.04
CA LEU H 37 -23.08 -24.09 44.24
C LEU H 37 -22.14 -23.46 43.21
N LYS H 38 -22.61 -23.52 41.95
CA LYS H 38 -21.75 -23.25 40.79
C LYS H 38 -21.39 -21.76 40.66
N ARG H 39 -22.21 -20.85 41.16
CA ARG H 39 -21.81 -19.45 41.12
C ARG H 39 -20.64 -19.18 42.06
N LEU H 40 -20.66 -19.77 43.25
CA LEU H 40 -19.52 -19.68 44.16
C LEU H 40 -18.32 -20.41 43.56
N GLY H 41 -18.55 -21.56 42.97
CA GLY H 41 -17.46 -22.30 42.35
C GLY H 41 -16.77 -21.50 41.27
N ALA H 42 -17.54 -20.81 40.43
CA ALA H 42 -16.97 -20.03 39.34
C ALA H 42 -16.22 -18.82 39.87
N HIS H 43 -16.81 -18.12 40.83
CA HIS H 43 -16.15 -16.94 41.37
C HIS H 43 -14.84 -17.31 42.05
N GLU H 44 -14.84 -18.41 42.82
CA GLU H 44 -13.64 -18.83 43.55
C GLU H 44 -12.54 -19.32 42.59
N TYR H 45 -12.94 -19.99 41.51
CA TYR H 45 -12.00 -20.30 40.44
C TYR H 45 -11.30 -19.05 39.91
N HIS H 46 -12.06 -17.96 39.70
CA HIS H 46 -11.45 -16.73 39.20
C HIS H 46 -10.53 -16.11 40.25
N GLU H 47 -10.86 -16.23 41.54
CA GLU H 47 -9.92 -15.80 42.59
C GLU H 47 -8.62 -16.60 42.56
N SER H 48 -8.72 -17.91 42.32
CA SER H 48 -7.54 -18.76 42.24
C SER H 48 -6.66 -18.36 41.06
N ILE H 49 -7.28 -18.14 39.89
CA ILE H 49 -6.57 -17.67 38.71
C ILE H 49 -5.88 -16.34 38.99
N ASP H 50 -6.59 -15.42 39.66
CA ASP H 50 -5.96 -14.14 39.97
C ASP H 50 -4.68 -14.31 40.79
N GLU H 51 -4.69 -15.21 41.79
CA GLU H 51 -3.50 -15.45 42.61
C GLU H 51 -2.39 -16.09 41.78
N MET H 52 -2.75 -16.95 40.83
CA MET H 52 -1.76 -17.54 39.94
C MET H 52 -1.03 -16.46 39.16
N LYS H 53 -1.77 -15.45 38.71
CA LYS H 53 -1.17 -14.34 37.98
C LYS H 53 -0.24 -13.51 38.87
N HIS H 54 -0.66 -13.24 40.11
CA HIS H 54 0.22 -12.55 41.05
C HIS H 54 1.49 -13.36 41.30
N ALA H 55 1.33 -14.67 41.52
CA ALA H 55 2.49 -15.51 41.74
C ALA H 55 3.46 -15.43 40.57
N ASP H 56 2.94 -15.53 39.35
CA ASP H 56 3.77 -15.37 38.15
C ASP H 56 4.59 -14.09 38.20
N LYS H 57 3.94 -12.95 38.50
CA LYS H 57 4.67 -11.68 38.52
C LYS H 57 5.76 -11.69 39.60
N LEU H 58 5.46 -12.27 40.76
CA LEU H 58 6.46 -12.33 41.82
C LEU H 58 7.64 -13.20 41.42
N ILE H 59 7.36 -14.35 40.84
CA ILE H 59 8.41 -15.22 40.32
C ILE H 59 9.29 -14.47 39.33
N GLU H 60 8.66 -13.76 38.40
CA GLU H 60 9.43 -13.01 37.40
C GLU H 60 10.29 -11.93 38.04
N ARG H 61 9.78 -11.23 39.06
CA ARG H 61 10.54 -10.16 39.69
C ARG H 61 11.73 -10.71 40.47
N ILE H 62 11.54 -11.84 41.17
CA ILE H 62 12.61 -12.45 41.98
C ILE H 62 13.76 -12.88 41.07
N LEU H 63 13.42 -13.46 39.91
CA LEU H 63 14.42 -13.89 38.95
C LEU H 63 15.17 -12.70 38.36
N PHE H 64 14.46 -11.62 38.03
CA PHE H 64 15.15 -10.43 37.55
C PHE H 64 16.15 -9.90 38.57
N LEU H 65 15.82 -10.02 39.86
CA LEU H 65 16.64 -9.55 40.95
C LEU H 65 17.72 -10.57 41.34
N GLU H 66 17.85 -11.65 40.57
CA GLU H 66 18.86 -12.69 40.77
C GLU H 66 18.66 -13.45 42.08
N GLY H 67 17.41 -13.66 42.48
CA GLY H 67 17.07 -14.55 43.56
C GLY H 67 16.50 -15.87 43.06
N LEU H 68 16.23 -16.74 44.02
CA LEU H 68 15.62 -18.05 43.77
C LEU H 68 14.17 -18.02 44.22
N PRO H 69 13.19 -18.08 43.31
CA PRO H 69 11.79 -18.13 43.74
C PRO H 69 11.47 -19.46 44.41
N ASN H 70 10.99 -19.40 45.65
CA ASN H 70 10.70 -20.60 46.43
C ASN H 70 9.33 -21.15 46.04
N LEU H 71 9.28 -22.17 45.20
CA LEU H 71 8.02 -22.85 44.90
C LEU H 71 7.91 -24.19 45.62
N GLN H 72 8.84 -24.48 46.53
CA GLN H 72 8.93 -25.76 47.20
C GLN H 72 8.21 -25.78 48.54
N ASP H 73 8.25 -24.68 49.27
CA ASP H 73 7.68 -24.66 50.60
C ASP H 73 6.24 -24.16 50.51
N LEU H 74 5.32 -25.02 50.90
CA LEU H 74 3.90 -24.70 50.87
C LEU H 74 3.40 -24.69 52.31
N GLY H 75 2.98 -23.52 52.78
CA GLY H 75 2.42 -23.41 54.11
C GLY H 75 1.03 -24.01 54.21
N LYS H 76 0.44 -23.79 55.38
CA LYS H 76 -0.77 -24.50 55.77
C LYS H 76 -1.97 -23.94 55.00
N LEU H 77 -2.70 -24.82 54.31
CA LEU H 77 -3.97 -24.46 53.70
C LEU H 77 -5.09 -24.36 54.73
N LEU H 78 -5.96 -23.37 54.59
CA LEU H 78 -7.12 -23.24 55.49
C LEU H 78 -8.37 -23.65 54.72
N ILE H 79 -8.80 -24.90 54.89
CA ILE H 79 -9.93 -25.44 54.15
C ILE H 79 -11.12 -25.48 55.11
N GLY H 80 -12.22 -24.89 54.70
CA GLY H 80 -13.43 -24.94 55.50
C GLY H 80 -14.24 -26.21 55.25
N GLU H 81 -15.20 -26.46 56.14
CA GLU H 81 -16.09 -27.62 55.98
C GLU H 81 -17.52 -27.25 55.61
N ASN H 82 -17.81 -25.96 55.47
CA ASN H 82 -19.07 -25.49 54.89
C ASN H 82 -18.81 -24.11 54.31
N THR H 83 -19.83 -23.57 53.63
CA THR H 83 -19.65 -22.35 52.85
C THR H 83 -19.17 -21.19 53.72
N GLN H 84 -19.82 -20.96 54.86
CA GLN H 84 -19.41 -19.86 55.72
C GLN H 84 -17.96 -20.02 56.16
N GLU H 85 -17.58 -21.21 56.57
CA GLU H 85 -16.21 -21.45 57.02
C GLU H 85 -15.21 -21.27 55.87
N MET H 86 -15.57 -21.69 54.65
CA MET H 86 -14.66 -21.52 53.53
C MET H 86 -14.39 -20.04 53.24
N LEU H 87 -15.44 -19.23 53.28
CA LEU H 87 -15.31 -17.80 53.06
C LEU H 87 -14.44 -17.20 54.15
N GLN H 88 -14.68 -17.59 55.41
CA GLN H 88 -13.87 -17.11 56.53
C GLN H 88 -12.42 -17.54 56.42
N CYS H 89 -12.18 -18.77 55.98
CA CYS H 89 -10.81 -19.23 55.78
C CYS H 89 -10.09 -18.38 54.73
N ASP H 90 -10.77 -18.09 53.62
CA ASP H 90 -10.18 -17.21 52.62
C ASP H 90 -9.89 -15.84 53.23
N LEU H 91 -10.80 -15.31 54.03
CA LEU H 91 -10.62 -13.98 54.60
C LEU H 91 -9.45 -13.96 55.57
N ASN H 92 -9.34 -14.98 56.42
CA ASN H 92 -8.23 -15.04 57.37
C ASN H 92 -6.90 -15.09 56.61
N LEU H 93 -6.83 -15.86 55.54
CA LEU H 93 -5.63 -15.90 54.72
C LEU H 93 -5.32 -14.53 54.13
N GLU H 94 -6.33 -13.85 53.57
CA GLU H 94 -6.11 -12.54 52.97
C GLU H 94 -5.64 -11.51 54.00
N LEU H 95 -6.11 -11.61 55.24
CA LEU H 95 -5.71 -10.62 56.24
C LEU H 95 -4.24 -10.81 56.62
N LYS H 96 -3.80 -12.07 56.71
CA LYS H 96 -2.39 -12.34 56.86
C LYS H 96 -1.59 -11.86 55.64
N ALA H 97 -2.10 -12.15 54.45
CA ALA H 97 -1.41 -11.74 53.22
C ALA H 97 -1.25 -10.23 53.11
N THR H 98 -2.27 -9.45 53.49
CA THR H 98 -2.11 -8.00 53.37
C THR H 98 -1.18 -7.45 54.45
N LYS H 99 -1.18 -8.03 55.64
CA LYS H 99 -0.18 -7.63 56.64
C LYS H 99 1.24 -7.84 56.12
N ASP H 100 1.50 -9.00 55.50
CA ASP H 100 2.83 -9.27 55.00
C ASP H 100 3.19 -8.33 53.86
N LEU H 101 2.20 -7.98 53.03
CA LEU H 101 2.45 -7.07 51.91
C LEU H 101 2.87 -5.70 52.43
N ARG H 102 2.21 -5.21 53.47
CA ARG H 102 2.56 -3.89 54.00
C ARG H 102 3.98 -3.89 54.55
N GLU H 103 4.36 -4.96 55.26
CA GLU H 103 5.71 -5.04 55.81
C GLU H 103 6.74 -5.08 54.70
N ALA H 104 6.45 -5.81 53.61
CA ALA H 104 7.39 -5.85 52.50
C ALA H 104 7.51 -4.48 51.81
N ILE H 105 6.38 -3.76 51.67
CA ILE H 105 6.44 -2.43 51.05
C ILE H 105 7.28 -1.47 51.90
N VAL H 106 7.12 -1.51 53.22
CA VAL H 106 7.98 -0.72 54.11
C VAL H 106 9.44 -0.95 53.78
N HIS H 107 9.84 -2.21 53.68
CA HIS H 107 11.25 -2.49 53.42
C HIS H 107 11.66 -2.06 52.01
N CYS H 108 10.80 -2.28 51.01
CA CYS H 108 11.17 -1.83 49.66
C CYS H 108 11.43 -0.33 49.63
N GLU H 109 10.55 0.44 50.30
CA GLU H 109 10.73 1.88 50.33
C GLU H 109 12.05 2.25 50.99
N GLN H 110 12.36 1.58 52.10
CA GLN H 110 13.58 1.90 52.85
C GLN H 110 14.83 1.71 52.00
N VAL H 111 14.88 0.67 51.18
CA VAL H 111 16.07 0.41 50.36
C VAL H 111 15.90 0.92 48.92
N HIS H 112 14.85 1.71 48.66
CA HIS H 112 14.65 2.41 47.38
C HIS H 112 14.35 1.46 46.23
N ASP H 113 13.81 0.28 46.52
CA ASP H 113 13.35 -0.61 45.45
C ASP H 113 11.90 -0.24 45.14
N TYR H 114 11.77 0.89 44.44
CA TYR H 114 10.46 1.44 44.16
C TYR H 114 9.68 0.62 43.15
N VAL H 115 10.35 -0.13 42.26
CA VAL H 115 9.61 -0.96 41.31
C VAL H 115 9.00 -2.17 42.02
N SER H 116 9.75 -2.80 42.93
CA SER H 116 9.16 -3.87 43.73
C SER H 116 8.00 -3.34 44.56
N ARG H 117 8.15 -2.12 45.11
CA ARG H 117 7.03 -1.55 45.88
C ARG H 117 5.79 -1.42 45.01
N ASP H 118 5.96 -0.90 43.79
CA ASP H 118 4.82 -0.70 42.90
C ASP H 118 4.11 -2.02 42.61
N LEU H 119 4.89 -3.09 42.38
CA LEU H 119 4.28 -4.39 42.14
C LEU H 119 3.48 -4.84 43.35
N LEU H 120 4.07 -4.69 44.54
CA LEU H 120 3.39 -5.15 45.75
C LEU H 120 2.14 -4.32 46.02
N LYS H 121 2.19 -3.02 45.74
CA LYS H 121 1.01 -2.17 45.88
C LYS H 121 -0.13 -2.65 44.98
N ASP H 122 0.20 -3.05 43.74
CA ASP H 122 -0.82 -3.53 42.81
C ASP H 122 -1.43 -4.82 43.34
N ILE H 123 -0.60 -5.73 43.83
CA ILE H 123 -1.10 -6.97 44.42
C ILE H 123 -1.95 -6.64 45.63
N LEU H 124 -1.49 -5.69 46.47
CA LEU H 124 -2.25 -5.31 47.66
C LEU H 124 -3.63 -4.76 47.28
N GLU H 125 -3.72 -3.99 46.17
CA GLU H 125 -5.02 -3.51 45.72
C GLU H 125 -5.94 -4.67 45.36
N SER H 126 -5.41 -5.67 44.66
CA SER H 126 -6.21 -6.84 44.34
CA SER H 126 -6.21 -6.85 44.33
C SER H 126 -6.67 -7.57 45.60
N GLU H 127 -5.77 -7.74 46.58
CA GLU H 127 -6.16 -8.49 47.77
C GLU H 127 -7.20 -7.74 48.60
N GLU H 128 -7.11 -6.41 48.65
CA GLU H 128 -8.15 -5.65 49.35
C GLU H 128 -9.50 -5.77 48.64
N GLU H 129 -9.50 -5.79 47.31
CA GLU H 129 -10.75 -6.06 46.58
C GLU H 129 -11.30 -7.43 46.98
N HIS H 130 -10.42 -8.42 47.12
CA HIS H 130 -10.86 -9.74 47.53
C HIS H 130 -11.46 -9.71 48.92
N ILE H 131 -10.79 -9.03 49.86
CA ILE H 131 -11.32 -8.85 51.21
C ILE H 131 -12.71 -8.21 51.16
N ASP H 132 -12.89 -7.18 50.34
CA ASP H 132 -14.22 -6.56 50.21
C ASP H 132 -15.25 -7.59 49.78
N TYR H 133 -14.92 -8.39 48.76
CA TYR H 133 -15.84 -9.44 48.31
C TYR H 133 -16.22 -10.36 49.47
N LEU H 134 -15.22 -10.85 50.21
CA LEU H 134 -15.44 -11.85 51.26
C LEU H 134 -16.24 -11.29 52.43
N GLU H 135 -15.86 -10.11 52.92
CA GLU H 135 -16.63 -9.49 53.99
C GLU H 135 -18.07 -9.28 53.57
N THR H 136 -18.27 -8.88 52.31
CA THR H 136 -19.62 -8.64 51.80
C THR H 136 -20.42 -9.94 51.74
N GLN H 137 -19.79 -11.04 51.30
CA GLN H 137 -20.49 -12.32 51.28
C GLN H 137 -20.89 -12.75 52.68
N LEU H 138 -19.99 -12.55 53.65
CA LEU H 138 -20.29 -12.97 55.01
C LEU H 138 -21.38 -12.09 55.61
N GLY H 139 -21.43 -10.81 55.25
CA GLY H 139 -22.56 -9.98 55.66
C GLY H 139 -23.87 -10.38 55.01
N LEU H 140 -23.84 -10.80 53.74
CA LEU H 140 -25.07 -11.24 53.08
C LEU H 140 -25.64 -12.50 53.70
N ILE H 141 -24.78 -13.44 54.12
CA ILE H 141 -25.27 -14.64 54.81
C ILE H 141 -26.14 -14.24 56.01
N GLN H 142 -25.71 -13.23 56.76
CA GLN H 142 -26.51 -12.75 57.90
C GLN H 142 -27.78 -12.04 57.44
N LYS H 143 -27.71 -11.25 56.39
CA LYS H 143 -28.84 -10.40 56.01
C LYS H 143 -29.93 -11.18 55.30
N VAL H 144 -29.57 -12.12 54.42
CA VAL H 144 -30.59 -12.87 53.68
C VAL H 144 -30.81 -14.27 54.25
N GLY H 145 -29.97 -14.71 55.18
CA GLY H 145 -30.04 -16.05 55.72
C GLY H 145 -29.27 -17.04 54.86
N LEU H 146 -28.76 -18.09 55.51
CA LEU H 146 -27.85 -19.02 54.84
C LEU H 146 -28.54 -19.75 53.69
N GLU H 147 -29.79 -20.17 53.91
CA GLU H 147 -30.52 -20.92 52.88
C GLU H 147 -30.71 -20.10 51.61
N ASN H 148 -31.21 -18.86 51.75
CA ASN H 148 -31.26 -17.96 50.60
C ASN H 148 -29.88 -17.68 50.01
N TYR H 149 -28.88 -17.45 50.86
CA TYR H 149 -27.55 -17.13 50.34
C TYR H 149 -27.06 -18.26 49.44
N LEU H 150 -27.21 -19.50 49.92
CA LEU H 150 -26.79 -20.65 49.13
C LEU H 150 -27.64 -20.80 47.89
N GLN H 151 -28.95 -20.65 48.02
CA GLN H 151 -29.85 -20.71 46.87
C GLN H 151 -29.39 -19.76 45.77
N SER H 152 -29.05 -18.52 46.14
CA SER H 152 -28.59 -17.53 45.17
C SER H 152 -27.26 -17.87 44.51
N HIS H 153 -26.53 -18.88 44.98
CA HIS H 153 -25.27 -19.25 44.35
C HIS H 153 -25.32 -20.62 43.70
N MET H 154 -26.52 -21.12 43.43
CA MET H 154 -26.65 -22.44 42.82
C MET H 154 -26.33 -22.40 41.34
N HIS H 155 -26.94 -21.50 40.59
CA HIS H 155 -26.81 -21.56 39.13
C HIS H 155 -25.83 -20.50 38.59
N MET I 1 -20.80 27.96 -38.37
CA MET I 1 -21.97 28.77 -38.79
C MET I 1 -21.55 30.23 -38.78
N LYS I 2 -21.69 30.95 -39.91
CA LYS I 2 -21.09 32.27 -40.01
C LYS I 2 -21.81 33.24 -39.07
N GLY I 3 -21.08 33.76 -38.09
CA GLY I 3 -21.66 34.69 -37.15
C GLY I 3 -21.58 36.13 -37.61
N ASP I 4 -22.31 36.98 -36.90
CA ASP I 4 -22.22 38.42 -37.11
C ASP I 4 -20.85 38.94 -36.71
N LYS I 5 -20.21 39.70 -37.59
CA LYS I 5 -18.85 40.17 -37.31
C LYS I 5 -18.80 40.98 -36.02
N LYS I 6 -19.80 41.81 -35.78
CA LYS I 6 -19.76 42.66 -34.59
C LYS I 6 -20.09 41.87 -33.31
N VAL I 7 -20.91 40.80 -33.42
CA VAL I 7 -21.04 39.86 -32.30
C VAL I 7 -19.67 39.27 -31.96
N ILE I 8 -18.93 38.82 -32.98
CA ILE I 8 -17.61 38.23 -32.73
C ILE I 8 -16.67 39.26 -32.09
N GLN I 9 -16.72 40.53 -32.52
CA GLN I 9 -15.88 41.53 -31.88
C GLN I 9 -16.25 41.71 -30.42
N HIS I 10 -17.55 41.70 -30.11
CA HIS I 10 -18.00 41.80 -28.73
C HIS I 10 -17.54 40.60 -27.91
N LEU I 11 -17.64 39.39 -28.49
CA LEU I 11 -17.21 38.20 -27.76
C LEU I 11 -15.71 38.25 -27.48
N ASN I 12 -14.93 38.75 -28.45
CA ASN I 12 -13.50 38.91 -28.24
C ASN I 12 -13.19 39.97 -27.19
N LYS I 13 -14.04 40.99 -27.08
CA LYS I 13 -13.83 41.99 -26.04
C LYS I 13 -14.14 41.41 -24.66
N ILE I 14 -15.22 40.63 -24.56
CA ILE I 14 -15.52 39.94 -23.29
C ILE I 14 -14.43 38.94 -22.96
N LEU I 15 -14.00 38.15 -23.94
CA LEU I 15 -12.87 37.26 -23.74
C LEU I 15 -11.65 38.01 -23.21
N GLY I 16 -11.36 39.17 -23.81
CA GLY I 16 -10.23 39.96 -23.36
C GLY I 16 -10.35 40.38 -21.91
N ASN I 17 -11.56 40.79 -21.47
CA ASN I 17 -11.79 41.05 -20.05
C ASN I 17 -11.55 39.81 -19.19
N GLU I 18 -12.03 38.65 -19.61
CA GLU I 18 -11.83 37.43 -18.84
C GLU I 18 -10.35 37.08 -18.75
N LEU I 19 -9.58 37.31 -19.82
CA LEU I 19 -8.15 36.96 -19.78
C LEU I 19 -7.40 37.83 -18.77
N ILE I 20 -7.74 39.13 -18.71
CA ILE I 20 -7.19 39.99 -17.67
C ILE I 20 -7.53 39.44 -16.29
N ALA I 21 -8.81 39.12 -16.09
CA ALA I 21 -9.30 38.64 -14.79
C ALA I 21 -8.62 37.33 -14.37
N ILE I 22 -8.45 36.40 -15.30
CA ILE I 22 -7.75 35.16 -14.97
C ILE I 22 -6.42 35.47 -14.30
N ASN I 23 -5.62 36.34 -14.93
CA ASN I 23 -4.26 36.61 -14.45
C ASN I 23 -4.27 37.44 -13.17
N GLN I 24 -5.16 38.44 -13.11
CA GLN I 24 -5.23 39.32 -11.95
C GLN I 24 -5.66 38.53 -10.71
N TYR I 25 -6.69 37.72 -10.86
CA TYR I 25 -7.14 36.94 -9.71
C TYR I 25 -6.12 35.88 -9.34
N PHE I 26 -5.47 35.24 -10.33
CA PHE I 26 -4.50 34.21 -9.98
C PHE I 26 -3.32 34.82 -9.21
N LEU I 27 -2.84 35.98 -9.65
CA LEU I 27 -1.76 36.64 -8.93
C LEU I 27 -2.22 37.08 -7.53
N HIS I 28 -3.39 37.71 -7.44
CA HIS I 28 -3.90 38.08 -6.13
C HIS I 28 -4.01 36.85 -5.21
N SER I 29 -4.48 35.73 -5.74
CA SER I 29 -4.60 34.50 -4.97
C SER I 29 -3.25 34.07 -4.41
N ARG I 30 -2.24 34.05 -5.27
CA ARG I 30 -0.94 33.56 -4.83
C ARG I 30 -0.26 34.54 -3.90
N MET I 31 -0.54 35.83 -4.06
CA MET I 31 -0.05 36.81 -3.11
C MET I 31 -0.63 36.55 -1.72
N TRP I 32 -1.95 36.36 -1.65
CA TRP I 32 -2.61 36.11 -0.39
C TRP I 32 -2.12 34.80 0.26
N ASN I 33 -1.89 33.75 -0.53
CA ASN I 33 -1.31 32.54 0.06
C ASN I 33 0.08 32.82 0.61
N ASP I 34 0.91 33.55 -0.14
CA ASP I 34 2.26 33.84 0.32
C ASP I 34 2.25 34.61 1.64
N TRP I 35 1.22 35.45 1.85
CA TRP I 35 1.10 36.23 3.06
C TRP I 35 0.45 35.47 4.19
N GLY I 36 0.08 34.21 3.97
CA GLY I 36 -0.58 33.43 4.99
C GLY I 36 -2.07 33.65 5.11
N LEU I 37 -2.69 34.35 4.16
CA LEU I 37 -4.15 34.58 4.14
C LEU I 37 -4.78 33.58 3.19
N LYS I 38 -4.77 32.32 3.64
CA LYS I 38 -5.07 31.18 2.77
C LYS I 38 -6.54 31.08 2.42
N ARG I 39 -7.44 31.58 3.28
CA ARG I 39 -8.86 31.56 2.89
C ARG I 39 -9.13 32.54 1.76
N LEU I 40 -8.52 33.74 1.79
CA LEU I 40 -8.59 34.64 0.64
C LEU I 40 -7.92 34.02 -0.57
N GLY I 41 -6.75 33.41 -0.37
CA GLY I 41 -6.05 32.80 -1.49
C GLY I 41 -6.88 31.73 -2.18
N ALA I 42 -7.52 30.87 -1.39
CA ALA I 42 -8.33 29.80 -1.98
C ALA I 42 -9.56 30.36 -2.69
N HIS I 43 -10.25 31.31 -2.06
CA HIS I 43 -11.41 31.90 -2.71
C HIS I 43 -11.03 32.56 -4.03
N GLU I 44 -9.94 33.34 -4.02
CA GLU I 44 -9.53 34.06 -5.22
C GLU I 44 -9.07 33.10 -6.32
N TYR I 45 -8.48 31.98 -5.93
CA TYR I 45 -8.14 30.92 -6.86
C TYR I 45 -9.40 30.41 -7.56
N HIS I 46 -10.46 30.19 -6.79
CA HIS I 46 -11.69 29.71 -7.41
C HIS I 46 -12.32 30.78 -8.31
N GLU I 47 -12.17 32.07 -7.98
CA GLU I 47 -12.61 33.11 -8.90
C GLU I 47 -11.83 33.05 -10.20
N SER I 48 -10.51 32.84 -10.12
CA SER I 48 -9.68 32.70 -11.32
C SER I 48 -10.10 31.51 -12.19
N ILE I 49 -10.32 30.35 -11.57
CA ILE I 49 -10.78 29.19 -12.30
C ILE I 49 -12.13 29.45 -12.97
N ASP I 50 -13.05 30.10 -12.27
CA ASP I 50 -14.34 30.43 -12.88
C ASP I 50 -14.15 31.29 -14.13
N GLU I 51 -13.23 32.27 -14.10
CA GLU I 51 -12.98 33.10 -15.27
C GLU I 51 -12.37 32.28 -16.40
N MET I 52 -11.50 31.31 -16.05
CA MET I 52 -10.96 30.38 -17.04
C MET I 52 -12.06 29.62 -17.76
N LYS I 53 -13.05 29.13 -17.00
CA LYS I 53 -14.16 28.41 -17.62
C LYS I 53 -14.99 29.31 -18.52
N HIS I 54 -15.23 30.57 -18.12
CA HIS I 54 -15.95 31.49 -19.00
C HIS I 54 -15.17 31.70 -20.29
N ALA I 55 -13.84 31.85 -20.17
CA ALA I 55 -13.01 32.10 -21.34
C ALA I 55 -13.06 30.93 -22.31
N ASP I 56 -13.06 29.71 -21.78
CA ASP I 56 -13.21 28.52 -22.61
C ASP I 56 -14.52 28.56 -23.41
N LYS I 57 -15.62 28.82 -22.73
CA LYS I 57 -16.90 28.90 -23.44
C LYS I 57 -16.89 29.97 -24.52
N LEU I 58 -16.29 31.13 -24.24
CA LEU I 58 -16.24 32.21 -25.23
C LEU I 58 -15.38 31.83 -26.42
N ILE I 59 -14.23 31.19 -26.17
CA ILE I 59 -13.39 30.72 -27.25
C ILE I 59 -14.15 29.73 -28.13
N GLU I 60 -14.85 28.80 -27.50
CA GLU I 60 -15.58 27.78 -28.24
C GLU I 60 -16.69 28.40 -29.09
N ARG I 61 -17.40 29.38 -28.55
CA ARG I 61 -18.48 30.07 -29.29
C ARG I 61 -17.92 30.84 -30.48
N ILE I 62 -16.85 31.61 -30.26
CA ILE I 62 -16.21 32.35 -31.36
C ILE I 62 -15.82 31.42 -32.50
N LEU I 63 -15.22 30.27 -32.18
CA LEU I 63 -14.80 29.36 -33.24
C LEU I 63 -15.99 28.79 -34.00
N PHE I 64 -17.04 28.38 -33.28
CA PHE I 64 -18.26 27.93 -33.94
C PHE I 64 -18.80 28.97 -34.90
N LEU I 65 -18.75 30.24 -34.52
CA LEU I 65 -19.23 31.33 -35.35
C LEU I 65 -18.22 31.72 -36.42
N GLU I 66 -17.13 30.96 -36.54
CA GLU I 66 -16.13 31.11 -37.58
C GLU I 66 -15.34 32.41 -37.42
N GLY I 67 -15.14 32.86 -36.17
CA GLY I 67 -14.23 33.94 -35.88
C GLY I 67 -12.91 33.41 -35.32
N LEU I 68 -12.01 34.35 -35.08
CA LEU I 68 -10.70 34.06 -34.52
C LEU I 68 -10.67 34.55 -33.07
N PRO I 69 -10.58 33.65 -32.09
CA PRO I 69 -10.50 34.11 -30.69
C PRO I 69 -9.16 34.80 -30.45
N ASN I 70 -9.22 35.96 -29.83
CA ASN I 70 -8.04 36.79 -29.61
C ASN I 70 -7.49 36.46 -28.23
N LEU I 71 -6.44 35.64 -28.19
CA LEU I 71 -5.73 35.31 -26.95
C LEU I 71 -4.39 36.02 -26.88
N GLN I 72 -4.14 36.94 -27.80
CA GLN I 72 -2.84 37.58 -27.94
C GLN I 72 -2.79 38.90 -27.20
N ASP I 73 -3.88 39.64 -27.22
CA ASP I 73 -3.90 40.98 -26.65
C ASP I 73 -4.34 40.85 -25.20
N LEU I 74 -3.51 41.34 -24.30
CA LEU I 74 -3.78 41.30 -22.87
C LEU I 74 -3.81 42.75 -22.37
N GLY I 75 -4.94 43.15 -21.79
CA GLY I 75 -5.05 44.49 -21.24
C GLY I 75 -4.40 44.61 -19.88
N LYS I 76 -4.62 45.77 -19.28
CA LYS I 76 -3.89 46.17 -18.07
C LYS I 76 -4.45 45.43 -16.87
N LEU I 77 -3.56 44.70 -16.18
CA LEU I 77 -3.88 44.12 -14.89
C LEU I 77 -3.92 45.20 -13.81
N LEU I 78 -4.87 45.08 -12.91
CA LEU I 78 -5.04 45.98 -11.79
C LEU I 78 -4.63 45.20 -10.56
N ILE I 79 -3.39 45.38 -10.12
CA ILE I 79 -2.82 44.60 -9.03
C ILE I 79 -2.71 45.51 -7.82
N GLY I 80 -3.31 45.10 -6.70
CA GLY I 80 -3.18 45.92 -5.51
C GLY I 80 -1.90 45.63 -4.74
N GLU I 81 -1.63 46.49 -3.75
CA GLU I 81 -0.47 46.36 -2.88
C GLU I 81 -0.82 45.96 -1.45
N ASN I 82 -2.10 45.87 -1.13
CA ASN I 82 -2.57 45.33 0.13
C ASN I 82 -3.98 44.80 -0.10
N THR I 83 -4.53 44.16 0.94
CA THR I 83 -5.78 43.41 0.80
C THR I 83 -6.94 44.32 0.36
N GLN I 84 -7.12 45.47 1.01
CA GLN I 84 -8.20 46.36 0.60
C GLN I 84 -8.05 46.81 -0.85
N GLU I 85 -6.84 47.19 -1.25
CA GLU I 85 -6.61 47.62 -2.64
C GLU I 85 -6.85 46.48 -3.62
N MET I 86 -6.44 45.26 -3.28
CA MET I 86 -6.63 44.13 -4.19
C MET I 86 -8.13 43.85 -4.42
N LEU I 87 -8.92 43.88 -3.35
CA LEU I 87 -10.37 43.72 -3.49
C LEU I 87 -10.96 44.81 -4.36
N GLN I 88 -10.54 46.07 -4.13
CA GLN I 88 -11.06 47.18 -4.91
C GLN I 88 -10.63 47.05 -6.37
N CYS I 89 -9.41 46.58 -6.63
CA CYS I 89 -8.97 46.37 -8.01
C CYS I 89 -9.83 45.31 -8.69
N ASP I 90 -10.13 44.22 -7.97
CA ASP I 90 -11.01 43.21 -8.53
C ASP I 90 -12.39 43.79 -8.81
N LEU I 91 -12.90 44.59 -7.88
CA LEU I 91 -14.23 45.19 -8.07
C LEU I 91 -14.25 46.13 -9.25
N ASN I 92 -13.23 47.00 -9.36
CA ASN I 92 -13.14 47.90 -10.52
C ASN I 92 -13.09 47.12 -11.82
N LEU I 93 -12.31 46.05 -11.88
CA LEU I 93 -12.31 45.23 -13.09
C LEU I 93 -13.70 44.65 -13.40
N GLU I 94 -14.40 44.15 -12.36
CA GLU I 94 -15.69 43.51 -12.58
C GLU I 94 -16.74 44.49 -13.06
N LEU I 95 -16.68 45.73 -12.58
CA LEU I 95 -17.65 46.74 -12.99
C LEU I 95 -17.44 47.11 -14.46
N LYS I 96 -16.18 47.14 -14.90
CA LYS I 96 -15.91 47.28 -16.32
C LYS I 96 -16.40 46.09 -17.10
N ALA I 97 -16.20 44.87 -16.56
CA ALA I 97 -16.63 43.66 -17.26
C ALA I 97 -18.15 43.64 -17.44
N THR I 98 -18.92 44.02 -16.42
CA THR I 98 -20.38 43.91 -16.55
C THR I 98 -20.94 44.98 -17.46
N LYS I 99 -20.33 46.17 -17.49
CA LYS I 99 -20.73 47.17 -18.47
C LYS I 99 -20.54 46.64 -19.88
N ASP I 100 -19.37 46.05 -20.15
CA ASP I 100 -19.12 45.50 -21.47
C ASP I 100 -20.06 44.33 -21.77
N LEU I 101 -20.36 43.50 -20.78
CA LEU I 101 -21.30 42.40 -21.00
C LEU I 101 -22.67 42.92 -21.43
N ARG I 102 -23.16 43.98 -20.77
CA ARG I 102 -24.47 44.51 -21.11
C ARG I 102 -24.49 45.01 -22.54
N GLU I 103 -23.42 45.68 -22.97
CA GLU I 103 -23.39 46.20 -24.34
C GLU I 103 -23.37 45.07 -25.36
N ALA I 104 -22.66 43.99 -25.04
CA ALA I 104 -22.63 42.84 -25.94
C ALA I 104 -23.99 42.16 -26.05
N ILE I 105 -24.70 42.06 -24.93
CA ILE I 105 -26.02 41.43 -24.97
C ILE I 105 -26.98 42.25 -25.83
N VAL I 106 -26.95 43.58 -25.68
CA VAL I 106 -27.79 44.45 -26.51
C VAL I 106 -27.56 44.14 -27.98
N HIS I 107 -26.31 44.02 -28.37
CA HIS I 107 -26.01 43.80 -29.78
C HIS I 107 -26.46 42.41 -30.23
N CYS I 108 -26.20 41.38 -29.41
CA CYS I 108 -26.68 40.04 -29.73
C CYS I 108 -28.18 40.02 -29.94
N GLU I 109 -28.93 40.70 -29.08
CA GLU I 109 -30.38 40.76 -29.23
C GLU I 109 -30.76 41.41 -30.56
N GLN I 110 -30.06 42.49 -30.93
CA GLN I 110 -30.43 43.22 -32.15
C GLN I 110 -30.19 42.40 -33.41
N VAL I 111 -29.20 41.50 -33.41
CA VAL I 111 -28.94 40.69 -34.60
C VAL I 111 -29.54 39.30 -34.46
N HIS I 112 -30.32 39.06 -33.41
CA HIS I 112 -31.06 37.81 -33.19
C HIS I 112 -30.13 36.65 -32.88
N ASP I 113 -28.93 36.91 -32.35
CA ASP I 113 -28.04 35.83 -31.93
C ASP I 113 -28.37 35.47 -30.47
N TYR I 114 -29.49 34.77 -30.31
CA TYR I 114 -30.04 34.53 -28.98
C TYR I 114 -29.20 33.56 -28.16
N VAL I 115 -28.49 32.63 -28.82
CA VAL I 115 -27.62 31.71 -28.08
C VAL I 115 -26.42 32.45 -27.49
N SER I 116 -25.78 33.35 -28.27
CA SER I 116 -24.67 34.14 -27.72
C SER I 116 -25.19 35.03 -26.58
N ARG I 117 -26.40 35.56 -26.71
CA ARG I 117 -26.97 36.30 -25.60
C ARG I 117 -27.08 35.44 -24.36
N ASP I 118 -27.56 34.20 -24.51
CA ASP I 118 -27.77 33.34 -23.34
C ASP I 118 -26.46 33.03 -22.65
N LEU I 119 -25.40 32.78 -23.44
CA LEU I 119 -24.07 32.58 -22.88
C LEU I 119 -23.58 33.81 -22.11
N LEU I 120 -23.75 35.00 -22.70
CA LEU I 120 -23.29 36.22 -22.05
C LEU I 120 -24.10 36.51 -20.80
N LYS I 121 -25.39 36.16 -20.81
CA LYS I 121 -26.20 36.39 -19.63
C LYS I 121 -25.73 35.50 -18.48
N ASP I 122 -25.38 34.25 -18.78
CA ASP I 122 -24.89 33.35 -17.73
C ASP I 122 -23.59 33.88 -17.15
N ILE I 123 -22.70 34.36 -18.01
CA ILE I 123 -21.45 34.97 -17.54
C ILE I 123 -21.77 36.21 -16.71
N LEU I 124 -22.76 36.99 -17.13
CA LEU I 124 -23.12 38.18 -16.37
C LEU I 124 -23.61 37.81 -14.97
N GLU I 125 -24.40 36.73 -14.87
CA GLU I 125 -24.84 36.29 -13.54
C GLU I 125 -23.66 35.93 -12.65
N SER I 126 -22.66 35.23 -13.22
CA SER I 126 -21.45 34.90 -12.45
CA SER I 126 -21.46 34.91 -12.44
C SER I 126 -20.72 36.17 -12.00
N GLU I 127 -20.55 37.13 -12.92
CA GLU I 127 -19.81 38.35 -12.57
C GLU I 127 -20.55 39.16 -11.51
N GLU I 128 -21.89 39.23 -11.60
CA GLU I 128 -22.64 39.94 -10.56
C GLU I 128 -22.52 39.25 -9.21
N GLU I 129 -22.47 37.93 -9.18
CA GLU I 129 -22.19 37.23 -7.92
C GLU I 129 -20.79 37.57 -7.40
N HIS I 130 -19.81 37.70 -8.28
CA HIS I 130 -18.49 38.11 -7.83
C HIS I 130 -18.52 39.54 -7.29
N ILE I 131 -19.23 40.43 -7.95
CA ILE I 131 -19.40 41.78 -7.42
C ILE I 131 -20.00 41.74 -6.03
N ASP I 132 -21.04 40.94 -5.84
CA ASP I 132 -21.65 40.80 -4.50
C ASP I 132 -20.61 40.37 -3.47
N TYR I 133 -19.85 39.31 -3.77
CA TYR I 133 -18.76 38.91 -2.90
C TYR I 133 -17.85 40.08 -2.55
N LEU I 134 -17.42 40.84 -3.57
CA LEU I 134 -16.39 41.86 -3.35
C LEU I 134 -16.90 43.03 -2.52
N GLU I 135 -18.10 43.53 -2.86
CA GLU I 135 -18.71 44.61 -2.07
C GLU I 135 -18.87 44.18 -0.61
N THR I 136 -19.23 42.91 -0.42
CA THR I 136 -19.44 42.38 0.94
C THR I 136 -18.14 42.31 1.72
N GLN I 137 -17.05 41.85 1.09
CA GLN I 137 -15.76 41.84 1.77
C GLN I 137 -15.34 43.25 2.18
N LEU I 138 -15.50 44.22 1.28
CA LEU I 138 -15.11 45.58 1.61
C LEU I 138 -15.99 46.15 2.72
N GLY I 139 -17.28 45.81 2.71
CA GLY I 139 -18.12 46.15 3.84
C GLY I 139 -17.70 45.49 5.14
N LEU I 140 -17.29 44.23 5.07
CA LEU I 140 -16.87 43.52 6.30
C LEU I 140 -15.61 44.15 6.89
N ILE I 141 -14.68 44.59 6.04
CA ILE I 141 -13.48 45.24 6.58
C ILE I 141 -13.87 46.46 7.41
N GLN I 142 -14.91 47.18 6.99
CA GLN I 142 -15.40 48.33 7.75
C GLN I 142 -16.10 47.93 9.04
N LYS I 143 -16.81 46.80 9.04
CA LYS I 143 -17.60 46.43 10.21
C LYS I 143 -16.75 45.75 11.28
N VAL I 144 -15.79 44.90 10.89
CA VAL I 144 -15.07 44.12 11.89
C VAL I 144 -13.65 44.63 12.12
N GLY I 145 -13.18 45.54 11.30
CA GLY I 145 -11.83 46.06 11.33
C GLY I 145 -10.92 45.22 10.46
N LEU I 146 -9.88 45.87 9.92
CA LEU I 146 -8.99 45.20 8.98
C LEU I 146 -8.24 44.06 9.64
N GLU I 147 -7.76 44.27 10.87
CA GLU I 147 -7.02 43.23 11.57
C GLU I 147 -7.88 41.97 11.77
N ASN I 148 -9.12 42.16 12.24
CA ASN I 148 -10.02 41.03 12.39
C ASN I 148 -10.36 40.41 11.03
N TYR I 149 -10.56 41.25 10.02
CA TYR I 149 -10.91 40.70 8.72
C TYR I 149 -9.78 39.80 8.22
N LEU I 150 -8.55 40.28 8.30
CA LEU I 150 -7.43 39.45 7.85
C LEU I 150 -7.30 38.21 8.72
N GLN I 151 -7.48 38.36 10.04
CA GLN I 151 -7.41 37.21 10.94
C GLN I 151 -8.34 36.10 10.49
N SER I 152 -9.57 36.46 10.14
CA SER I 152 -10.57 35.48 9.76
C SER I 152 -10.25 34.80 8.45
N HIS I 153 -9.26 35.28 7.72
CA HIS I 153 -8.93 34.71 6.42
C HIS I 153 -7.56 34.06 6.44
N MET I 154 -6.98 33.85 7.63
CA MET I 154 -5.70 33.15 7.76
C MET I 154 -5.85 31.67 7.43
N HIS I 155 -6.85 31.01 8.01
CA HIS I 155 -6.90 29.54 7.95
C HIS I 155 -8.04 29.03 7.08
N MET J 1 -20.72 -40.29 45.26
CA MET J 1 -20.67 -41.77 45.06
C MET J 1 -19.43 -42.35 45.76
N LYS J 2 -19.61 -43.28 46.69
CA LYS J 2 -18.51 -43.73 47.54
C LYS J 2 -17.49 -44.50 46.72
N GLY J 3 -16.28 -43.97 46.60
CA GLY J 3 -15.23 -44.64 45.86
C GLY J 3 -14.42 -45.61 46.72
N ASP J 4 -13.66 -46.46 46.03
CA ASP J 4 -12.73 -47.39 46.67
C ASP J 4 -11.62 -46.60 47.35
N LYS J 5 -11.37 -46.91 48.62
CA LYS J 5 -10.38 -46.13 49.36
C LYS J 5 -9.01 -46.14 48.68
N LYS J 6 -8.58 -47.29 48.18
CA LYS J 6 -7.25 -47.38 47.57
C LYS J 6 -7.22 -46.70 46.20
N VAL J 7 -8.32 -46.72 45.44
CA VAL J 7 -8.40 -45.87 44.25
C VAL J 7 -8.13 -44.43 44.61
N ILE J 8 -8.80 -43.93 45.66
CA ILE J 8 -8.63 -42.53 46.02
C ILE J 8 -7.19 -42.25 46.47
N GLN J 9 -6.56 -43.20 47.15
CA GLN J 9 -5.16 -43.03 47.51
C GLN J 9 -4.27 -42.95 46.27
N HIS J 10 -4.51 -43.82 45.27
CA HIS J 10 -3.77 -43.74 44.02
C HIS J 10 -4.00 -42.40 43.32
N LEU J 11 -5.28 -41.97 43.21
CA LEU J 11 -5.57 -40.68 42.60
C LEU J 11 -4.88 -39.54 43.31
N ASN J 12 -4.81 -39.61 44.65
CA ASN J 12 -4.10 -38.54 45.36
C ASN J 12 -2.61 -38.59 45.09
N LYS J 13 -2.06 -39.80 44.88
CA LYS J 13 -0.65 -39.91 44.53
C LYS J 13 -0.39 -39.29 43.17
N ILE J 14 -1.24 -39.59 42.19
CA ILE J 14 -1.10 -38.99 40.86
C ILE J 14 -1.23 -37.48 40.97
N LEU J 15 -2.21 -37.00 41.72
CA LEU J 15 -2.38 -35.57 41.92
C LEU J 15 -1.11 -34.94 42.49
N GLY J 16 -0.54 -35.58 43.50
CA GLY J 16 0.70 -35.09 44.08
C GLY J 16 1.79 -34.94 43.03
N ASN J 17 1.91 -35.93 42.12
CA ASN J 17 2.89 -35.82 41.04
C ASN J 17 2.58 -34.65 40.12
N GLU J 18 1.30 -34.43 39.81
CA GLU J 18 0.93 -33.31 38.95
C GLU J 18 1.24 -31.98 39.62
N LEU J 19 1.06 -31.90 40.95
CA LEU J 19 1.33 -30.65 41.68
C LEU J 19 2.82 -30.31 41.65
N ILE J 20 3.68 -31.31 41.79
CA ILE J 20 5.12 -31.09 41.63
C ILE J 20 5.40 -30.56 40.24
N ALA J 21 4.84 -31.21 39.24
CA ALA J 21 5.09 -30.86 37.84
C ALA J 21 4.65 -29.43 37.55
N ILE J 22 3.45 -29.05 38.02
CA ILE J 22 2.98 -27.68 37.80
C ILE J 22 4.07 -26.69 38.20
N ASN J 23 4.59 -26.83 39.42
CA ASN J 23 5.53 -25.86 39.96
C ASN J 23 6.90 -25.96 39.28
N GLN J 24 7.40 -27.17 39.10
CA GLN J 24 8.67 -27.39 38.43
C GLN J 24 8.65 -26.81 37.02
N TYR J 25 7.59 -27.12 36.25
CA TYR J 25 7.51 -26.61 34.89
C TYR J 25 7.29 -25.10 34.87
N PHE J 26 6.48 -24.56 35.79
CA PHE J 26 6.31 -23.10 35.79
C PHE J 26 7.62 -22.39 36.10
N LEU J 27 8.38 -22.86 37.10
CA LEU J 27 9.66 -22.23 37.41
C LEU J 27 10.64 -22.37 36.24
N HIS J 28 10.77 -23.57 35.68
CA HIS J 28 11.63 -23.72 34.50
C HIS J 28 11.22 -22.76 33.39
N SER J 29 9.92 -22.59 33.16
CA SER J 29 9.45 -21.68 32.13
C SER J 29 9.95 -20.27 32.38
N ARG J 30 9.80 -19.80 33.62
CA ARG J 30 10.18 -18.43 33.93
C ARG J 30 11.68 -18.27 33.98
N MET J 31 12.43 -19.33 34.32
CA MET J 31 13.89 -19.25 34.21
C MET J 31 14.29 -19.06 32.75
N TRP J 32 13.71 -19.87 31.85
CA TRP J 32 14.06 -19.75 30.43
C TRP J 32 13.71 -18.36 29.89
N ASN J 33 12.58 -17.80 30.32
CA ASN J 33 12.20 -16.48 29.86
C ASN J 33 13.18 -15.44 30.35
N ASP J 34 13.64 -15.59 31.60
CA ASP J 34 14.59 -14.64 32.16
C ASP J 34 15.91 -14.69 31.42
N TRP J 35 16.29 -15.87 30.95
CA TRP J 35 17.51 -16.07 30.17
C TRP J 35 17.35 -15.64 28.72
N GLY J 36 16.16 -15.23 28.31
CA GLY J 36 15.93 -14.85 26.93
C GLY J 36 15.68 -16.01 26.01
N LEU J 37 15.41 -17.19 26.55
CA LEU J 37 15.08 -18.36 25.73
C LEU J 37 13.55 -18.52 25.68
N LYS J 38 12.92 -17.57 24.97
CA LYS J 38 11.49 -17.36 25.15
C LYS J 38 10.68 -18.48 24.49
N ARG J 39 11.23 -19.16 23.49
CA ARG J 39 10.47 -20.26 22.91
C ARG J 39 10.41 -21.46 23.85
N LEU J 40 11.52 -21.77 24.53
CA LEU J 40 11.47 -22.78 25.58
C LEU J 40 10.54 -22.33 26.70
N GLY J 41 10.62 -21.05 27.06
CA GLY J 41 9.77 -20.54 28.12
C GLY J 41 8.29 -20.70 27.80
N ALA J 42 7.89 -20.41 26.56
CA ALA J 42 6.49 -20.51 26.19
C ALA J 42 6.04 -21.96 26.16
N HIS J 43 6.90 -22.84 25.66
CA HIS J 43 6.51 -24.23 25.58
C HIS J 43 6.42 -24.85 26.96
N GLU J 44 7.36 -24.53 27.85
CA GLU J 44 7.32 -25.06 29.21
C GLU J 44 6.11 -24.50 29.96
N TYR J 45 5.77 -23.25 29.70
CA TYR J 45 4.56 -22.67 30.26
C TYR J 45 3.35 -23.51 29.89
N HIS J 46 3.24 -23.90 28.62
CA HIS J 46 2.09 -24.68 28.18
C HIS J 46 2.10 -26.07 28.80
N GLU J 47 3.27 -26.66 29.01
CA GLU J 47 3.35 -27.91 29.76
C GLU J 47 2.82 -27.73 31.18
N SER J 48 3.15 -26.60 31.82
CA SER J 48 2.65 -26.35 33.16
C SER J 48 1.13 -26.24 33.17
N ILE J 49 0.56 -25.51 32.19
CA ILE J 49 -0.89 -25.39 32.08
C ILE J 49 -1.53 -26.76 31.91
N ASP J 50 -0.94 -27.61 31.06
CA ASP J 50 -1.49 -28.95 30.87
C ASP J 50 -1.58 -29.71 32.18
N GLU J 51 -0.52 -29.63 33.01
CA GLU J 51 -0.52 -30.33 34.29
C GLU J 51 -1.56 -29.73 35.22
N MET J 52 -1.76 -28.41 35.13
CA MET J 52 -2.84 -27.78 35.88
C MET J 52 -4.20 -28.36 35.52
N LYS J 53 -4.45 -28.57 34.21
CA LYS J 53 -5.73 -29.12 33.79
C LYS J 53 -5.91 -30.56 34.27
N HIS J 54 -4.83 -31.36 34.26
CA HIS J 54 -4.92 -32.72 34.78
C HIS J 54 -5.21 -32.72 36.27
N ALA J 55 -4.54 -31.84 36.99
CA ALA J 55 -4.77 -31.72 38.42
C ALA J 55 -6.23 -31.39 38.71
N ASP J 56 -6.79 -30.44 37.95
CA ASP J 56 -8.22 -30.12 38.05
C ASP J 56 -9.08 -31.36 37.89
N LYS J 57 -8.87 -32.13 36.83
CA LYS J 57 -9.69 -33.32 36.62
C LYS J 57 -9.55 -34.32 37.77
N LEU J 58 -8.32 -34.51 38.27
CA LEU J 58 -8.12 -35.41 39.40
C LEU J 58 -8.85 -34.93 40.65
N ILE J 59 -8.76 -33.63 40.92
CA ILE J 59 -9.44 -33.07 42.09
C ILE J 59 -10.94 -33.31 41.99
N GLU J 60 -11.51 -33.04 40.80
CA GLU J 60 -12.94 -33.22 40.58
C GLU J 60 -13.36 -34.67 40.77
N ARG J 61 -12.56 -35.61 40.26
CA ARG J 61 -12.87 -37.05 40.39
C ARG J 61 -12.83 -37.49 41.86
N ILE J 62 -11.81 -37.06 42.60
CA ILE J 62 -11.69 -37.45 44.00
C ILE J 62 -12.88 -36.96 44.81
N LEU J 63 -13.27 -35.69 44.61
CA LEU J 63 -14.44 -35.16 45.28
C LEU J 63 -15.71 -35.93 44.93
N PHE J 64 -15.91 -36.23 43.64
CA PHE J 64 -17.05 -37.06 43.27
C PHE J 64 -17.04 -38.38 44.02
N LEU J 65 -15.86 -38.97 44.19
CA LEU J 65 -15.73 -40.25 44.89
C LEU J 65 -15.73 -40.10 46.40
N GLU J 66 -16.02 -38.91 46.92
CA GLU J 66 -16.16 -38.63 48.36
C GLU J 66 -14.84 -38.76 49.10
N GLY J 67 -13.73 -38.49 48.41
CA GLY J 67 -12.44 -38.39 49.04
C GLY J 67 -12.01 -36.95 49.27
N LEU J 68 -10.88 -36.80 49.97
CA LEU J 68 -10.26 -35.50 50.18
C LEU J 68 -9.06 -35.34 49.26
N PRO J 69 -9.11 -34.44 48.26
CA PRO J 69 -7.95 -34.20 47.39
C PRO J 69 -6.82 -33.53 48.17
N ASN J 70 -5.62 -34.08 48.06
CA ASN J 70 -4.50 -33.59 48.86
C ASN J 70 -3.73 -32.54 48.04
N LEU J 71 -3.99 -31.27 48.32
CA LEU J 71 -3.23 -30.15 47.79
C LEU J 71 -2.24 -29.59 48.80
N GLN J 72 -2.09 -30.23 49.95
CA GLN J 72 -1.24 -29.70 51.01
C GLN J 72 0.18 -30.23 50.92
N ASP J 73 0.32 -31.48 50.52
CA ASP J 73 1.63 -32.10 50.50
C ASP J 73 2.24 -31.87 49.12
N LEU J 74 3.42 -31.28 49.11
CA LEU J 74 4.15 -31.02 47.89
C LEU J 74 5.48 -31.73 48.01
N GLY J 75 5.73 -32.68 47.11
CA GLY J 75 6.99 -33.38 47.03
C GLY J 75 8.11 -32.51 46.43
N LYS J 76 9.24 -33.18 46.22
CA LYS J 76 10.46 -32.49 45.89
C LYS J 76 10.45 -32.04 44.43
N LEU J 77 10.64 -30.75 44.21
CA LEU J 77 10.83 -30.25 42.87
C LEU J 77 12.21 -30.62 42.38
N LEU J 78 12.32 -31.01 41.10
CA LEU J 78 13.59 -31.27 40.43
C LEU J 78 13.91 -30.09 39.50
N ILE J 79 14.73 -29.15 39.98
CA ILE J 79 15.00 -27.90 39.26
C ILE J 79 16.41 -27.99 38.66
N GLY J 80 16.52 -27.87 37.36
CA GLY J 80 17.86 -27.86 36.79
C GLY J 80 18.57 -26.50 36.90
N GLU J 81 19.89 -26.50 36.62
CA GLU J 81 20.68 -25.27 36.65
C GLU J 81 21.09 -24.80 35.27
N ASN J 82 20.75 -25.57 34.24
CA ASN J 82 20.96 -25.16 32.86
C ASN J 82 19.91 -25.90 32.02
N THR J 83 19.87 -25.59 30.72
CA THR J 83 18.80 -26.12 29.87
C THR J 83 18.82 -27.63 29.85
N GLN J 84 20.01 -28.20 29.75
CA GLN J 84 20.14 -29.65 29.66
C GLN J 84 19.58 -30.32 30.91
N GLU J 85 19.95 -29.81 32.08
CA GLU J 85 19.48 -30.35 33.35
C GLU J 85 17.98 -30.17 33.54
N MET J 86 17.45 -29.02 33.09
CA MET J 86 16.02 -28.74 33.28
C MET J 86 15.20 -29.74 32.50
N LEU J 87 15.60 -29.99 31.24
CA LEU J 87 14.91 -30.98 30.43
C LEU J 87 15.04 -32.37 31.03
N GLN J 88 16.24 -32.73 31.53
CA GLN J 88 16.41 -34.05 32.13
C GLN J 88 15.59 -34.18 33.40
N CYS J 89 15.51 -33.11 34.19
CA CYS J 89 14.71 -33.11 35.41
C CYS J 89 13.23 -33.32 35.10
N ASP J 90 12.70 -32.62 34.10
CA ASP J 90 11.34 -32.86 33.64
C ASP J 90 11.14 -34.31 33.23
N LEU J 91 12.10 -34.86 32.49
CA LEU J 91 11.95 -36.24 32.01
C LEU J 91 11.97 -37.23 33.18
N ASN J 92 12.90 -37.05 34.13
CA ASN J 92 12.94 -37.94 35.29
C ASN J 92 11.61 -37.89 36.06
N LEU J 93 11.04 -36.69 36.21
CA LEU J 93 9.76 -36.56 36.88
C LEU J 93 8.66 -37.28 36.10
N GLU J 94 8.67 -37.14 34.77
CA GLU J 94 7.64 -37.77 33.95
C GLU J 94 7.72 -39.28 34.03
N LEU J 95 8.94 -39.83 34.09
CA LEU J 95 9.08 -41.28 34.13
C LEU J 95 8.57 -41.83 35.45
N LYS J 96 8.77 -41.10 36.54
CA LYS J 96 8.14 -41.48 37.80
C LYS J 96 6.62 -41.40 37.68
N ALA J 97 6.10 -40.33 37.06
CA ALA J 97 4.65 -40.13 36.96
C ALA J 97 4.01 -41.26 36.17
N THR J 98 4.63 -41.70 35.08
CA THR J 98 3.99 -42.72 34.29
C THR J 98 4.07 -44.08 34.97
N LYS J 99 5.15 -44.34 35.72
CA LYS J 99 5.16 -45.54 36.54
C LYS J 99 3.99 -45.53 37.52
N ASP J 100 3.80 -44.42 38.22
CA ASP J 100 2.71 -44.34 39.18
C ASP J 100 1.35 -44.44 38.51
N LEU J 101 1.21 -43.87 37.30
CA LEU J 101 -0.06 -43.96 36.58
C LEU J 101 -0.40 -45.40 36.23
N ARG J 102 0.60 -46.17 35.80
CA ARG J 102 0.38 -47.58 35.46
C ARG J 102 -0.10 -48.37 36.67
N GLU J 103 0.52 -48.15 37.85
CA GLU J 103 0.11 -48.89 39.04
C GLU J 103 -1.31 -48.50 39.45
N ALA J 104 -1.69 -47.24 39.27
CA ALA J 104 -3.03 -46.79 39.60
C ALA J 104 -4.06 -47.41 38.67
N ILE J 105 -3.73 -47.51 37.37
CA ILE J 105 -4.65 -48.12 36.42
C ILE J 105 -4.87 -49.58 36.76
N VAL J 106 -3.79 -50.28 37.09
CA VAL J 106 -3.91 -51.69 37.50
C VAL J 106 -4.94 -51.82 38.62
N HIS J 107 -4.84 -50.96 39.63
CA HIS J 107 -5.76 -51.09 40.74
C HIS J 107 -7.19 -50.70 40.35
N CYS J 108 -7.37 -49.63 39.57
CA CYS J 108 -8.71 -49.29 39.09
C CYS J 108 -9.34 -50.44 38.32
N GLU J 109 -8.55 -51.10 37.47
CA GLU J 109 -9.09 -52.24 36.74
C GLU J 109 -9.55 -53.35 37.69
N GLN J 110 -8.74 -53.63 38.71
CA GLN J 110 -9.07 -54.75 39.59
C GLN J 110 -10.35 -54.51 40.36
N VAL J 111 -10.64 -53.26 40.74
CA VAL J 111 -11.86 -52.98 41.49
C VAL J 111 -12.98 -52.44 40.62
N HIS J 112 -12.84 -52.50 39.28
CA HIS J 112 -13.89 -52.15 38.34
C HIS J 112 -14.23 -50.67 38.32
N ASP J 113 -13.29 -49.80 38.70
CA ASP J 113 -13.51 -48.36 38.60
C ASP J 113 -13.03 -47.93 37.22
N TYR J 114 -13.86 -48.22 36.24
CA TYR J 114 -13.45 -48.08 34.85
C TYR J 114 -13.41 -46.63 34.40
N VAL J 115 -14.21 -45.76 35.02
CA VAL J 115 -14.17 -44.34 34.69
C VAL J 115 -12.88 -43.69 35.23
N SER J 116 -12.47 -44.05 36.45
CA SER J 116 -11.18 -43.56 36.94
C SER J 116 -10.05 -44.08 36.05
N ARG J 117 -10.12 -45.34 35.63
CA ARG J 117 -9.11 -45.86 34.72
C ARG J 117 -9.05 -45.02 33.43
N ASP J 118 -10.22 -44.74 32.84
CA ASP J 118 -10.25 -43.96 31.60
C ASP J 118 -9.60 -42.59 31.78
N LEU J 119 -9.86 -41.94 32.92
CA LEU J 119 -9.24 -40.65 33.19
C LEU J 119 -7.72 -40.77 33.27
N LEU J 120 -7.24 -41.79 34.00
CA LEU J 120 -5.81 -41.98 34.18
C LEU J 120 -5.13 -42.30 32.86
N LYS J 121 -5.80 -43.08 32.01
CA LYS J 121 -5.27 -43.40 30.69
C LYS J 121 -5.13 -42.14 29.83
N ASP J 122 -6.14 -41.27 29.82
CA ASP J 122 -6.00 -39.98 29.13
C ASP J 122 -4.81 -39.19 29.67
N ILE J 123 -4.66 -39.11 30.99
CA ILE J 123 -3.50 -38.39 31.56
C ILE J 123 -2.19 -39.06 31.13
N LEU J 124 -2.15 -40.39 31.15
CA LEU J 124 -0.96 -41.11 30.74
C LEU J 124 -0.61 -40.82 29.27
N GLU J 125 -1.63 -40.70 28.42
CA GLU J 125 -1.37 -40.34 27.03
C GLU J 125 -0.72 -38.97 26.93
N SER J 126 -1.19 -38.02 27.73
CA SER J 126 -0.57 -36.70 27.76
CA SER J 126 -0.57 -36.69 27.77
C SER J 126 0.86 -36.78 28.28
N GLU J 127 1.09 -37.56 29.36
CA GLU J 127 2.45 -37.62 29.89
C GLU J 127 3.39 -38.29 28.90
N GLU J 128 2.92 -39.33 28.18
CA GLU J 128 3.81 -39.95 27.18
C GLU J 128 4.10 -38.99 26.03
N GLU J 129 3.14 -38.12 25.68
CA GLU J 129 3.43 -37.07 24.70
C GLU J 129 4.50 -36.13 25.23
N HIS J 130 4.44 -35.78 26.52
CA HIS J 130 5.47 -34.95 27.11
C HIS J 130 6.83 -35.66 27.14
N ILE J 131 6.87 -36.97 27.46
CA ILE J 131 8.12 -37.72 27.37
C ILE J 131 8.68 -37.65 25.95
N ASP J 132 7.82 -37.83 24.95
CA ASP J 132 8.28 -37.76 23.57
C ASP J 132 8.92 -36.41 23.27
N TYR J 133 8.28 -35.33 23.71
CA TYR J 133 8.86 -34.00 23.49
C TYR J 133 10.21 -33.88 24.17
N LEU J 134 10.31 -34.37 25.41
CA LEU J 134 11.54 -34.20 26.18
C LEU J 134 12.69 -35.02 25.57
N GLU J 135 12.43 -36.29 25.25
CA GLU J 135 13.45 -37.14 24.64
C GLU J 135 13.93 -36.56 23.33
N THR J 136 13.00 -35.99 22.56
CA THR J 136 13.36 -35.36 21.30
C THR J 136 14.20 -34.11 21.49
N GLN J 137 13.89 -33.28 22.49
CA GLN J 137 14.72 -32.11 22.74
C GLN J 137 16.13 -32.51 23.11
N LEU J 138 16.29 -33.51 23.98
CA LEU J 138 17.63 -33.92 24.37
C LEU J 138 18.40 -34.50 23.18
N GLY J 139 17.71 -35.23 22.30
CA GLY J 139 18.29 -35.67 21.05
C GLY J 139 18.67 -34.53 20.12
N LEU J 140 17.83 -33.48 20.06
CA LEU J 140 18.16 -32.33 19.22
C LEU J 140 19.42 -31.60 19.73
N ILE J 141 19.57 -31.47 21.05
CA ILE J 141 20.78 -30.86 21.58
C ILE J 141 22.02 -31.60 21.07
N GLN J 142 21.93 -32.93 20.97
CA GLN J 142 23.04 -33.71 20.41
C GLN J 142 23.20 -33.45 18.91
N LYS J 143 22.11 -33.42 18.15
CA LYS J 143 22.21 -33.37 16.70
C LYS J 143 22.60 -31.99 16.17
N VAL J 144 22.06 -30.91 16.76
CA VAL J 144 22.36 -29.58 16.27
C VAL J 144 23.40 -28.87 17.11
N GLY J 145 23.79 -29.46 18.25
CA GLY J 145 24.72 -28.83 19.17
C GLY J 145 24.03 -27.86 20.12
N LEU J 146 24.59 -27.67 21.32
CA LEU J 146 23.88 -26.91 22.33
C LEU J 146 23.70 -25.44 21.92
N GLU J 147 24.76 -24.81 21.38
CA GLU J 147 24.66 -23.40 20.97
C GLU J 147 23.53 -23.20 19.96
N ASN J 148 23.44 -24.05 18.95
CA ASN J 148 22.34 -23.94 17.98
C ASN J 148 21.00 -24.23 18.62
N TYR J 149 20.93 -25.24 19.48
CA TYR J 149 19.66 -25.57 20.12
C TYR J 149 19.15 -24.38 20.92
N LEU J 150 20.04 -23.74 21.68
CA LEU J 150 19.63 -22.57 22.45
C LEU J 150 19.27 -21.43 21.53
N GLN J 151 20.06 -21.22 20.48
CA GLN J 151 19.79 -20.17 19.51
C GLN J 151 18.39 -20.32 18.94
N SER J 152 18.01 -21.54 18.57
CA SER J 152 16.71 -21.78 17.97
C SER J 152 15.57 -21.54 18.93
N HIS J 153 15.85 -21.31 20.21
CA HIS J 153 14.78 -21.14 21.18
C HIS J 153 14.78 -19.75 21.78
N MET J 154 15.52 -18.82 21.17
CA MET J 154 15.56 -17.44 21.64
C MET J 154 14.26 -16.70 21.35
N HIS J 155 13.75 -16.81 20.13
CA HIS J 155 12.63 -15.96 19.72
C HIS J 155 11.34 -16.77 19.53
N MET K 1 2.47 26.24 38.16
CA MET K 1 2.47 25.89 39.62
C MET K 1 3.90 25.81 40.14
N LYS K 2 4.27 26.68 41.08
CA LYS K 2 5.68 26.81 41.45
C LYS K 2 6.18 25.52 42.11
N GLY K 3 7.17 24.86 41.49
CA GLY K 3 7.74 23.65 42.04
C GLY K 3 8.91 23.90 42.99
N ASP K 4 9.32 22.83 43.69
CA ASP K 4 10.50 22.85 44.55
C ASP K 4 11.76 22.97 43.70
N LYS K 5 12.66 23.88 44.07
CA LYS K 5 13.83 24.14 43.23
C LYS K 5 14.69 22.88 43.08
N LYS K 6 14.91 22.16 44.16
CA LYS K 6 15.74 20.97 44.09
C LYS K 6 15.06 19.86 43.30
N VAL K 7 13.72 19.73 43.38
CA VAL K 7 13.02 18.80 42.50
C VAL K 7 13.32 19.12 41.05
N ILE K 8 13.21 20.39 40.68
CA ILE K 8 13.47 20.78 39.28
C ILE K 8 14.90 20.45 38.89
N GLN K 9 15.87 20.66 39.80
CA GLN K 9 17.25 20.29 39.50
C GLN K 9 17.39 18.79 39.27
N HIS K 10 16.69 17.99 40.09
CA HIS K 10 16.68 16.54 39.89
C HIS K 10 16.04 16.20 38.54
N LEU K 11 14.89 16.81 38.25
CA LEU K 11 14.23 16.53 36.97
C LEU K 11 15.13 16.87 35.81
N ASN K 12 15.85 18.00 35.89
CA ASN K 12 16.80 18.33 34.82
C ASN K 12 17.97 17.37 34.75
N LYS K 13 18.39 16.80 35.89
CA LYS K 13 19.45 15.80 35.84
C LYS K 13 18.98 14.53 35.16
N ILE K 14 17.76 14.08 35.49
CA ILE K 14 17.17 12.91 34.82
C ILE K 14 17.01 13.17 33.34
N LEU K 15 16.51 14.35 32.99
CA LEU K 15 16.42 14.76 31.58
C LEU K 15 17.77 14.68 30.88
N GLY K 16 18.82 15.19 31.54
CA GLY K 16 20.15 15.11 30.94
C GLY K 16 20.58 13.68 30.65
N ASN K 17 20.24 12.75 31.54
CA ASN K 17 20.53 11.34 31.27
C ASN K 17 19.74 10.83 30.07
N GLU K 18 18.45 11.17 29.99
CA GLU K 18 17.64 10.76 28.85
C GLU K 18 18.21 11.31 27.55
N LEU K 19 18.70 12.55 27.56
CA LEU K 19 19.22 13.14 26.33
C LEU K 19 20.47 12.42 25.86
N ILE K 20 21.37 12.03 26.77
CA ILE K 20 22.49 11.17 26.40
C ILE K 20 21.97 9.89 25.76
N ALA K 21 21.00 9.25 26.42
CA ALA K 21 20.53 7.94 25.99
C ALA K 21 19.88 8.01 24.61
N ILE K 22 19.10 9.05 24.34
CA ILE K 22 18.49 9.19 23.01
C ILE K 22 19.57 9.09 21.93
N ASN K 23 20.61 9.92 22.05
CA ASN K 23 21.67 9.96 21.03
C ASN K 23 22.49 8.69 21.01
N GLN K 24 22.87 8.19 22.19
CA GLN K 24 23.65 6.95 22.24
C GLN K 24 22.88 5.80 21.59
N TYR K 25 21.61 5.63 21.97
CA TYR K 25 20.85 4.51 21.40
C TYR K 25 20.58 4.76 19.92
N PHE K 26 20.35 6.01 19.52
CA PHE K 26 20.09 6.26 18.10
C PHE K 26 21.32 5.92 17.26
N LEU K 27 22.50 6.32 17.73
CA LEU K 27 23.70 5.99 16.97
C LEU K 27 23.94 4.48 16.95
N HIS K 28 23.79 3.81 18.10
CA HIS K 28 24.00 2.36 18.14
C HIS K 28 23.05 1.66 17.16
N SER K 29 21.81 2.14 17.10
CA SER K 29 20.82 1.56 16.20
C SER K 29 21.28 1.65 14.76
N ARG K 30 21.73 2.84 14.36
CA ARG K 30 22.12 3.04 12.97
C ARG K 30 23.45 2.35 12.66
N MET K 31 24.34 2.20 13.64
CA MET K 31 25.52 1.38 13.44
C MET K 31 25.11 -0.06 13.14
N TRP K 32 24.22 -0.64 13.96
CA TRP K 32 23.80 -2.01 13.75
C TRP K 32 23.10 -2.18 12.41
N ASN K 33 22.28 -1.20 12.00
CA ASN K 33 21.62 -1.32 10.71
C ASN K 33 22.65 -1.31 9.59
N ASP K 34 23.61 -0.40 9.66
CA ASP K 34 24.69 -0.34 8.67
C ASP K 34 25.49 -1.66 8.62
N TRP K 35 25.65 -2.32 9.75
CA TRP K 35 26.33 -3.61 9.76
C TRP K 35 25.45 -4.77 9.29
N GLY K 36 24.17 -4.53 8.99
CA GLY K 36 23.27 -5.59 8.56
C GLY K 36 22.64 -6.38 9.69
N LEU K 37 22.76 -5.89 10.91
CA LEU K 37 22.15 -6.52 12.08
C LEU K 37 20.85 -5.79 12.39
N LYS K 38 19.89 -6.01 11.50
CA LYS K 38 18.71 -5.14 11.48
C LYS K 38 17.76 -5.43 12.63
N ARG K 39 17.79 -6.61 13.24
CA ARG K 39 16.90 -6.83 14.37
C ARG K 39 17.41 -6.09 15.59
N LEU K 40 18.72 -6.02 15.75
CA LEU K 40 19.33 -5.18 16.77
C LEU K 40 19.08 -3.71 16.49
N GLY K 41 19.25 -3.30 15.23
CA GLY K 41 18.97 -1.92 14.86
C GLY K 41 17.55 -1.50 15.21
N ALA K 42 16.58 -2.34 14.88
CA ALA K 42 15.18 -1.97 15.10
C ALA K 42 14.89 -1.88 16.59
N HIS K 43 15.38 -2.83 17.36
CA HIS K 43 15.12 -2.83 18.79
C HIS K 43 15.77 -1.62 19.46
N GLU K 44 17.00 -1.30 19.06
CA GLU K 44 17.71 -0.17 19.66
C GLU K 44 17.04 1.14 19.27
N TYR K 45 16.51 1.21 18.06
CA TYR K 45 15.71 2.36 17.64
C TYR K 45 14.51 2.55 18.57
N HIS K 46 13.76 1.48 18.85
CA HIS K 46 12.61 1.63 19.74
C HIS K 46 13.05 2.03 21.14
N GLU K 47 14.24 1.62 21.58
CA GLU K 47 14.72 2.11 22.88
C GLU K 47 15.00 3.61 22.82
N SER K 48 15.57 4.09 21.71
CA SER K 48 15.81 5.53 21.58
C SER K 48 14.50 6.31 21.62
N ILE K 49 13.49 5.81 20.91
CA ILE K 49 12.18 6.47 20.88
C ILE K 49 11.60 6.51 22.28
N ASP K 50 11.74 5.42 23.04
CA ASP K 50 11.18 5.39 24.38
C ASP K 50 11.83 6.46 25.27
N GLU K 51 13.16 6.63 25.14
CA GLU K 51 13.83 7.69 25.87
C GLU K 51 13.34 9.06 25.43
N MET K 52 13.07 9.23 24.13
CA MET K 52 12.50 10.48 23.64
C MET K 52 11.15 10.77 24.30
N LYS K 53 10.32 9.75 24.47
CA LYS K 53 9.05 9.98 25.14
C LYS K 53 9.25 10.34 26.61
N HIS K 54 10.24 9.72 27.28
CA HIS K 54 10.49 10.06 28.68
C HIS K 54 10.96 11.49 28.80
N ALA K 55 11.80 11.94 27.86
CA ALA K 55 12.31 13.30 27.90
C ALA K 55 11.21 14.32 27.68
N ASP K 56 10.28 14.02 26.78
CA ASP K 56 9.11 14.87 26.58
C ASP K 56 8.35 15.06 27.89
N LYS K 57 8.02 13.96 28.58
CA LYS K 57 7.29 14.05 29.84
C LYS K 57 8.06 14.87 30.88
N LEU K 58 9.38 14.72 30.94
CA LEU K 58 10.18 15.49 31.89
C LEU K 58 10.18 16.97 31.55
N ILE K 59 10.33 17.28 30.25
CA ILE K 59 10.24 18.67 29.79
C ILE K 59 8.89 19.28 30.17
N GLU K 60 7.80 18.57 29.88
CA GLU K 60 6.47 19.08 30.19
C GLU K 60 6.31 19.30 31.69
N ARG K 61 6.81 18.38 32.50
CA ARG K 61 6.69 18.50 33.95
C ARG K 61 7.51 19.69 34.47
N ILE K 62 8.74 19.85 33.98
CA ILE K 62 9.57 20.97 34.39
C ILE K 62 8.90 22.29 34.07
N LEU K 63 8.34 22.41 32.87
CA LEU K 63 7.65 23.65 32.50
C LEU K 63 6.44 23.90 33.38
N PHE K 64 5.63 22.86 33.64
CA PHE K 64 4.48 23.04 34.51
C PHE K 64 4.89 23.57 35.89
N LEU K 65 6.02 23.09 36.42
CA LEU K 65 6.56 23.51 37.71
C LEU K 65 7.31 24.84 37.64
N GLU K 66 7.35 25.50 36.49
CA GLU K 66 7.87 26.85 36.29
C GLU K 66 9.39 26.87 36.31
N GLY K 67 10.00 25.76 35.90
CA GLY K 67 11.43 25.67 35.72
C GLY K 67 11.79 25.73 34.25
N LEU K 68 13.10 25.75 33.99
CA LEU K 68 13.62 25.81 32.63
C LEU K 68 14.23 24.46 32.28
N PRO K 69 13.71 23.74 31.29
CA PRO K 69 14.26 22.42 30.96
C PRO K 69 15.57 22.60 30.23
N ASN K 70 16.62 21.92 30.69
CA ASN K 70 17.95 22.09 30.13
C ASN K 70 18.13 21.12 28.98
N LEU K 71 17.97 21.61 27.75
CA LEU K 71 18.26 20.82 26.56
C LEU K 71 19.58 21.19 25.92
N GLN K 72 20.36 22.04 26.59
CA GLN K 72 21.60 22.57 26.03
C GLN K 72 22.80 21.73 26.42
N ASP K 73 22.82 21.22 27.63
CA ASP K 73 23.96 20.48 28.15
C ASP K 73 23.79 19.00 27.86
N LEU K 74 24.73 18.46 27.10
CA LEU K 74 24.72 17.07 26.68
C LEU K 74 25.96 16.41 27.27
N GLY K 75 25.74 15.42 28.14
CA GLY K 75 26.83 14.68 28.76
C GLY K 75 27.48 13.71 27.77
N LYS K 76 28.39 12.90 28.30
CA LYS K 76 29.27 12.09 27.46
C LYS K 76 28.53 10.84 26.96
N LEU K 77 28.51 10.65 25.64
CA LEU K 77 27.97 9.43 25.05
C LEU K 77 28.96 8.28 25.23
N LEU K 78 28.45 7.10 25.50
CA LEU K 78 29.26 5.88 25.62
C LEU K 78 28.98 5.06 24.37
N ILE K 79 29.85 5.15 23.37
CA ILE K 79 29.64 4.48 22.10
C ILE K 79 30.59 3.29 22.05
N GLY K 80 30.02 2.10 21.85
CA GLY K 80 30.85 0.93 21.71
C GLY K 80 31.41 0.78 20.30
N GLU K 81 32.41 -0.09 20.18
CA GLU K 81 33.05 -0.37 18.91
C GLU K 81 32.67 -1.74 18.35
N ASN K 82 31.92 -2.52 19.11
CA ASN K 82 31.36 -3.77 18.61
C ASN K 82 30.12 -4.08 19.46
N THR K 83 29.40 -5.13 19.06
CA THR K 83 28.06 -5.38 19.63
C THR K 83 28.11 -5.57 21.14
N GLN K 84 29.04 -6.40 21.62
CA GLN K 84 29.18 -6.60 23.06
C GLN K 84 29.47 -5.29 23.78
N GLU K 85 30.40 -4.50 23.23
CA GLU K 85 30.73 -3.23 23.87
C GLU K 85 29.55 -2.29 23.86
N MET K 86 28.80 -2.27 22.76
CA MET K 86 27.68 -1.34 22.64
C MET K 86 26.60 -1.69 23.66
N LEU K 87 26.33 -2.98 23.84
CA LEU K 87 25.36 -3.41 24.85
C LEU K 87 25.83 -3.06 26.26
N GLN K 88 27.13 -3.26 26.54
CA GLN K 88 27.64 -2.92 27.86
C GLN K 88 27.63 -1.42 28.09
N CYS K 89 27.94 -0.64 27.07
CA CYS K 89 27.83 0.81 27.18
C CYS K 89 26.39 1.23 27.52
N ASP K 90 25.40 0.64 26.83
CA ASP K 90 24.01 0.94 27.16
C ASP K 90 23.71 0.57 28.60
N LEU K 91 24.21 -0.59 29.04
CA LEU K 91 23.94 -1.07 30.39
C LEU K 91 24.59 -0.15 31.42
N ASN K 92 25.86 0.24 31.19
CA ASN K 92 26.51 1.18 32.09
C ASN K 92 25.72 2.48 32.22
N LEU K 93 25.25 3.02 31.08
CA LEU K 93 24.42 4.23 31.14
C LEU K 93 23.12 4.00 31.92
N GLU K 94 22.45 2.87 31.70
CA GLU K 94 21.20 2.63 32.41
C GLU K 94 21.42 2.50 33.92
N LEU K 95 22.56 1.91 34.34
CA LEU K 95 22.77 1.73 35.78
C LEU K 95 23.01 3.08 36.46
N LYS K 96 23.70 3.99 35.78
CA LYS K 96 23.83 5.36 36.25
C LYS K 96 22.46 6.05 36.29
N ALA K 97 21.65 5.86 35.24
CA ALA K 97 20.33 6.48 35.18
C ALA K 97 19.42 6.02 36.34
N THR K 98 19.39 4.71 36.64
CA THR K 98 18.48 4.26 37.71
C THR K 98 18.95 4.73 39.08
N LYS K 99 20.27 4.82 39.28
CA LYS K 99 20.78 5.41 40.51
C LYS K 99 20.28 6.84 40.68
N ASP K 100 20.39 7.66 39.62
CA ASP K 100 19.89 9.04 39.69
C ASP K 100 18.38 9.12 39.91
N LEU K 101 17.62 8.22 39.28
CA LEU K 101 16.17 8.18 39.47
C LEU K 101 15.78 7.89 40.92
N ARG K 102 16.48 6.96 41.57
CA ARG K 102 16.20 6.67 42.97
C ARG K 102 16.47 7.88 43.86
N GLU K 103 17.59 8.59 43.61
CA GLU K 103 17.90 9.76 44.44
C GLU K 103 16.86 10.85 44.24
N ALA K 104 16.38 11.02 43.00
CA ALA K 104 15.35 12.04 42.73
C ALA K 104 14.02 11.65 43.39
N ILE K 105 13.67 10.36 43.36
CA ILE K 105 12.43 9.93 44.02
C ILE K 105 12.48 10.17 45.52
N VAL K 106 13.63 9.88 46.15
CA VAL K 106 13.78 10.19 47.56
C VAL K 106 13.42 11.64 47.84
N HIS K 107 13.97 12.56 47.04
CA HIS K 107 13.77 13.97 47.32
C HIS K 107 12.32 14.42 47.05
N CYS K 108 11.72 13.96 45.94
CA CYS K 108 10.30 14.22 45.72
C CYS K 108 9.45 13.77 46.90
N GLU K 109 9.75 12.58 47.44
CA GLU K 109 9.00 12.08 48.59
C GLU K 109 9.16 13.01 49.79
N GLN K 110 10.39 13.51 50.02
CA GLN K 110 10.62 14.36 51.19
C GLN K 110 9.88 15.68 51.11
N VAL K 111 9.68 16.25 49.91
CA VAL K 111 8.99 17.51 49.80
C VAL K 111 7.55 17.35 49.31
N HIS K 112 7.05 16.12 49.24
CA HIS K 112 5.64 15.84 48.98
C HIS K 112 5.23 16.12 47.53
N ASP K 113 6.18 16.07 46.60
CA ASP K 113 5.85 16.20 45.18
C ASP K 113 5.56 14.80 44.65
N TYR K 114 4.36 14.30 44.98
CA TYR K 114 4.01 12.92 44.71
C TYR K 114 3.74 12.67 43.24
N VAL K 115 3.35 13.69 42.49
CA VAL K 115 3.14 13.50 41.06
C VAL K 115 4.49 13.40 40.34
N SER K 116 5.46 14.23 40.70
CA SER K 116 6.80 14.05 40.14
C SER K 116 7.36 12.68 40.51
N ARG K 117 7.09 12.21 41.74
CA ARG K 117 7.58 10.89 42.11
C ARG K 117 6.97 9.82 41.22
N ASP K 118 5.67 9.93 40.94
CA ASP K 118 5.00 8.88 40.16
C ASP K 118 5.54 8.83 38.73
N LEU K 119 5.82 10.00 38.15
CA LEU K 119 6.39 10.05 36.82
C LEU K 119 7.76 9.39 36.79
N LEU K 120 8.60 9.71 37.79
CA LEU K 120 9.92 9.12 37.87
C LEU K 120 9.85 7.62 38.11
N LYS K 121 8.88 7.17 38.92
CA LYS K 121 8.71 5.73 39.13
C LYS K 121 8.37 5.03 37.81
N ASP K 122 7.50 5.63 37.00
CA ASP K 122 7.17 5.06 35.70
C ASP K 122 8.41 5.02 34.80
N ILE K 123 9.25 6.04 34.85
CA ILE K 123 10.47 6.02 34.04
C ILE K 123 11.39 4.93 34.55
N LEU K 124 11.52 4.82 35.88
CA LEU K 124 12.36 3.77 36.47
C LEU K 124 11.90 2.38 36.05
N GLU K 125 10.59 2.14 35.98
CA GLU K 125 10.11 0.85 35.51
C GLU K 125 10.57 0.57 34.10
N SER K 126 10.46 1.57 33.21
CA SER K 126 10.92 1.39 31.84
CA SER K 126 10.93 1.40 31.83
C SER K 126 12.42 1.14 31.79
N GLU K 127 13.20 1.86 32.59
CA GLU K 127 14.65 1.66 32.56
C GLU K 127 15.03 0.29 33.14
N GLU K 128 14.38 -0.15 34.23
CA GLU K 128 14.66 -1.50 34.71
C GLU K 128 14.32 -2.55 33.66
N GLU K 129 13.26 -2.32 32.88
CA GLU K 129 12.98 -3.27 31.81
C GLU K 129 14.09 -3.26 30.77
N HIS K 130 14.65 -2.08 30.50
CA HIS K 130 15.79 -2.01 29.57
C HIS K 130 17.01 -2.74 30.14
N ILE K 131 17.26 -2.57 31.45
CA ILE K 131 18.38 -3.30 32.06
C ILE K 131 18.18 -4.80 31.91
N ASP K 132 16.94 -5.28 32.12
CA ASP K 132 16.65 -6.70 31.93
C ASP K 132 16.99 -7.17 30.52
N TYR K 133 16.54 -6.41 29.52
CA TYR K 133 16.86 -6.72 28.15
C TYR K 133 18.38 -6.79 27.94
N LEU K 134 19.11 -5.78 28.42
CA LEU K 134 20.54 -5.69 28.15
C LEU K 134 21.32 -6.80 28.86
N GLU K 135 21.01 -7.05 30.12
CA GLU K 135 21.63 -8.16 30.83
C GLU K 135 21.38 -9.48 30.12
N THR K 136 20.16 -9.67 29.62
CA THR K 136 19.78 -10.90 28.96
C THR K 136 20.54 -11.08 27.66
N GLN K 137 20.67 -10.01 26.87
CA GLN K 137 21.45 -10.12 25.63
C GLN K 137 22.90 -10.50 25.90
N LEU K 138 23.52 -9.85 26.88
CA LEU K 138 24.90 -10.19 27.20
C LEU K 138 25.01 -11.64 27.63
N GLY K 139 24.02 -12.14 28.37
CA GLY K 139 24.02 -13.55 28.74
C GLY K 139 23.81 -14.48 27.55
N LEU K 140 22.97 -14.07 26.60
CA LEU K 140 22.75 -14.92 25.43
C LEU K 140 24.02 -15.05 24.62
N ILE K 141 24.77 -13.95 24.47
CA ILE K 141 26.04 -14.02 23.77
C ILE K 141 26.93 -15.09 24.39
N GLN K 142 26.95 -15.19 25.72
CA GLN K 142 27.75 -16.21 26.39
C GLN K 142 27.20 -17.61 26.14
N LYS K 143 25.87 -17.77 26.09
CA LYS K 143 25.26 -19.08 25.96
C LYS K 143 25.29 -19.62 24.53
N VAL K 144 25.02 -18.77 23.53
CA VAL K 144 24.90 -19.28 22.17
C VAL K 144 26.12 -18.97 21.33
N GLY K 145 27.05 -18.17 21.84
CA GLY K 145 28.20 -17.74 21.08
C GLY K 145 27.91 -16.47 20.29
N LEU K 146 28.93 -15.65 20.13
CA LEU K 146 28.74 -14.36 19.48
C LEU K 146 28.25 -14.54 18.04
N GLU K 147 28.83 -15.48 17.31
CA GLU K 147 28.46 -15.61 15.91
C GLU K 147 26.98 -15.97 15.76
N ASN K 148 26.49 -16.92 16.57
CA ASN K 148 25.06 -17.24 16.53
C ASN K 148 24.24 -16.06 17.00
N TYR K 149 24.70 -15.36 18.03
CA TYR K 149 23.91 -14.26 18.53
C TYR K 149 23.70 -13.20 17.44
N LEU K 150 24.78 -12.84 16.74
CA LEU K 150 24.69 -11.90 15.64
C LEU K 150 23.81 -12.43 14.53
N GLN K 151 24.02 -13.69 14.15
CA GLN K 151 23.18 -14.30 13.11
C GLN K 151 21.70 -14.12 13.43
N SER K 152 21.34 -14.31 14.70
CA SER K 152 19.93 -14.24 15.07
C SER K 152 19.40 -12.83 15.01
N HIS K 153 20.26 -11.83 14.81
CA HIS K 153 19.82 -10.46 14.77
C HIS K 153 20.02 -9.84 13.40
N MET K 154 20.24 -10.67 12.37
CA MET K 154 20.39 -10.16 11.01
C MET K 154 19.07 -9.71 10.42
N HIS K 155 18.01 -10.52 10.58
CA HIS K 155 16.75 -10.24 9.91
C HIS K 155 15.67 -9.77 10.87
N MET L 1 -43.66 -39.86 -33.77
CA MET L 1 -44.90 -39.50 -34.53
C MET L 1 -44.60 -39.59 -36.03
N LYS L 2 -45.45 -40.27 -36.81
CA LYS L 2 -45.07 -40.58 -38.18
C LYS L 2 -45.25 -39.33 -39.04
N GLY L 3 -44.17 -38.78 -39.53
CA GLY L 3 -44.24 -37.62 -40.37
C GLY L 3 -44.47 -37.95 -41.85
N ASP L 4 -44.84 -36.91 -42.58
CA ASP L 4 -45.02 -36.97 -44.03
C ASP L 4 -43.66 -37.23 -44.70
N LYS L 5 -43.62 -38.19 -45.62
CA LYS L 5 -42.35 -38.59 -46.21
C LYS L 5 -41.67 -37.43 -46.93
N LYS L 6 -42.44 -36.64 -47.68
CA LYS L 6 -41.83 -35.56 -48.43
C LYS L 6 -41.41 -34.41 -47.50
N VAL L 7 -42.14 -34.16 -46.41
CA VAL L 7 -41.64 -33.21 -45.42
C VAL L 7 -40.23 -33.61 -44.94
N ILE L 8 -40.07 -34.87 -44.53
CA ILE L 8 -38.79 -35.36 -44.04
C ILE L 8 -37.72 -35.20 -45.11
N GLN L 9 -38.05 -35.49 -46.36
CA GLN L 9 -37.11 -35.27 -47.45
C GLN L 9 -36.71 -33.80 -47.56
N HIS L 10 -37.67 -32.88 -47.42
CA HIS L 10 -37.33 -31.46 -47.41
C HIS L 10 -36.46 -31.11 -46.22
N LEU L 11 -36.81 -31.62 -45.04
CA LEU L 11 -36.00 -31.35 -43.86
C LEU L 11 -34.56 -31.84 -44.04
N ASN L 12 -34.38 -33.01 -44.66
CA ASN L 12 -33.04 -33.50 -44.92
C ASN L 12 -32.32 -32.65 -45.95
N LYS L 13 -33.04 -32.05 -46.89
CA LYS L 13 -32.37 -31.15 -47.83
C LYS L 13 -31.91 -29.87 -47.13
N ILE L 14 -32.74 -29.32 -46.24
CA ILE L 14 -32.33 -28.16 -45.46
C ILE L 14 -31.15 -28.50 -44.56
N LEU L 15 -31.20 -29.66 -43.90
CA LEU L 15 -30.09 -30.13 -43.09
C LEU L 15 -28.82 -30.25 -43.92
N GLY L 16 -28.92 -30.80 -45.13
CA GLY L 16 -27.74 -30.86 -46.00
C GLY L 16 -27.11 -29.50 -46.27
N ASN L 17 -27.95 -28.48 -46.48
CA ASN L 17 -27.45 -27.13 -46.69
C ASN L 17 -26.76 -26.61 -45.45
N GLU L 18 -27.32 -26.90 -44.28
CA GLU L 18 -26.71 -26.43 -43.04
C GLU L 18 -25.35 -27.09 -42.80
N LEU L 19 -25.23 -28.38 -43.15
CA LEU L 19 -23.95 -29.07 -43.00
C LEU L 19 -22.88 -28.48 -43.91
N ILE L 20 -23.24 -28.14 -45.14
CA ILE L 20 -22.31 -27.38 -45.99
C ILE L 20 -21.90 -26.09 -45.28
N ALA L 21 -22.90 -25.32 -44.84
CA ALA L 21 -22.62 -24.02 -44.25
C ALA L 21 -21.72 -24.12 -43.02
N ILE L 22 -22.00 -25.08 -42.15
CA ILE L 22 -21.15 -25.28 -40.96
C ILE L 22 -19.69 -25.35 -41.37
N ASN L 23 -19.37 -26.24 -42.32
CA ASN L 23 -17.99 -26.48 -42.70
C ASN L 23 -17.40 -25.30 -43.47
N GLN L 24 -18.18 -24.74 -44.41
CA GLN L 24 -17.73 -23.58 -45.18
C GLN L 24 -17.41 -22.40 -44.26
N TYR L 25 -18.31 -22.09 -43.33
CA TYR L 25 -18.09 -20.96 -42.46
C TYR L 25 -16.96 -21.23 -41.48
N PHE L 26 -16.82 -22.47 -41.03
CA PHE L 26 -15.74 -22.75 -40.08
C PHE L 26 -14.40 -22.60 -40.75
N LEU L 27 -14.27 -23.08 -41.97
CA LEU L 27 -13.01 -22.95 -42.67
C LEU L 27 -12.69 -21.49 -42.99
N HIS L 28 -13.67 -20.75 -43.53
CA HIS L 28 -13.49 -19.31 -43.73
C HIS L 28 -13.05 -18.63 -42.45
N SER L 29 -13.69 -18.97 -41.32
CA SER L 29 -13.32 -18.38 -40.04
C SER L 29 -11.83 -18.58 -39.75
N ARG L 30 -11.36 -19.82 -39.89
CA ARG L 30 -9.98 -20.15 -39.53
C ARG L 30 -8.99 -19.59 -40.57
N MET L 31 -9.40 -19.50 -41.83
CA MET L 31 -8.60 -18.79 -42.82
C MET L 31 -8.43 -17.32 -42.43
N TRP L 32 -9.52 -16.64 -42.12
CA TRP L 32 -9.41 -15.24 -41.71
C TRP L 32 -8.52 -15.09 -40.46
N ASN L 33 -8.66 -15.99 -39.48
CA ASN L 33 -7.80 -15.91 -38.30
C ASN L 33 -6.34 -16.08 -38.68
N ASP L 34 -6.04 -17.08 -39.51
CA ASP L 34 -4.67 -17.28 -40.01
C ASP L 34 -4.14 -16.04 -40.70
N TRP L 35 -4.99 -15.31 -41.42
CA TRP L 35 -4.54 -14.12 -42.14
C TRP L 35 -4.45 -12.88 -41.25
N GLY L 36 -4.82 -12.97 -39.99
CA GLY L 36 -4.75 -11.81 -39.15
C GLY L 36 -6.00 -10.95 -39.15
N LEU L 37 -7.06 -11.39 -39.81
CA LEU L 37 -8.32 -10.63 -39.85
C LEU L 37 -9.27 -11.18 -38.79
N LYS L 38 -8.92 -10.91 -37.53
CA LYS L 38 -9.53 -11.67 -36.45
C LYS L 38 -10.99 -11.28 -36.19
N ARG L 39 -11.38 -10.05 -36.53
CA ARG L 39 -12.79 -9.69 -36.35
C ARG L 39 -13.67 -10.44 -37.32
N LEU L 40 -13.22 -10.58 -38.57
CA LEU L 40 -13.91 -11.45 -39.53
C LEU L 40 -13.89 -12.88 -39.04
N GLY L 41 -12.74 -13.35 -38.55
CA GLY L 41 -12.67 -14.73 -38.12
C GLY L 41 -13.62 -15.04 -36.99
N ALA L 42 -13.79 -14.10 -36.07
CA ALA L 42 -14.68 -14.33 -34.93
C ALA L 42 -16.14 -14.25 -35.36
N HIS L 43 -16.47 -13.30 -36.20
CA HIS L 43 -17.85 -13.19 -36.64
C HIS L 43 -18.27 -14.44 -37.41
N GLU L 44 -17.37 -14.95 -38.26
CA GLU L 44 -17.67 -16.11 -39.10
C GLU L 44 -17.75 -17.38 -38.26
N TYR L 45 -16.95 -17.47 -37.20
CA TYR L 45 -17.08 -18.56 -36.24
C TYR L 45 -18.47 -18.58 -35.64
N HIS L 46 -18.99 -17.40 -35.26
CA HIS L 46 -20.33 -17.36 -34.69
C HIS L 46 -21.41 -17.68 -35.72
N GLU L 47 -21.17 -17.39 -37.00
CA GLU L 47 -22.10 -17.87 -38.02
C GLU L 47 -22.08 -19.38 -38.11
N SER L 48 -20.88 -19.98 -38.04
CA SER L 48 -20.78 -21.43 -38.09
C SER L 48 -21.54 -22.07 -36.93
N ILE L 49 -21.35 -21.53 -35.73
CA ILE L 49 -22.02 -22.07 -34.54
C ILE L 49 -23.54 -21.99 -34.71
N ASP L 50 -24.03 -20.87 -35.23
CA ASP L 50 -25.47 -20.73 -35.46
C ASP L 50 -25.99 -21.81 -36.40
N GLU L 51 -25.23 -22.13 -37.46
CA GLU L 51 -25.68 -23.18 -38.38
C GLU L 51 -25.67 -24.54 -37.70
N MET L 52 -24.71 -24.78 -36.80
CA MET L 52 -24.68 -25.98 -35.98
C MET L 52 -25.94 -26.10 -35.14
N LYS L 53 -26.38 -24.99 -34.55
CA LYS L 53 -27.61 -25.00 -33.75
C LYS L 53 -28.84 -25.31 -34.59
N HIS L 54 -28.91 -24.72 -35.79
CA HIS L 54 -30.02 -25.02 -36.68
C HIS L 54 -29.99 -26.49 -37.09
N ALA L 55 -28.80 -27.03 -37.39
CA ALA L 55 -28.73 -28.43 -37.77
C ALA L 55 -29.20 -29.33 -36.64
N ASP L 56 -28.82 -29.01 -35.41
CA ASP L 56 -29.30 -29.76 -34.26
C ASP L 56 -30.82 -29.83 -34.25
N LYS L 57 -31.48 -28.67 -34.39
CA LYS L 57 -32.93 -28.62 -34.35
C LYS L 57 -33.54 -29.44 -35.49
N LEU L 58 -32.94 -29.40 -36.68
CA LEU L 58 -33.48 -30.18 -37.79
C LEU L 58 -33.35 -31.68 -37.53
N ILE L 59 -32.19 -32.10 -37.01
CA ILE L 59 -31.95 -33.50 -36.66
C ILE L 59 -33.00 -33.96 -35.65
N GLU L 60 -33.20 -33.15 -34.61
CA GLU L 60 -34.17 -33.51 -33.58
C GLU L 60 -35.58 -33.65 -34.16
N ARG L 61 -35.97 -32.74 -35.05
CA ARG L 61 -37.30 -32.82 -35.65
C ARG L 61 -37.44 -34.04 -36.55
N ILE L 62 -36.41 -34.33 -37.35
CA ILE L 62 -36.47 -35.48 -38.23
C ILE L 62 -36.66 -36.76 -37.42
N LEU L 63 -35.92 -36.89 -36.32
CA LEU L 63 -36.03 -38.09 -35.50
C LEU L 63 -37.40 -38.19 -34.85
N PHE L 64 -37.95 -37.09 -34.37
CA PHE L 64 -39.30 -37.10 -33.84
C PHE L 64 -40.30 -37.58 -34.88
N LEU L 65 -40.12 -37.17 -36.14
CA LEU L 65 -41.01 -37.58 -37.21
C LEU L 65 -40.69 -38.98 -37.74
N GLU L 66 -39.78 -39.69 -37.07
CA GLU L 66 -39.41 -41.07 -37.40
C GLU L 66 -38.72 -41.19 -38.76
N GLY L 67 -37.97 -40.16 -39.13
CA GLY L 67 -37.10 -40.23 -40.27
C GLY L 67 -35.66 -40.46 -39.85
N LEU L 68 -34.81 -40.65 -40.88
CA LEU L 68 -33.38 -40.79 -40.71
C LEU L 68 -32.71 -39.47 -41.07
N PRO L 69 -32.11 -38.75 -40.12
CA PRO L 69 -31.37 -37.53 -40.50
C PRO L 69 -30.11 -37.90 -41.29
N ASN L 70 -29.95 -37.26 -42.44
CA ASN L 70 -28.82 -37.54 -43.33
C ASN L 70 -27.63 -36.69 -42.93
N LEU L 71 -26.68 -37.26 -42.21
CA LEU L 71 -25.41 -36.58 -41.93
C LEU L 71 -24.25 -37.15 -42.74
N GLN L 72 -24.53 -38.00 -43.72
CA GLN L 72 -23.49 -38.71 -44.46
C GLN L 72 -23.14 -37.98 -45.75
N ASP L 73 -24.15 -37.43 -46.38
CA ASP L 73 -23.97 -36.75 -47.65
C ASP L 73 -23.62 -35.30 -47.38
N LEU L 74 -22.51 -34.87 -47.94
CA LEU L 74 -22.05 -33.51 -47.79
C LEU L 74 -21.89 -32.93 -49.18
N GLY L 75 -22.63 -31.89 -49.49
CA GLY L 75 -22.51 -31.22 -50.77
C GLY L 75 -21.25 -30.36 -50.87
N LYS L 76 -21.19 -29.60 -51.98
CA LYS L 76 -19.99 -28.88 -52.36
C LYS L 76 -19.83 -27.62 -51.52
N LEU L 77 -18.70 -27.51 -50.83
CA LEU L 77 -18.34 -26.27 -50.16
C LEU L 77 -17.94 -25.20 -51.17
N LEU L 78 -18.29 -23.95 -50.89
CA LEU L 78 -17.88 -22.81 -51.72
C LEU L 78 -16.84 -22.06 -50.90
N ILE L 79 -15.56 -22.26 -51.22
CA ILE L 79 -14.46 -21.66 -50.47
C ILE L 79 -13.87 -20.54 -51.32
N GLY L 80 -13.84 -19.34 -50.79
CA GLY L 80 -13.25 -18.24 -51.53
C GLY L 80 -11.72 -18.21 -51.37
N GLU L 81 -11.05 -17.47 -52.26
CA GLU L 81 -9.60 -17.33 -52.19
C GLU L 81 -9.15 -15.95 -51.72
N ASN L 82 -10.08 -15.06 -51.42
CA ASN L 82 -9.79 -13.79 -50.79
C ASN L 82 -11.06 -13.35 -50.07
N THR L 83 -10.96 -12.26 -49.29
CA THR L 83 -12.07 -11.90 -48.39
C THR L 83 -13.36 -11.64 -49.16
N GLN L 84 -13.30 -10.89 -50.26
CA GLN L 84 -14.50 -10.61 -51.03
C GLN L 84 -15.16 -11.88 -51.55
N GLU L 85 -14.35 -12.80 -52.11
CA GLU L 85 -14.88 -14.06 -52.62
C GLU L 85 -15.48 -14.90 -51.51
N MET L 86 -14.86 -14.87 -50.34
CA MET L 86 -15.37 -15.72 -49.26
C MET L 86 -16.74 -15.23 -48.82
N LEU L 87 -16.89 -13.91 -48.69
CA LEU L 87 -18.20 -13.35 -48.35
C LEU L 87 -19.22 -13.65 -49.44
N GLN L 88 -18.84 -13.50 -50.71
CA GLN L 88 -19.74 -13.85 -51.81
C GLN L 88 -20.10 -15.33 -51.82
N CYS L 89 -19.13 -16.19 -51.50
CA CYS L 89 -19.42 -17.62 -51.41
C CYS L 89 -20.47 -17.90 -50.34
N ASP L 90 -20.31 -17.29 -49.17
CA ASP L 90 -21.33 -17.45 -48.13
C ASP L 90 -22.67 -16.96 -48.65
N LEU L 91 -22.67 -15.84 -49.37
CA LEU L 91 -23.93 -15.26 -49.82
C LEU L 91 -24.60 -16.18 -50.84
N ASN L 92 -23.84 -16.67 -51.83
CA ASN L 92 -24.40 -17.59 -52.80
C ASN L 92 -24.99 -18.83 -52.12
N LEU L 93 -24.28 -19.39 -51.13
CA LEU L 93 -24.83 -20.49 -50.36
C LEU L 93 -26.13 -20.10 -49.65
N GLU L 94 -26.18 -18.91 -49.03
CA GLU L 94 -27.39 -18.51 -48.30
C GLU L 94 -28.59 -18.31 -49.25
N LEU L 95 -28.35 -17.78 -50.44
CA LEU L 95 -29.45 -17.58 -51.37
C LEU L 95 -30.02 -18.91 -51.85
N LYS L 96 -29.16 -19.89 -52.12
CA LYS L 96 -29.66 -21.25 -52.36
C LYS L 96 -30.41 -21.79 -51.14
N ALA L 97 -29.89 -21.55 -49.94
CA ALA L 97 -30.51 -22.13 -48.75
C ALA L 97 -31.91 -21.56 -48.51
N THR L 98 -32.10 -20.26 -48.74
CA THR L 98 -33.40 -19.65 -48.50
C THR L 98 -34.40 -20.04 -49.57
N LYS L 99 -33.96 -20.23 -50.82
CA LYS L 99 -34.84 -20.80 -51.82
C LYS L 99 -35.38 -22.15 -51.36
N ASP L 100 -34.49 -23.05 -50.91
CA ASP L 100 -34.92 -24.37 -50.46
C ASP L 100 -35.86 -24.28 -49.26
N LEU L 101 -35.58 -23.37 -48.33
CA LEU L 101 -36.43 -23.20 -47.16
C LEU L 101 -37.86 -22.82 -47.58
N ARG L 102 -37.99 -21.91 -48.54
CA ARG L 102 -39.31 -21.49 -49.00
C ARG L 102 -40.08 -22.66 -49.59
N GLU L 103 -39.41 -23.48 -50.42
CA GLU L 103 -40.07 -24.63 -51.03
C GLU L 103 -40.50 -25.65 -49.98
N ALA L 104 -39.66 -25.84 -48.96
CA ALA L 104 -40.02 -26.74 -47.88
C ALA L 104 -41.22 -26.20 -47.09
N ILE L 105 -41.25 -24.90 -46.84
CA ILE L 105 -42.37 -24.33 -46.10
C ILE L 105 -43.67 -24.50 -46.89
N VAL L 106 -43.62 -24.27 -48.21
CA VAL L 106 -44.79 -24.52 -49.05
C VAL L 106 -45.36 -25.91 -48.78
N HIS L 107 -44.50 -26.92 -48.79
CA HIS L 107 -45.01 -28.27 -48.68
C HIS L 107 -45.50 -28.58 -47.27
N CYS L 108 -44.80 -28.07 -46.24
CA CYS L 108 -45.30 -28.24 -44.88
C CYS L 108 -46.71 -27.67 -44.75
N GLU L 109 -46.93 -26.50 -45.34
CA GLU L 109 -48.25 -25.88 -45.26
C GLU L 109 -49.29 -26.75 -45.96
N GLN L 110 -48.95 -27.31 -47.11
CA GLN L 110 -49.90 -28.11 -47.87
C GLN L 110 -50.34 -29.36 -47.12
N VAL L 111 -49.44 -29.99 -46.36
CA VAL L 111 -49.79 -31.22 -45.64
C VAL L 111 -50.04 -30.96 -44.16
N HIS L 112 -50.15 -29.69 -43.75
CA HIS L 112 -50.59 -29.31 -42.41
C HIS L 112 -49.58 -29.63 -41.31
N ASP L 113 -48.30 -29.69 -41.66
CA ASP L 113 -47.24 -29.86 -40.66
C ASP L 113 -46.81 -28.47 -40.23
N TYR L 114 -47.63 -27.86 -39.38
CA TYR L 114 -47.43 -26.46 -39.01
C TYR L 114 -46.24 -26.26 -38.09
N VAL L 115 -45.89 -27.25 -37.28
CA VAL L 115 -44.74 -27.12 -36.39
C VAL L 115 -43.44 -27.16 -37.19
N SER L 116 -43.34 -28.07 -38.16
CA SER L 116 -42.17 -28.04 -39.05
C SER L 116 -42.09 -26.72 -39.79
N ARG L 117 -43.21 -26.19 -40.27
CA ARG L 117 -43.19 -24.89 -40.93
C ARG L 117 -42.62 -23.82 -40.01
N ASP L 118 -43.05 -23.81 -38.74
CA ASP L 118 -42.62 -22.80 -37.76
C ASP L 118 -41.11 -22.89 -37.52
N LEU L 119 -40.59 -24.11 -37.37
CA LEU L 119 -39.14 -24.28 -37.26
C LEU L 119 -38.42 -23.75 -38.49
N LEU L 120 -38.92 -24.06 -39.69
CA LEU L 120 -38.26 -23.60 -40.90
C LEU L 120 -38.33 -22.09 -41.04
N LYS L 121 -39.45 -21.49 -40.61
CA LYS L 121 -39.56 -20.03 -40.67
C LYS L 121 -38.55 -19.37 -39.75
N ASP L 122 -38.34 -19.93 -38.56
CA ASP L 122 -37.33 -19.37 -37.65
C ASP L 122 -35.94 -19.48 -38.25
N ILE L 123 -35.61 -20.62 -38.88
CA ILE L 123 -34.33 -20.75 -39.57
C ILE L 123 -34.23 -19.73 -40.71
N LEU L 124 -35.30 -19.60 -41.50
CA LEU L 124 -35.33 -18.62 -42.60
C LEU L 124 -35.06 -17.21 -42.09
N GLU L 125 -35.58 -16.84 -40.92
CA GLU L 125 -35.31 -15.51 -40.38
C GLU L 125 -33.83 -15.34 -40.05
N SER L 126 -33.20 -16.35 -39.46
CA SER L 126 -31.77 -16.29 -39.19
CA SER L 126 -31.77 -16.29 -39.19
C SER L 126 -30.96 -16.19 -40.49
N GLU L 127 -31.34 -16.98 -41.50
CA GLU L 127 -30.59 -16.92 -42.76
C GLU L 127 -30.77 -15.55 -43.44
N GLU L 128 -31.96 -14.93 -43.37
CA GLU L 128 -32.09 -13.62 -43.99
C GLU L 128 -31.26 -12.58 -43.24
N GLU L 129 -31.16 -12.72 -41.92
CA GLU L 129 -30.27 -11.85 -41.18
C GLU L 129 -28.80 -12.04 -41.61
N HIS L 130 -28.42 -13.27 -41.91
CA HIS L 130 -27.08 -13.50 -42.42
C HIS L 130 -26.87 -12.87 -43.80
N ILE L 131 -27.86 -13.00 -44.69
CA ILE L 131 -27.79 -12.35 -46.00
C ILE L 131 -27.63 -10.84 -45.83
N ASP L 132 -28.38 -10.25 -44.90
CA ASP L 132 -28.22 -8.83 -44.64
C ASP L 132 -26.78 -8.50 -44.24
N TYR L 133 -26.24 -9.23 -43.28
CA TYR L 133 -24.85 -9.03 -42.89
C TYR L 133 -23.91 -9.11 -44.11
N LEU L 134 -24.07 -10.15 -44.94
CA LEU L 134 -23.13 -10.37 -46.05
C LEU L 134 -23.24 -9.26 -47.11
N GLU L 135 -24.46 -8.93 -47.51
CA GLU L 135 -24.66 -7.86 -48.49
C GLU L 135 -24.08 -6.55 -47.98
N THR L 136 -24.25 -6.28 -46.68
CA THR L 136 -23.75 -5.05 -46.11
C THR L 136 -22.22 -5.02 -46.12
N GLN L 137 -21.57 -6.14 -45.76
CA GLN L 137 -20.11 -6.20 -45.80
C GLN L 137 -19.59 -5.95 -47.21
N LEU L 138 -20.24 -6.55 -48.20
CA LEU L 138 -19.81 -6.36 -49.59
C LEU L 138 -20.01 -4.94 -50.05
N GLY L 139 -21.09 -4.29 -49.60
CA GLY L 139 -21.26 -2.89 -49.89
C GLY L 139 -20.20 -2.03 -49.21
N LEU L 140 -19.85 -2.36 -47.98
CA LEU L 140 -18.82 -1.60 -47.28
C LEU L 140 -17.48 -1.67 -48.01
N ILE L 141 -17.14 -2.84 -48.55
CA ILE L 141 -15.90 -2.96 -49.32
C ILE L 141 -15.85 -1.91 -50.42
N GLN L 142 -16.99 -1.68 -51.07
CA GLN L 142 -17.05 -0.70 -52.15
C GLN L 142 -17.00 0.73 -51.61
N LYS L 143 -17.61 0.98 -50.45
CA LYS L 143 -17.68 2.33 -49.91
C LYS L 143 -16.38 2.76 -49.25
N VAL L 144 -15.73 1.88 -48.48
CA VAL L 144 -14.55 2.32 -47.74
C VAL L 144 -13.25 1.90 -48.40
N GLY L 145 -13.30 1.06 -49.44
CA GLY L 145 -12.13 0.50 -50.07
C GLY L 145 -11.71 -0.81 -49.42
N LEU L 146 -11.15 -1.71 -50.24
CA LEU L 146 -10.77 -3.02 -49.70
C LEU L 146 -9.74 -2.89 -48.59
N GLU L 147 -8.73 -2.03 -48.77
CA GLU L 147 -7.67 -1.91 -47.77
C GLU L 147 -8.21 -1.43 -46.42
N ASN L 148 -9.04 -0.38 -46.43
CA ASN L 148 -9.72 0.05 -45.19
C ASN L 148 -10.61 -1.05 -44.62
N TYR L 149 -11.38 -1.74 -45.47
CA TYR L 149 -12.29 -2.75 -44.96
C TYR L 149 -11.52 -3.84 -44.21
N LEU L 150 -10.42 -4.32 -44.80
CA LEU L 150 -9.64 -5.33 -44.13
C LEU L 150 -8.97 -4.76 -42.89
N GLN L 151 -8.47 -3.53 -42.96
CA GLN L 151 -7.91 -2.89 -41.78
C GLN L 151 -8.90 -2.92 -40.61
N SER L 152 -10.17 -2.62 -40.89
CA SER L 152 -11.18 -2.56 -39.84
C SER L 152 -11.52 -3.92 -39.24
N HIS L 153 -11.01 -5.01 -39.82
CA HIS L 153 -11.33 -6.33 -39.31
C HIS L 153 -10.09 -7.05 -38.81
N MET L 154 -8.98 -6.31 -38.60
CA MET L 154 -7.75 -6.91 -38.09
C MET L 154 -7.89 -7.30 -36.63
N HIS L 155 -8.36 -6.38 -35.80
CA HIS L 155 -8.41 -6.58 -34.35
C HIS L 155 -9.86 -6.78 -33.90
N GLU L 156 -10.05 -7.72 -32.96
CA GLU L 156 -11.38 -7.98 -32.40
C GLU L 156 -11.67 -7.07 -31.22
FE FE2 M . 23.67 -21.37 13.61
C21 KT1 N . -2.40 -61.59 -6.08
C23 KT1 N . -1.80 -59.50 -7.14
C22 KT1 N . -1.61 -60.45 -6.11
C20 KT1 N . -3.36 -61.81 -7.07
C17 KT1 N . -3.58 -64.92 -12.66
C19 KT1 N . -3.95 -63.85 -14.78
C16 KT1 N . -2.60 -65.74 -13.19
C11 KT1 N . -3.88 -64.98 -11.31
C10 KT1 N . -4.98 -64.05 -10.78
C12 KT1 N . -3.20 -65.87 -10.48
C13 KT1 N . -2.22 -66.70 -11.01
C14 KT1 N . -1.91 -66.64 -12.38
C02 KT1 N . -1.12 -58.15 -7.44
C04 KT1 N . -2.73 -58.50 -9.07
C05 KT1 N . -2.76 -59.71 -8.11
C06 KT1 N . -3.56 -60.86 -8.08
C08 KT1 N . -5.45 -62.15 -9.18
C09 KT1 N . -4.63 -63.42 -9.44
N03 KT1 N . -1.71 -57.59 -8.61
N07 KT1 N . -4.55 -61.02 -9.13
O01 KT1 N . -0.26 -57.63 -6.84
O15 KT1 N . -0.92 -67.48 -12.92
O18 KT1 N . -4.32 -63.99 -13.42
O24 KT1 N . -3.42 -58.33 -10.02
CHA HEM O . -2.56 -40.45 0.83
CHB HEM O . 0.19 -43.02 3.88
CHC HEM O . 0.83 -46.40 0.49
CHD HEM O . -1.90 -43.84 -2.58
C1A HEM O . -1.90 -40.84 1.96
C2A HEM O . -1.92 -40.17 3.25
C3A HEM O . -1.15 -40.89 4.10
C4A HEM O . -0.64 -42.04 3.38
CMA HEM O . -0.85 -40.62 5.59
CAA HEM O . -2.70 -38.86 3.52
CBA HEM O . -4.11 -39.22 3.95
CGA HEM O . -4.84 -37.96 4.35
O1A HEM O . -4.77 -37.56 5.54
O2A HEM O . -5.47 -37.34 3.48
C1B HEM O . 0.60 -44.14 3.22
C2B HEM O . 1.44 -45.17 3.80
C3B HEM O . 1.60 -46.11 2.85
C4B HEM O . 0.90 -45.69 1.66
CMB HEM O . 1.97 -45.15 5.26
CAB HEM O . 2.41 -47.41 2.93
CBB HEM O . 3.53 -47.39 3.68
C1C HEM O . 0.14 -46.02 -0.62
C2C HEM O . 0.04 -46.74 -1.86
C3C HEM O . -0.69 -46.01 -2.70
C4C HEM O . -1.10 -44.81 -2.03
CMC HEM O . 0.74 -48.11 -2.10
CAC HEM O . -1.13 -46.25 -4.16
CBC HEM O . -0.66 -47.28 -4.85
C1D HEM O . -2.29 -42.67 -1.96
C2D HEM O . -3.03 -41.60 -2.55
C3D HEM O . -3.21 -40.66 -1.61
C4D HEM O . -2.57 -41.13 -0.38
CMD HEM O . -3.51 -41.57 -4.04
CAD HEM O . -3.95 -39.32 -1.76
CBD HEM O . -2.88 -38.26 -2.04
CGD HEM O . -3.55 -36.98 -2.48
O1D HEM O . -3.65 -36.08 -1.63
O2D HEM O . -3.98 -36.86 -3.65
NA HEM O . -1.11 -41.97 2.08
NB HEM O . 0.30 -44.50 1.92
NC HEM O . -0.58 -44.86 -0.76
ND HEM O . -2.03 -42.35 -0.64
FE HEM O . -0.82 -43.43 0.66
O2 PG4 P . 5.37 -33.21 13.86
C3 PG4 P . 4.35 -34.20 13.90
C4 PG4 P . 4.98 -35.58 13.92
O3 PG4 P . 5.84 -35.69 15.05
C5 PG4 P . 5.80 -36.98 15.67
C6 PG4 P . 6.98 -37.13 16.63
O4 PG4 P . 7.11 -35.96 17.45
C7 PG4 P . 8.34 -35.91 18.21
C8 PG4 P . 8.21 -34.90 19.34
O5 PG4 P . 8.52 -33.56 18.89
FE FE2 Q . -7.43 4.15 -42.96
C21 KT1 R . 32.96 -16.37 -16.91
C23 KT1 R . 30.81 -17.24 -17.65
C22 KT1 R . 31.84 -16.27 -17.77
C20 KT1 R . 33.04 -17.39 -15.95
C17 KT1 R . 29.80 -22.32 -11.93
C19 KT1 R . 27.92 -21.51 -13.18
C16 KT1 R . 29.17 -23.41 -11.35
C11 KT1 R . 30.95 -21.80 -11.36
C10 KT1 R . 31.63 -20.59 -12.01
C12 KT1 R . 31.48 -22.36 -10.20
C13 KT1 R . 30.85 -23.46 -9.62
C14 KT1 R . 29.70 -23.99 -10.19
C02 KT1 R . 29.47 -17.46 -18.39
C04 KT1 R . 29.70 -19.14 -16.78
C05 KT1 R . 30.93 -18.24 -16.70
C06 KT1 R . 32.03 -18.34 -15.84
C08 KT1 R . 33.02 -19.69 -13.90
C09 KT1 R . 32.62 -20.94 -13.11
N03 KT1 R . 28.85 -18.62 -17.82
N07 KT1 R . 32.01 -19.45 -14.90
O01 KT1 R . 28.96 -16.84 -19.27
O15 KT1 R . 29.07 -25.09 -9.60
O18 KT1 R . 29.30 -21.72 -13.11
O24 KT1 R . 29.46 -20.09 -16.12
CHA HEM S . 11.76 -8.96 -16.89
CHB HEM S . 14.33 -5.89 -19.59
CHC HEM S . 17.73 -9.31 -20.26
CHD HEM S . 15.15 -12.39 -17.54
C1A HEM S . 12.19 -7.82 -17.52
C2A HEM S . 11.53 -6.55 -17.48
C3A HEM S . 12.22 -5.68 -18.23
C4A HEM S . 13.35 -6.40 -18.78
CMA HEM S . 11.89 -4.21 -18.45
CAA HEM S . 10.24 -6.27 -16.67
CBA HEM S . 10.66 -5.77 -15.28
CGA HEM S . 9.38 -5.38 -14.56
O1A HEM S . 8.98 -4.19 -14.59
O2A HEM S . 8.72 -6.26 -13.96
C1B HEM S . 15.47 -6.54 -20.01
C2B HEM S . 16.50 -5.99 -20.89
C3B HEM S . 17.43 -6.95 -21.06
C4B HEM S . 17.02 -8.13 -20.33
CMB HEM S . 16.50 -4.55 -21.47
CAB HEM S . 18.69 -6.89 -21.91
CBB HEM S . 18.76 -6.01 -22.92
C1C HEM S . 17.34 -10.44 -19.58
C2C HEM S . 18.04 -11.70 -19.55
C3C HEM S . 17.31 -12.55 -18.81
C4C HEM S . 16.14 -11.85 -18.35
CMC HEM S . 19.39 -11.97 -20.27
CAC HEM S . 17.58 -14.01 -18.45
CBC HEM S . 18.80 -14.53 -18.65
C1D HEM S . 14.02 -11.73 -17.14
C2D HEM S . 12.94 -12.32 -16.39
C3D HEM S . 12.00 -11.37 -16.22
C4D HEM S . 12.45 -10.15 -16.86
CMD HEM S . 12.92 -13.78 -15.91
CAD HEM S . 10.66 -11.49 -15.46
CBD HEM S . 9.60 -11.85 -16.50
CGD HEM S . 8.27 -12.10 -15.80
O1D HEM S . 7.50 -11.13 -15.63
O2D HEM S . 8.00 -13.26 -15.41
NA HEM S . 13.30 -7.70 -18.32
NB HEM S . 15.82 -7.85 -19.71
NC HEM S . 16.18 -10.57 -18.83
ND HEM S . 13.68 -10.42 -17.44
FE HEM S . 14.78 -9.16 -18.58
C4 PG4 T . 6.92 4.31 -24.21
O3 PG4 T . 6.98 5.22 -25.31
C5 PG4 T . 8.11 6.09 -25.18
C6 PG4 T . 8.25 6.99 -26.40
O4 PG4 T . 7.13 7.89 -26.47
C7 PG4 T . 7.07 8.59 -27.72
C8 PG4 T . 6.04 9.71 -27.64
O5 PG4 T . 4.71 9.25 -27.89
C2 PG4 U . -5.73 -12.38 -50.90
O2 PG4 U . -4.68 -13.28 -50.53
C3 PG4 U . -5.07 -14.31 -49.62
C4 PG4 U . -3.81 -15.10 -49.21
O3 PG4 U . -3.53 -15.00 -47.81
C5 PG4 U . -2.14 -15.01 -47.48
C2 PG4 V . 30.26 -28.07 -31.19
O2 PG4 V . 29.31 -27.83 -30.16
C3 PG4 V . 28.30 -26.89 -30.55
C4 PG4 V . 26.90 -27.33 -30.15
O3 PG4 V . 26.52 -28.54 -30.78
C5 PG4 V . 25.54 -28.25 -31.79
C6 PG4 V . 25.38 -29.41 -32.75
O4 PG4 V . 26.43 -29.52 -33.71
C7 PG4 V . 26.34 -30.75 -34.41
C21 KT1 W . 0.86 45.59 -12.46
C23 KT1 W . 1.82 43.36 -12.41
C22 KT1 W . 1.13 44.36 -13.11
C20 KT1 W . 1.25 45.79 -11.12
C17 KT1 W . 3.27 42.82 -4.93
C19 KT1 W . 3.40 40.81 -6.22
C16 KT1 W . 3.76 42.18 -3.81
C11 KT1 W . 2.78 44.12 -4.84
C10 KT1 W . 2.21 44.80 -6.09
C12 KT1 W . 2.75 44.76 -3.60
C13 KT1 W . 3.22 44.11 -2.48
C14 KT1 W . 3.74 42.82 -2.57
C02 KT1 W . 2.27 41.92 -12.78
C04 KT1 W . 2.91 42.31 -10.56
C05 KT1 W . 2.19 43.57 -11.08
C06 KT1 W . 1.92 44.79 -10.43
C08 KT1 W . 2.39 46.08 -8.22
C09 KT1 W . 3.10 45.74 -6.91
N03 KT1 W . 2.92 41.37 -11.63
N07 KT1 W . 2.35 44.88 -9.05
O01 KT1 W . 2.14 41.33 -13.79
O15 KT1 W . 4.23 42.18 -1.44
O18 KT1 W . 3.28 42.21 -6.21
O24 KT1 W . 3.37 42.11 -9.48
CHA HEM X . -7.47 24.89 -14.76
CHB HEM X . -8.58 27.36 -18.79
CHC HEM X . -4.98 30.44 -17.80
CHD HEM X . -3.87 27.97 -13.78
C1A HEM X . -8.11 25.32 -15.92
C2A HEM X . -9.29 24.73 -16.52
C3A HEM X . -9.60 25.41 -17.63
C4A HEM X . -8.61 26.45 -17.78
CMA HEM X . -10.78 25.19 -18.61
CAA HEM X . -10.04 23.53 -15.93
CBA HEM X . -11.00 24.04 -14.86
CGA HEM X . -11.85 22.91 -14.34
O1A HEM X . -12.88 22.56 -14.98
O2A HEM X . -11.49 22.35 -13.29
C1B HEM X . -7.69 28.40 -18.86
C2B HEM X . -7.67 29.39 -19.91
C3B HEM X . -6.67 30.25 -19.62
C4B HEM X . -6.05 29.81 -18.41
CMB HEM X . -8.68 29.42 -21.10
CAB HEM X . -6.19 31.47 -20.41
CBB HEM X . -6.38 31.48 -21.74
C1C HEM X . -4.37 30.04 -16.64
C2C HEM X . -3.24 30.70 -16.03
C3C HEM X . -2.92 29.99 -14.93
C4C HEM X . -3.85 28.89 -14.81
CMC HEM X . -2.55 31.95 -16.63
CAC HEM X . -1.79 30.25 -13.91
CBC HEM X . -1.04 31.35 -14.02
C1D HEM X . -4.74 26.91 -13.69
C2D HEM X . -4.71 25.84 -12.73
C3D HEM X . -5.72 24.99 -13.00
C4D HEM X . -6.40 25.48 -14.18
CMD HEM X . -3.67 25.75 -11.57
CAD HEM X . -6.14 23.70 -12.28
CBD HEM X . -5.37 22.54 -12.86
CGD HEM X . -5.57 21.35 -11.95
O1D HEM X . -6.65 20.71 -12.05
O2D HEM X . -4.68 21.06 -11.14
NA HEM X . -7.71 26.36 -16.73
NB HEM X . -6.70 28.68 -17.96
NC HEM X . -4.71 28.95 -15.87
ND HEM X . -5.77 26.65 -14.58
FE HEM X . -6.19 27.64 -16.28
C2 PG4 Y . -18.14 17.38 -33.01
O2 PG4 Y . -18.75 18.43 -32.29
C3 PG4 Y . -18.68 19.65 -33.00
C4 PG4 Y . -17.50 20.46 -32.46
O3 PG4 Y . -17.50 20.42 -31.03
C5 PG4 Y . -16.60 21.41 -30.48
C6 PG4 Y . -16.55 21.28 -28.96
O4 PG4 Y . -16.03 20.02 -28.60
C7 PG4 Y . -15.86 19.87 -27.19
C8 PG4 Y . -15.22 18.52 -26.90
O5 PG4 Y . -16.13 17.48 -27.28
FE FE2 Z . -10.32 38.92 17.22
C21 KT1 AA . -26.68 11.86 58.47
C23 KT1 AA . -24.77 11.56 57.01
C22 KT1 AA . -25.77 12.39 57.53
C20 KT1 AA . -26.56 10.54 58.90
C17 KT1 AA . -23.85 7.45 63.92
C19 KT1 AA . -22.10 5.86 63.65
C16 KT1 AA . -23.17 8.02 64.99
C11 KT1 AA . -25.03 8.01 63.47
C10 KT1 AA . -25.77 7.39 62.29
C12 KT1 AA . -25.55 9.16 64.07
C13 KT1 AA . -24.88 9.73 65.13
C14 KT1 AA . -23.70 9.16 65.60
C02 KT1 AA . -23.64 11.81 55.99
C04 KT1 AA . -23.49 9.58 56.71
C05 KT1 AA . -24.67 10.24 57.43
C06 KT1 AA . -25.56 9.73 58.38
C08 KT1 AA . -26.19 7.74 59.80
C09 KT1 AA . -25.71 8.35 61.11
N03 KT1 AA . -22.91 10.59 55.85
N07 KT1 AA . -25.40 8.34 58.76
O01 KT1 AA . -23.44 12.83 55.42
O15 KT1 AA . -23.03 9.76 66.68
O18 KT1 AA . -23.39 6.29 63.25
O24 KT1 AA . -23.10 8.46 56.84
CHA HEM BA . -23.36 12.60 36.38
CHB HEM BA . -25.17 16.95 37.58
CHC HEM BA . -23.71 16.33 42.15
CHD HEM BA . -22.01 11.93 40.99
C1A HEM BA . -24.02 13.81 36.33
C2A HEM BA . -24.77 14.33 35.19
C3A HEM BA . -25.26 15.53 35.52
C4A HEM BA . -24.85 15.82 36.88
CMA HEM BA . -26.13 16.45 34.62
CAA HEM BA . -24.96 13.62 33.84
CBA HEM BA . -26.43 13.23 33.76
CGA HEM BA . -26.69 12.58 32.44
O1A HEM BA . -27.01 13.31 31.47
O2A HEM BA . -26.55 11.34 32.35
C1B HEM BA . -24.96 17.14 38.91
C2B HEM BA . -25.37 18.31 39.66
C3B HEM BA . -24.96 18.14 40.93
C4B HEM BA . -24.27 16.87 41.01
CMB HEM BA . -26.13 19.50 39.04
CAB HEM BA . -25.10 19.10 42.13
CBB HEM BA . -25.13 20.42 41.94
C1C HEM BA . -23.16 15.08 42.24
C2C HEM BA . -22.65 14.48 43.46
C3C HEM BA . -22.16 13.26 43.14
C4C HEM BA . -22.35 13.06 41.72
CMC HEM BA . -22.70 15.16 44.84
CAC HEM BA . -21.53 12.22 44.09
CBC HEM BA . -21.30 12.49 45.38
C1D HEM BA . -22.20 11.72 39.64
C2D HEM BA . -21.74 10.58 38.86
C3D HEM BA . -22.09 10.78 37.59
C4D HEM BA . -22.81 12.04 37.51
CMD HEM BA . -20.94 9.37 39.42
CAD HEM BA . -21.84 9.84 36.38
CBD HEM BA . -21.03 10.56 35.31
CGD HEM BA . -20.92 9.68 34.08
O1D HEM BA . -21.28 10.15 32.98
O2D HEM BA . -20.48 8.52 34.22
NA HEM BA . -24.10 14.75 37.34
NB HEM BA . -24.30 16.29 39.76
NC HEM BA . -22.96 14.19 41.20
ND HEM BA . -22.84 12.59 38.77
FE HEM BA . -23.56 14.43 39.32
O2 PG4 CA . -26.19 25.30 25.09
C3 PG4 CA . -25.90 24.92 26.43
C4 PG4 CA . -27.04 25.38 27.34
O3 PG4 CA . -27.12 26.79 27.27
C5 PG4 CA . -28.27 27.33 27.90
C6 PG4 CA . -28.27 28.86 27.83
O4 PG4 CA . -28.15 29.32 26.48
C7 PG4 CA . -28.23 30.74 26.36
C8 PG4 CA . -27.55 31.24 25.09
O5 PG4 CA . -28.06 30.64 23.90
O2 PG4 DA . 3.83 37.38 27.31
C3 PG4 DA . 5.26 37.34 27.29
C4 PG4 DA . 5.69 35.88 27.33
O3 PG4 DA . 4.93 35.24 28.37
C5 PG4 DA . 5.32 33.89 28.57
C6 PG4 DA . 5.01 33.47 30.00
O4 PG4 DA . 3.87 32.62 30.00
C7 PG4 DA . 3.15 32.69 31.22
C21 KT1 EA . 23.00 -3.68 -35.47
C23 KT1 EA . 22.65 -2.58 -33.33
C22 KT1 EA . 23.17 -3.65 -34.08
C20 KT1 EA . 22.31 -2.65 -36.13
C17 KT1 EA . 17.79 2.70 -35.65
C19 KT1 EA . 18.06 2.11 -33.31
C16 KT1 EA . 17.04 3.85 -35.42
C11 KT1 EA . 17.86 2.16 -36.94
C10 KT1 EA . 18.70 0.91 -37.16
C12 KT1 EA . 17.18 2.76 -37.98
C13 KT1 EA . 16.42 3.90 -37.77
C14 KT1 EA . 16.35 4.45 -36.48
C02 KT1 EA . 22.64 -2.24 -31.82
C04 KT1 EA . 21.48 -0.54 -32.99
C05 KT1 EA . 21.97 -1.57 -34.00
C06 KT1 EA . 21.80 -1.60 -35.40
C08 KT1 EA . 20.95 -0.20 -37.40
C09 KT1 EA . 20.17 1.12 -37.50
N03 KT1 EA . 21.93 -0.98 -31.68
N07 KT1 EA . 21.06 -0.48 -35.98
O01 KT1 EA . 23.12 -2.84 -30.93
O15 KT1 EA . 15.57 5.58 -36.26
O18 KT1 EA . 18.52 2.04 -34.64
O24 KT1 EA . 20.86 0.46 -33.20
O2 PG4 FA . 13.18 -21.92 -6.18
C3 PG4 FA . 13.97 -21.19 -7.14
C4 PG4 FA . 14.39 -22.11 -8.28
O3 PG4 FA . 15.42 -23.00 -7.82
C5 PG4 FA . 15.80 -23.96 -8.82
C6 PG4 FA . 16.85 -24.88 -8.23
O4 PG4 FA . 16.34 -25.56 -7.08
C7 PG4 FA . 17.31 -26.43 -6.46
C8 PG4 FA . 16.55 -27.46 -5.61
O5 PG4 FA . 16.01 -26.84 -4.44
O1 PG4 GA . 33.83 -6.90 14.15
C1 PG4 GA . 33.94 -5.77 15.04
C2 PG4 GA . 32.87 -4.75 14.72
O2 PG4 GA . 33.02 -4.35 13.35
C3 PG4 GA . 32.18 -3.25 12.99
C4 PG4 GA . 32.54 -2.80 11.58
O3 PG4 GA . 31.74 -3.45 10.58
C5 PG4 GA . 32.40 -3.51 9.30
C21 KT1 HA . 32.10 8.96 21.24
C23 KT1 HA . 30.81 9.64 19.32
C22 KT1 HA . 31.17 9.84 20.66
C20 KT1 HA . 32.64 7.90 20.50
C17 KT1 HA . 31.91 3.59 15.02
C19 KT1 HA . 30.18 5.12 14.34
C16 KT1 HA . 31.72 2.86 13.85
C11 KT1 HA . 32.85 3.16 15.96
C10 KT1 HA . 33.02 3.96 17.26
C12 KT1 HA . 33.57 2.00 15.75
C13 KT1 HA . 33.37 1.27 14.58
C14 KT1 HA . 32.45 1.71 13.63
C02 KT1 HA . 29.82 10.40 18.39
C04 KT1 HA . 30.75 8.61 17.18
C05 KT1 HA . 31.35 8.58 18.59
C06 KT1 HA . 32.26 7.70 19.19
C08 KT1 HA . 33.97 5.81 18.63
C09 KT1 HA . 34.21 4.91 17.40
N03 KT1 HA . 29.85 9.75 17.11
N07 KT1 HA . 32.77 6.61 18.36
O01 KT1 HA . 29.17 11.36 18.68
O15 KT1 HA . 32.24 0.99 12.44
O18 KT1 HA . 31.18 4.78 15.27
O24 KT1 HA . 30.97 7.86 16.29
CHA HEM IA . 10.23 10.59 17.12
CHB HEM IA . 11.16 13.42 20.93
CHC HEM IA . 15.81 13.61 19.59
CHD HEM IA . 14.89 10.81 15.75
C1A HEM IA . 10.07 11.31 18.29
C2A HEM IA . 8.85 11.46 19.06
C3A HEM IA . 9.12 12.25 20.12
C4A HEM IA . 10.50 12.62 20.03
CMA HEM IA . 8.20 12.71 21.25
CAA HEM IA . 7.51 10.79 18.70
CBA HEM IA . 7.58 9.33 19.13
CGA HEM IA . 6.21 8.70 19.02
O1A HEM IA . 5.38 8.87 19.96
O2A HEM IA . 5.96 8.02 18.00
C1B HEM IA . 12.49 13.71 20.86
C2B HEM IA . 13.19 14.56 21.79
C3B HEM IA . 14.47 14.58 21.42
C4B HEM IA . 14.61 13.77 20.23
CMB HEM IA . 12.56 15.26 23.03
CAB HEM IA . 15.63 15.35 22.04
CBB HEM IA . 15.37 16.52 22.65
C1C HEM IA . 15.99 12.87 18.45
C2C HEM IA . 17.22 12.69 17.72
C3C HEM IA . 16.95 11.93 16.66
C4C HEM IA . 15.53 11.60 16.68
CMC HEM IA . 18.60 13.27 18.10
CAC HEM IA . 17.90 11.43 15.56
CBC HEM IA . 19.21 11.62 15.71
C1D HEM IA . 13.55 10.51 15.76
C2D HEM IA . 12.81 9.75 14.76
C3D HEM IA . 11.53 9.70 15.14
C4D HEM IA . 11.41 10.41 16.40
CMD HEM IA . 13.41 9.15 13.47
CAD HEM IA . 10.36 9.01 14.40
CBD HEM IA . 9.54 10.07 13.62
CGD HEM IA . 8.53 9.38 12.73
O1D HEM IA . 7.33 9.41 13.09
O2D HEM IA . 8.90 8.79 11.69
NA HEM IA . 11.06 12.04 18.92
NB HEM IA . 13.37 13.24 19.91
NC HEM IA . 14.99 12.19 17.80
ND HEM IA . 12.66 10.90 16.74
FE HEM IA . 13.02 12.11 18.30
O2 PG4 JA . -1.88 19.23 24.62
C3 PG4 JA . -0.48 19.51 24.44
C4 PG4 JA . 0.26 19.37 25.76
O3 PG4 JA . 0.00 20.51 26.58
C5 PG4 JA . 0.57 20.42 27.87
C6 PG4 JA . 0.32 21.71 28.63
O4 PG4 JA . -1.08 22.01 28.63
C7 PG4 JA . -1.37 23.27 29.27
C8 PG4 JA . -2.86 23.36 29.64
O5 PG4 JA . -3.68 23.71 28.52
C21 KT1 KA . -57.65 17.19 -37.10
C23 KT1 KA . -55.56 17.97 -36.14
C22 KT1 KA . -56.26 17.30 -37.16
C20 KT1 KA . -58.36 17.75 -36.02
C17 KT1 KA . -58.33 19.82 -29.45
C19 KT1 KA . -55.95 19.66 -29.79
C16 KT1 KA . -58.17 20.41 -28.20
C11 KT1 KA . -59.60 19.42 -29.87
C10 KT1 KA . -59.78 18.75 -31.24
C12 KT1 KA . -60.69 19.58 -29.03
C13 KT1 KA . -60.54 20.16 -27.79
C14 KT1 KA . -59.28 20.58 -27.37
C02 KT1 KA . -54.07 18.27 -35.90
C04 KT1 KA . -55.26 19.20 -34.11
C05 KT1 KA . -56.26 18.53 -35.07
C06 KT1 KA . -57.67 18.42 -35.01
C08 KT1 KA . -59.77 19.06 -33.74
C09 KT1 KA . -60.13 19.69 -32.39
N03 KT1 KA . -53.94 19.01 -34.67
N07 KT1 KA . -58.33 19.02 -33.86
O01 KT1 KA . -53.18 17.93 -36.60
O15 KT1 KA . -59.13 21.17 -26.10
O18 KT1 KA . -57.24 19.64 -30.32
O24 KT1 KA . -55.50 19.78 -33.08
O2 PG4 LA . -27.50 -2.69 -35.53
C3 PG4 LA . -28.40 -1.61 -35.84
C4 PG4 LA . -29.55 -2.12 -36.71
O3 PG4 LA . -29.07 -2.31 -38.05
C5 PG4 LA . -29.91 -3.07 -38.92
C6 PG4 LA . -29.22 -3.31 -40.28
O4 PG4 LA . -28.02 -4.10 -40.14
C7 PG4 LA . -27.36 -4.40 -41.39
C8 PG4 LA . -25.88 -4.69 -41.20
O5 PG4 LA . -25.68 -5.88 -40.43
C21 KT1 MA . 15.26 -26.63 44.18
C23 KT1 MA . 13.86 -24.67 44.15
C22 KT1 MA . 14.05 -26.01 44.53
C20 KT1 MA . 16.24 -25.92 43.48
C17 KT1 MA . 18.41 -20.74 39.25
C19 KT1 MA . 16.14 -20.14 39.88
C16 KT1 MA . 18.46 -19.69 38.34
C11 KT1 MA . 19.46 -21.63 39.35
C10 KT1 MA . 19.41 -22.76 40.39
C12 KT1 MA . 20.60 -21.49 38.55
C13 KT1 MA . 20.66 -20.45 37.64
C14 KT1 MA . 19.59 -19.56 37.53
C02 KT1 MA . 12.69 -23.68 44.34
C04 KT1 MA . 14.38 -22.55 43.17
C05 KT1 MA . 14.85 -23.98 43.45
C06 KT1 MA . 16.05 -24.60 43.12
C08 KT1 MA . 18.06 -24.45 41.58
C09 KT1 MA . 18.21 -23.68 40.27
N03 KT1 MA . 13.07 -22.42 43.73
N07 KT1 MA . 17.03 -23.82 42.40
O01 KT1 MA . 11.68 -23.94 44.88
O15 KT1 MA . 19.65 -18.50 36.61
O18 KT1 MA . 17.29 -20.92 40.10
O24 KT1 MA . 15.02 -21.70 42.60
CHA HEM NA . -4.19 -21.12 34.55
CHB HEM NA . -5.20 -24.73 37.64
CHC HEM NA . -1.09 -23.67 40.03
CHD HEM NA . -0.18 -20.05 37.01
C1A HEM NA . -4.79 -22.19 35.14
C2A HEM NA . -5.98 -22.87 34.66
C3A HEM NA . -6.26 -23.87 35.51
C4A HEM NA . -5.28 -23.86 36.57
CMA HEM NA . -7.42 -24.90 35.44
CAA HEM NA . -6.73 -22.46 33.36
CBA HEM NA . -6.15 -23.27 32.20
CGA HEM NA . -7.04 -23.08 30.99
O1A HEM NA . -7.89 -23.96 30.66
O2A HEM NA . -6.92 -22.02 30.34
C1B HEM NA . -4.16 -24.73 38.55
C2B HEM NA . -4.04 -25.63 39.67
C3B HEM NA . -2.90 -25.36 40.31
C4B HEM NA . -2.28 -24.24 39.64
CMB HEM NA . -5.07 -26.74 39.98
CAB HEM NA . -2.35 -25.99 41.58
CBB HEM NA . -3.22 -26.43 42.48
C1C HEM NA . -0.46 -22.61 39.44
C2C HEM NA . 0.76 -21.98 39.85
C3C HEM NA . 1.01 -20.97 39.00
C4C HEM NA . -0.07 -20.93 38.05
CMC HEM NA . 1.61 -22.46 41.07
CAC HEM NA . 2.18 -19.97 38.99
CBC HEM NA . 3.06 -20.00 39.97
C1D HEM NA . -1.19 -20.01 36.09
C2D HEM NA . -1.30 -19.04 35.04
C3D HEM NA . -2.41 -19.31 34.35
C4D HEM NA . -3.02 -20.48 34.94
CMD HEM NA . -0.28 -17.89 34.83
CAD HEM NA . -2.95 -18.51 33.13
CBD HEM NA . -4.00 -17.52 33.63
CGD HEM NA . -4.45 -16.64 32.49
O1D HEM NA . -5.51 -16.92 31.91
O2D HEM NA . -3.75 -15.65 32.14
NA HEM NA . -4.39 -22.84 36.30
NB HEM NA . -3.07 -23.89 38.57
NC HEM NA . -0.94 -21.95 38.34
ND HEM NA . -2.24 -20.88 35.99
FE HEM NA . -2.66 -22.36 37.28
C4 PG4 OA . -17.97 -28.61 37.26
O3 PG4 OA . -18.90 -29.17 38.20
C5 PG4 OA . -18.63 -30.55 38.43
C6 PG4 OA . -19.47 -31.01 39.61
O4 PG4 OA . -20.86 -30.96 39.27
C7 PG4 OA . -21.72 -31.58 40.24
C8 PG4 OA . -23.07 -31.84 39.58
O5 PG4 OA . -23.78 -30.60 39.42
O2 PG4 PA . 11.95 -9.23 59.23
C3 PG4 PA . 10.60 -8.93 58.89
C4 PG4 PA . 10.00 -10.02 57.99
O3 PG4 PA . 10.89 -10.32 56.91
C5 PG4 PA . 10.35 -11.25 55.97
C6 PG4 PA . 11.51 -11.89 55.21
O4 PG4 PA . 11.98 -13.01 55.96
C7 PG4 PA . 13.23 -13.54 55.54
C8 PG4 PA . 13.95 -14.21 56.71
C21 KT1 QA . -1.78 34.76 -33.96
C23 KT1 QA . -3.90 34.54 -32.83
C22 KT1 QA . -2.58 34.99 -32.84
C20 KT1 QA . -2.32 34.11 -35.07
C17 KT1 QA . -7.80 29.71 -37.27
C19 KT1 QA . -8.38 30.11 -34.94
C16 KT1 QA . -8.98 29.01 -37.52
C11 KT1 QA . -6.76 29.67 -38.21
C10 KT1 QA . -5.47 30.43 -37.93
C12 KT1 QA . -6.90 28.95 -39.38
C13 KT1 QA . -8.07 28.24 -39.64
C14 KT1 QA . -9.11 28.28 -38.70
C02 KT1 QA . -4.96 34.67 -31.72
C04 KT1 QA . -5.91 33.56 -33.55
C05 KT1 QA . -4.45 33.89 -33.94
C06 KT1 QA . -3.63 33.66 -35.08
C08 KT1 QA . -5.41 32.56 -36.57
C09 KT1 QA . -5.58 31.95 -37.97
N03 KT1 QA . -6.15 34.07 -32.22
N07 KT1 QA . -4.04 32.97 -36.31
O01 KT1 QA . -4.81 35.19 -30.66
O15 KT1 QA . -10.32 27.59 -38.95
O18 KT1 QA . -7.63 30.46 -36.08
O24 KT1 QA . -6.77 33.00 -34.17
C4 PG4 RA . -0.36 27.54 -0.57
O3 PG4 RA . 0.43 28.51 0.11
C5 PG4 RA . 1.77 28.63 -0.38
C6 PG4 RA . 2.52 29.68 0.42
O4 PG4 RA . 2.66 29.30 1.80
C7 PG4 RA . 3.06 30.40 2.65
C8 PG4 RA . 3.57 29.87 3.99
O5 PG4 RA . 2.47 29.67 4.90
C21 KT1 SA . -6.69 -29.24 55.21
C23 KT1 SA . -6.66 -30.26 53.02
C22 KT1 SA . -6.00 -29.56 54.03
C20 KT1 SA . -8.04 -29.61 55.36
C17 KT1 SA . -14.24 -31.73 52.20
C19 KT1 SA . -12.48 -30.96 50.67
C16 KT1 SA . -15.38 -32.31 51.65
C11 KT1 SA . -14.33 -31.01 53.40
C10 KT1 SA . -13.09 -30.35 54.03
C12 KT1 SA . -15.57 -30.86 54.02
C13 KT1 SA . -16.72 -31.43 53.46
C14 KT1 SA . -16.61 -32.16 52.28
C02 KT1 SA . -6.22 -30.73 51.62
C04 KT1 SA . -8.47 -31.34 51.90
C05 KT1 SA . -7.99 -30.61 53.17
C06 KT1 SA . -8.69 -30.28 54.35
C08 KT1 SA . -11.01 -30.49 55.48
C09 KT1 SA . -12.35 -31.15 55.09
N03 KT1 SA . -7.34 -31.40 51.01
N07 KT1 SA . -10.08 -30.70 54.39
O01 KT1 SA . -5.14 -30.62 51.16
O15 KT1 SA . -17.76 -32.73 51.73
O18 KT1 SA . -12.99 -31.92 51.55
O24 KT1 SA . -9.57 -31.79 51.68
O1 PG4 TA . 23.90 -37.25 17.83
C1 PG4 TA . 24.59 -36.75 16.68
C2 PG4 TA . 24.70 -37.87 15.65
O2 PG4 TA . 23.40 -38.37 15.34
C3 PG4 TA . 23.43 -39.38 14.33
C4 PG4 TA . 22.02 -39.70 13.86
O3 PG4 TA . 21.27 -40.20 14.95
C5 PG4 TA . 20.09 -40.85 14.51
C6 PG4 TA . 19.48 -41.57 15.70
O4 PG4 TA . 18.90 -40.61 16.56
C7 PG4 TA . 18.60 -41.17 17.85
C8 PG4 TA . 17.61 -40.26 18.57
O5 PG4 TA . 18.35 -39.37 19.40
O1 PG4 UA . 15.80 -10.85 24.19
C1 PG4 UA . 15.53 -11.28 25.54
C2 PG4 UA . 14.86 -10.16 26.34
O2 PG4 UA . 14.29 -10.75 27.52
C3 PG4 UA . 14.41 -9.94 28.67
C4 PG4 UA . 14.29 -10.89 29.86
O3 PG4 UA . 13.06 -11.57 29.71
C5 PG4 UA . 11.98 -11.01 30.46
C6 PG4 UA . 11.23 -12.14 31.15
O4 PG4 UA . 9.86 -12.11 30.74
C7 PG4 UA . 9.71 -12.68 29.45
C8 PG4 UA . 8.25 -12.89 29.08
O5 PG4 UA . 8.18 -12.77 27.66
C21 KT1 VA . 18.94 28.94 26.32
C23 KT1 VA . 17.89 26.94 27.20
C22 KT1 VA . 18.94 27.55 26.50
C20 KT1 VA . 17.88 29.70 26.87
C17 KT1 VA . 11.26 30.07 29.34
C19 KT1 VA . 11.46 27.77 28.68
C16 KT1 VA . 10.06 30.02 30.02
C11 KT1 VA . 11.72 31.28 28.80
C10 KT1 VA . 13.06 31.31 28.06
C12 KT1 VA . 10.95 32.43 28.94
C13 KT1 VA . 9.74 32.38 29.61
C14 KT1 VA . 9.28 31.18 30.16
C02 KT1 VA . 17.60 25.47 27.55
C04 KT1 VA . 15.87 26.78 28.45
C05 KT1 VA . 16.87 27.71 27.73
C06 KT1 VA . 16.86 29.10 27.57
C08 KT1 VA . 15.58 31.23 28.16
C09 KT1 VA . 14.29 31.54 28.93
N03 KT1 VA . 16.38 25.44 28.30
N07 KT1 VA . 15.73 29.79 28.16
O01 KT1 VA . 18.24 24.52 27.27
O15 KT1 VA . 8.06 31.12 30.84
O18 KT1 VA . 12.07 28.93 29.19
O24 KT1 VA . 14.85 27.11 29.01
C2 PG4 WA . 21.48 -5.01 3.84
O2 PG4 WA . 21.86 -3.91 4.67
C3 PG4 WA . 22.17 -2.71 3.96
C4 PG4 WA . 22.55 -1.62 4.98
O3 PG4 WA . 21.34 -0.94 5.37
C5 PG4 WA . 21.56 0.29 6.08
C6 PG4 WA . 20.23 1.02 6.32
O4 PG4 WA . 19.28 0.11 6.91
C7 PG4 WA . 18.13 0.77 7.44
C8 PG4 WA . 17.18 -0.26 8.02
O5 PG4 WA . 17.07 -1.36 7.10
C21 KT1 XA . -25.65 -44.79 -41.86
C23 KT1 XA . -26.73 -42.63 -41.58
C22 KT1 XA . -25.66 -43.41 -42.08
C20 KT1 XA . -26.69 -45.41 -41.14
C17 KT1 XA . -31.98 -44.77 -36.64
C19 KT1 XA . -31.73 -42.40 -37.08
C16 KT1 XA . -33.11 -44.53 -35.87
C11 KT1 XA . -31.49 -46.06 -36.78
C10 KT1 XA . -30.22 -46.29 -37.61
C12 KT1 XA . -32.12 -47.12 -36.14
C13 KT1 XA . -33.25 -46.90 -35.36
C14 KT1 XA . -33.75 -45.60 -35.23
C02 KT1 XA . -27.02 -41.11 -41.65
C04 KT1 XA . -28.75 -42.16 -40.44
C05 KT1 XA . -27.74 -43.24 -40.86
C06 KT1 XA . -27.72 -44.64 -40.65
C08 KT1 XA . -29.07 -46.65 -39.80
C09 KT1 XA . -30.41 -46.78 -39.05
N03 KT1 XA . -28.26 -40.90 -40.94
N07 KT1 XA . -28.81 -45.21 -39.90
O01 KT1 XA . -26.36 -40.27 -42.17
O15 KT1 XA . -34.88 -45.36 -34.47
O18 KT1 XA . -31.30 -43.72 -37.30
O24 KT1 XA . -29.76 -42.31 -39.81
CHA HEM YA . -19.94 -26.21 -30.73
CHB HEM YA . -16.55 -26.84 -34.15
CHC HEM YA . -19.58 -29.66 -36.68
CHD HEM YA . -23.05 -28.82 -33.37
C1A HEM YA . -18.74 -26.19 -31.41
C2A HEM YA . -17.50 -25.63 -30.92
C3A HEM YA . -16.57 -25.81 -31.85
C4A HEM YA . -17.19 -26.48 -32.97
CMA HEM YA . -15.10 -25.36 -31.76
CAA HEM YA . -17.29 -24.95 -29.56
CBA HEM YA . -17.01 -26.00 -28.50
CGA HEM YA . -16.54 -25.30 -27.25
O1A HEM YA . -15.40 -24.75 -27.24
O2A HEM YA . -17.33 -25.29 -26.29
C1B HEM YA . -17.09 -27.62 -35.14
C2B HEM YA . -16.45 -27.92 -36.40
C3B HEM YA . -17.27 -28.70 -37.10
C4B HEM YA . -18.47 -28.91 -36.31
CMB HEM YA . -15.04 -27.40 -36.79
CAB HEM YA . -17.07 -29.30 -38.52
CBB HEM YA . -16.09 -28.86 -39.33
C1C HEM YA . -20.80 -29.65 -36.04
C2C HEM YA . -22.03 -30.24 -36.51
C3C HEM YA . -23.00 -29.99 -35.61
C4C HEM YA . -22.39 -29.25 -34.51
CMC HEM YA . -22.14 -30.99 -37.87
CAC HEM YA . -24.48 -30.41 -35.60
CBC HEM YA . -24.93 -31.47 -36.28
C1D HEM YA . -22.53 -28.03 -32.37
C2D HEM YA . -23.22 -27.56 -31.18
C3D HEM YA . -22.35 -26.83 -30.45
C4D HEM YA . -21.08 -26.84 -31.15
CMD HEM YA . -24.69 -27.84 -30.84
CAD HEM YA . -22.60 -26.13 -29.11
CBD HEM YA . -22.98 -24.66 -29.29
CGD HEM YA . -23.16 -24.07 -27.90
O1D HEM YA . -22.16 -23.60 -27.31
O2D HEM YA . -24.31 -24.10 -27.39
NA HEM YA . -18.51 -26.69 -32.67
NB HEM YA . -18.32 -28.24 -35.12
NC HEM YA . -21.06 -29.06 -34.81
ND HEM YA . -21.23 -27.58 -32.30
FE HEM YA . -19.79 -27.86 -33.71
#